data_8JHK
#
_entry.id   8JHK
#
_cell.length_a   1.00
_cell.length_b   1.00
_cell.length_c   1.00
_cell.angle_alpha   90.00
_cell.angle_beta   90.00
_cell.angle_gamma   90.00
#
_symmetry.space_group_name_H-M   'P 1'
#
loop_
_entity.id
_entity.type
_entity.pdbx_description
1 polymer 'Engulfment and cell motility protein 1'
2 polymer 'Dedicator of cytokinesis protein 5'
#
loop_
_entity_poly.entity_id
_entity_poly.type
_entity_poly.pdbx_seq_one_letter_code
_entity_poly.pdbx_strand_id
1 'polypeptide(L)'
;GGSGGSMPPPADIVKVAIEWPGAYPKLMEIDQKKPLSAIIKEVCDGWSLANHEYFALQHADSSNFYITEKNRNEIKNGTI
LRLTTSPAQNAQQLHERIQSSSMDAKLEALKDLASLSRDVTFAQEFINLDGISLLTQMVESGTERYQKLQKIMKPCFGDM
LSFTLTAFVELMDHGIVSWDTFSVAFIKKIASFVNKSAIDISILQRSLAILESMVLNSHDLYQKVAQEITIGQLIPHLQG
SDQEIQTYTIAVINALFLKAPDERRQEMANILAQKQLRSIILTHVIRAQRAINNEMAHQLYVLQVLTFNLLEDRMMTKMD
PQDQAQRDIIFELRRIAFDAESEPNNSSGSMEKRKSMYTRDYKKLGFINHVNPAMDFTQTPPGMLALDNMLYFAKHHQDA
YIRIVLENSSREDKHECPFGRSSIELTKMLCEILKVGELPSETCNDFHPMFFTHDRSFEEFFCICIQLLNKTWKEMRATS
EDFNKVMQVVKEQVMRALTTKPSSLDQFKSKLQNLSYTEILKIRQSERMNQEDFQSRPILELKEKIQPEILELIKQQRLN
RLVEGTCFRKLNARRRQDKFWYCRLSPNHKVLHYGDLEESPQGEVPHDSLQDKLPVADIKAVVTGKDCPHMKEKGALKQN
KEVLELAFSILYDSNCQLNFIAPDKHEYCIWTDGLNALLGKDMMSDLTRNDLDTLLSMEIKLRLLDLENIQIPDAPPPIP
KEPSNYDFVYDCN
;
A
2 'polypeptide(L)'
;GGSGGSMARWIPTKRQKYGVAIYNYNASQDVELSLQIGDTVHILEMYEGWYRGYTLQNKSKKGIFPETYIHLKEATVEDL
GQHETVIPGELPLVQELTSTLREWAVIWRKLYVNNKLTLFRQLQQMTYSLIEWRSQILSGTLPKDELAELKKKVTAKIDH
GNRMLGLDLVVRDDNGNILDPDETSTIALFKAHEVASKRIEEKIQEEKSILQNLDLRGQSIFSTIHTYGLYVNFKNFVCN
IGEDAELFMALYDPDQSTFISENYLIRWGSNGMPKEIEKLNNLQAVFTDLSSMDLIRPRVSLVCQIVRVGHMELKEGKKH
TCGLRRPFGVAVMDITDIIHGKVDDEEKQHFIPFQQIAMETYIRQRQLIMSPLITSHVIGENEPLTSVLNKVIAAKEVNH
KGQGLWVSLKLLPGDLTQVQKNFSHLVDRSTAIARKMGFPEIILPGDVRNDIYVTLIHGEFDKGKKKTPKNVEVTMSVHD
EEGKLLEKAIHPGAGYEGISEYKSVVYYQVKQPCWYETVKVSIAIEEVTRCHIRFTFRHRSSQETRDKSERAFGVAFVKL
MNPDGTTLQDGRHDLVVYKGDNKKMEDAKFYLTLPGTKMEMEEKELQASKNLVTFTPSKDSTKDSFQIATLICSTKLTQN
VDLLGLLNWRSNSQNIKHNLKKLMEVDGGEIVKFLQDTLDALFNIMMEMSDSETYDFLVFDALVFIISLIGDIKFQHFNP
VLETYIYKHFSATLAYVKLSKVLNFYVANADDSSKTELLFAALKALKYLFRFIIQSRVLYLRFYGQSKDGDEFNNSIRQL
FLAFNMLMDRPLEEAVKIKGAALKYLPSIINDVKLVFDPVELSVLFCKFIQSIPDNQLVRQKLNCMTKIVESTLFRQSEC
REVLLPLLTDQLSGQLDDNSNKPDHEASSQLLSNILEVLDRKDVGATAVHIQLIMERLLRRINRTVIGMNRQSPHIGSFV
ACMIALLQQMDDSHYSHYISTFKTRQDIIDFLMETFIMFKDLIGKNVYAKDWMVMNMTQNRVFLRAINQFAEVLTRFFMD
QASFELQLWNNYFHLAVAFLTHESLQLETFSQAKRNKIVKKYGDMRKEIGFRIRDMWYNLGPHKIKFIPSMVGPILEVTL
TPEVELRKATIPIFFDMMQCEFNFSGNGNFHMFENELITKLDQEVEGGRGDEQYKVLLEKLLLEHCRKHKYLSSSGEVFA
LLVSSLLENLLDYRTIIMQDESKENRMSCTVNVLNFYKEKKREDIYIRYLYKLRDLHRDCENYTEAAYTLLLHAELLQWS
DKPCVPHLLQRDSYYVYTQQELKEKLYQEIISYFDKGKMWEKAIKLSKELAETYESKVFDYEGLGNLLKKRASFYENIIK
AMRPQPEYFAVGYYGQGFPSFLRNKIFIYRGKEYERREDFSLRLLTQFPNAEKMTSTTPPGEDIKSSPKQYMQCFTVKPV
MSLPPSYKDKPVPEQILNYYRANEVQQFRYSRPFRKGEKDPDNEFATMWIERTTYTTAYTFPGILKWFEVKQISTEEISP
LENAIETMELTNERISNCVQQHAWDRSLSVHPLSMLLSGIVDPAVMGGFSNYEKAFFTEKYLQEHPEDQEKVELLKRLIA
LQMPLLTEGIRIHGEKLTEQLKPLHERLSSCFRELKEKVEKHYGVITL
;
B,E
#
# COMPACT_ATOMS: atom_id res chain seq x y z
N MET A 7 22.70 -2.57 43.53
CA MET A 7 21.33 -2.52 43.01
C MET A 7 20.29 -3.21 43.90
N PRO A 8 20.51 -4.48 44.30
CA PRO A 8 19.52 -5.15 45.15
C PRO A 8 19.34 -4.53 46.54
N PRO A 9 20.35 -3.94 47.18
CA PRO A 9 20.05 -3.04 48.29
C PRO A 9 19.84 -1.61 47.83
N PRO A 10 18.62 -1.10 47.86
CA PRO A 10 18.43 0.36 47.94
C PRO A 10 18.35 0.76 49.40
N ALA A 11 18.05 2.03 49.68
CA ALA A 11 17.50 2.35 50.98
C ALA A 11 16.23 1.54 51.16
N ASP A 12 16.15 0.77 52.25
CA ASP A 12 14.95 -0.03 52.48
C ASP A 12 13.71 0.85 52.55
N ILE A 13 13.86 2.09 52.97
CA ILE A 13 12.80 3.09 52.86
C ILE A 13 12.90 3.76 51.49
N VAL A 14 11.78 3.84 50.78
CA VAL A 14 11.76 4.25 49.38
C VAL A 14 10.68 5.31 49.17
N LYS A 15 10.98 6.30 48.34
CA LYS A 15 10.15 7.50 48.20
C LYS A 15 8.84 7.25 47.48
N VAL A 16 7.83 6.75 48.18
CA VAL A 16 6.47 6.72 47.67
C VAL A 16 5.62 7.56 48.59
N ALA A 17 5.06 8.64 48.05
CA ALA A 17 4.13 9.43 48.85
C ALA A 17 2.96 8.55 49.24
N ILE A 18 2.61 8.59 50.53
CA ILE A 18 1.54 7.76 51.06
C ILE A 18 0.30 8.62 51.26
N GLU A 19 -0.87 8.03 51.02
CA GLU A 19 -2.13 8.76 50.94
C GLU A 19 -3.11 8.19 51.95
N TRP A 20 -4.03 9.05 52.41
CA TRP A 20 -5.09 8.60 53.30
C TRP A 20 -6.31 9.48 53.06
N PRO A 21 -7.53 8.94 53.10
CA PRO A 21 -8.72 9.75 52.82
C PRO A 21 -8.83 10.99 53.69
N GLY A 22 -9.29 12.08 53.10
CA GLY A 22 -9.45 13.32 53.84
C GLY A 22 -8.13 14.02 54.10
N ALA A 23 -7.26 13.40 54.90
CA ALA A 23 -6.02 14.03 55.31
C ALA A 23 -5.07 14.17 54.13
N TYR A 24 -3.94 14.82 54.40
CA TYR A 24 -2.93 15.03 53.36
C TYR A 24 -2.31 13.71 52.93
N PRO A 25 -1.99 13.56 51.67
CA PRO A 25 -1.06 12.50 51.27
C PRO A 25 0.33 12.80 51.82
N LYS A 26 0.83 11.95 52.71
CA LYS A 26 2.11 12.20 53.35
C LYS A 26 3.26 11.83 52.41
N LEU A 27 4.41 12.43 52.68
CA LEU A 27 5.61 12.27 51.86
C LEU A 27 6.73 11.72 52.73
N MET A 28 7.14 10.48 52.47
CA MET A 28 8.32 9.92 53.11
C MET A 28 8.70 8.64 52.38
N GLU A 29 9.78 8.03 52.85
CA GLU A 29 10.26 6.75 52.35
C GLU A 29 9.83 5.66 53.31
N ILE A 30 9.57 4.47 52.78
CA ILE A 30 8.88 3.41 53.50
C ILE A 30 9.70 2.14 53.45
N ASP A 31 9.94 1.54 54.63
CA ASP A 31 10.86 0.43 54.75
C ASP A 31 10.42 -0.78 53.94
N GLN A 32 11.35 -1.34 53.17
CA GLN A 32 11.14 -2.64 52.56
C GLN A 32 11.58 -3.79 53.46
N LYS A 33 12.16 -3.48 54.62
CA LYS A 33 12.66 -4.48 55.54
C LYS A 33 11.88 -4.51 56.86
N LYS A 34 10.56 -4.36 56.79
CA LYS A 34 9.77 -4.29 57.99
C LYS A 34 8.32 -4.66 57.65
N PRO A 35 7.74 -5.64 58.32
CA PRO A 35 6.48 -6.24 57.85
C PRO A 35 5.35 -5.23 57.83
N LEU A 36 4.35 -5.54 57.01
CA LEU A 36 3.26 -4.61 56.75
C LEU A 36 2.24 -4.65 57.90
N SER A 37 2.74 -4.57 59.12
CA SER A 37 1.92 -4.24 60.28
C SER A 37 2.55 -3.16 61.14
N ALA A 38 3.87 -3.21 61.33
CA ALA A 38 4.56 -2.12 62.02
C ALA A 38 4.64 -0.89 61.13
N ILE A 39 4.91 -1.09 59.84
CA ILE A 39 4.91 0.03 58.92
C ILE A 39 3.51 0.56 58.70
N ILE A 40 2.48 -0.30 58.71
CA ILE A 40 1.11 0.20 58.67
C ILE A 40 0.79 1.01 59.91
N LYS A 41 1.24 0.54 61.07
CA LYS A 41 1.06 1.29 62.31
C LYS A 41 1.70 2.67 62.21
N GLU A 42 2.92 2.73 61.69
CA GLU A 42 3.60 4.01 61.55
C GLU A 42 2.90 4.90 60.53
N VAL A 43 2.39 4.30 59.45
CA VAL A 43 1.62 5.06 58.47
C VAL A 43 0.43 5.73 59.14
N CYS A 44 -0.34 4.94 59.90
CA CYS A 44 -1.49 5.50 60.62
C CYS A 44 -1.06 6.61 61.55
N ASP A 45 -0.09 6.34 62.42
CA ASP A 45 0.32 7.33 63.41
C ASP A 45 0.95 8.56 62.77
N GLY A 46 1.32 8.46 61.48
CA GLY A 46 1.89 9.62 60.82
C GLY A 46 0.94 10.79 60.73
N TRP A 47 -0.32 10.51 60.37
CA TRP A 47 -1.36 11.54 60.41
C TRP A 47 -1.95 11.68 61.80
N SER A 48 -1.33 11.07 62.80
CA SER A 48 -1.91 10.90 64.13
C SER A 48 -3.20 10.08 64.05
N LEU A 49 -3.06 8.85 63.56
CA LEU A 49 -4.17 7.91 63.42
C LEU A 49 -3.81 6.59 64.09
N ALA A 50 -4.84 5.78 64.35
CA ALA A 50 -4.66 4.49 64.99
C ALA A 50 -5.51 3.47 64.26
N ASN A 51 -5.62 2.28 64.86
CA ASN A 51 -6.41 1.17 64.32
C ASN A 51 -5.84 0.70 62.98
N HIS A 52 -4.51 0.59 62.91
CA HIS A 52 -3.84 0.16 61.69
C HIS A 52 -4.27 -1.25 61.29
N GLU A 53 -4.67 -2.07 62.27
CA GLU A 53 -4.92 -3.48 62.03
C GLU A 53 -6.15 -3.74 61.16
N TYR A 54 -6.99 -2.74 60.89
CA TYR A 54 -8.11 -2.94 59.99
C TYR A 54 -7.93 -2.10 58.73
N PHE A 55 -6.73 -2.10 58.15
CA PHE A 55 -6.47 -1.33 56.95
C PHE A 55 -5.79 -2.23 55.92
N ALA A 56 -5.81 -1.78 54.67
CA ALA A 56 -5.17 -2.52 53.57
C ALA A 56 -4.54 -1.55 52.59
N LEU A 57 -3.31 -1.84 52.18
CA LEU A 57 -2.61 -1.03 51.19
C LEU A 57 -3.08 -1.42 49.80
N GLN A 58 -3.84 -0.53 49.16
CA GLN A 58 -4.31 -0.74 47.80
C GLN A 58 -3.22 -0.38 46.80
N HIS A 59 -3.09 -1.22 45.77
CA HIS A 59 -2.30 -0.83 44.62
C HIS A 59 -3.10 0.24 43.88
N ALA A 60 -2.85 1.51 44.22
CA ALA A 60 -3.82 2.58 44.03
C ALA A 60 -3.96 3.01 42.58
N ASP A 61 -3.42 2.24 41.64
CA ASP A 61 -3.74 2.44 40.24
C ASP A 61 -5.08 1.77 39.98
N SER A 62 -5.41 1.58 38.70
CA SER A 62 -6.64 0.85 38.37
C SER A 62 -6.59 -0.60 38.84
N SER A 63 -5.40 -1.11 39.18
CA SER A 63 -5.28 -2.49 39.66
C SER A 63 -6.07 -2.71 40.94
N ASN A 64 -5.95 -1.78 41.89
CA ASN A 64 -6.65 -1.85 43.18
C ASN A 64 -6.21 -3.05 44.01
N PHE A 65 -5.09 -3.68 43.65
CA PHE A 65 -4.67 -4.88 44.34
C PHE A 65 -4.11 -4.55 45.72
N TYR A 66 -4.04 -5.57 46.57
CA TYR A 66 -3.57 -5.41 47.94
C TYR A 66 -2.20 -6.09 48.02
N ILE A 67 -1.15 -5.29 48.00
CA ILE A 67 0.21 -5.77 47.88
C ILE A 67 0.60 -6.47 49.18
N THR A 68 1.08 -7.70 49.08
CA THR A 68 1.62 -8.37 50.25
C THR A 68 3.13 -8.17 50.31
N GLU A 69 3.75 -8.78 51.33
CA GLU A 69 5.20 -8.69 51.48
C GLU A 69 5.95 -9.43 50.39
N LYS A 70 5.28 -10.26 49.60
CA LYS A 70 5.96 -10.88 48.46
C LYS A 70 6.18 -9.87 47.35
N ASN A 71 5.11 -9.19 46.94
CA ASN A 71 5.18 -8.16 45.91
C ASN A 71 5.37 -6.77 46.49
N ARG A 72 5.64 -6.67 47.80
CA ARG A 72 6.15 -5.42 48.36
C ARG A 72 7.37 -4.94 47.61
N ASN A 73 8.19 -5.88 47.16
CA ASN A 73 9.39 -5.55 46.39
C ASN A 73 9.06 -4.91 45.03
N GLU A 74 7.85 -5.07 44.53
CA GLU A 74 7.51 -4.58 43.21
C GLU A 74 7.19 -3.09 43.18
N ILE A 75 6.87 -2.48 44.33
CA ILE A 75 6.62 -1.05 44.33
C ILE A 75 7.91 -0.30 44.04
N LYS A 76 7.83 0.69 43.16
CA LYS A 76 8.93 1.61 42.91
C LYS A 76 8.60 2.96 43.54
N ASN A 77 9.58 3.85 43.51
CA ASN A 77 9.44 5.15 44.14
C ASN A 77 8.38 6.00 43.46
N GLY A 78 7.74 6.86 44.24
CA GLY A 78 6.88 7.92 43.73
C GLY A 78 5.62 7.51 43.01
N THR A 79 4.78 6.72 43.68
CA THR A 79 3.45 6.41 43.13
C THR A 79 2.38 6.77 44.14
N ILE A 80 1.14 6.36 43.88
CA ILE A 80 0.02 6.63 44.77
C ILE A 80 -0.37 5.32 45.46
N LEU A 81 -0.56 5.38 46.78
CA LEU A 81 -0.87 4.22 47.60
C LEU A 81 -2.00 4.60 48.56
N ARG A 82 -3.24 4.43 48.13
CA ARG A 82 -4.37 4.70 48.99
C ARG A 82 -4.57 3.55 49.97
N LEU A 83 -5.13 3.87 51.14
CA LEU A 83 -5.24 2.93 52.26
C LEU A 83 -6.71 2.77 52.65
N THR A 84 -7.36 1.76 52.10
CA THR A 84 -8.71 1.40 52.52
C THR A 84 -8.64 0.21 53.47
N THR A 85 -9.72 -0.03 54.21
CA THR A 85 -9.68 -0.95 55.33
C THR A 85 -9.25 -2.34 54.89
N SER A 86 -8.93 -3.18 55.88
CA SER A 86 -8.30 -4.45 55.61
C SER A 86 -9.19 -5.30 54.71
N PRO A 87 -8.60 -6.11 53.83
CA PRO A 87 -9.44 -6.86 52.87
C PRO A 87 -10.45 -7.75 53.57
N ALA A 88 -10.11 -8.26 54.75
CA ALA A 88 -11.09 -8.98 55.55
C ALA A 88 -12.24 -8.07 55.94
N GLN A 89 -11.93 -6.85 56.39
CA GLN A 89 -12.98 -5.91 56.77
C GLN A 89 -13.84 -5.55 55.56
N ASN A 90 -13.20 -5.22 54.44
CA ASN A 90 -13.96 -4.92 53.23
C ASN A 90 -14.83 -6.08 52.83
N ALA A 91 -14.31 -7.30 52.90
CA ALA A 91 -15.07 -8.47 52.43
C ALA A 91 -16.26 -8.76 53.33
N GLN A 92 -16.07 -8.71 54.65
CA GLN A 92 -17.19 -8.93 55.54
C GLN A 92 -18.24 -7.85 55.35
N GLN A 93 -17.81 -6.59 55.23
CA GLN A 93 -18.76 -5.52 54.96
C GLN A 93 -19.48 -5.75 53.64
N LEU A 94 -18.75 -6.21 52.62
CA LEU A 94 -19.33 -6.34 51.30
C LEU A 94 -20.40 -7.40 51.28
N HIS A 95 -20.10 -8.60 51.78
CA HIS A 95 -21.14 -9.63 51.80
C HIS A 95 -22.26 -9.24 52.75
N GLU A 96 -21.95 -8.41 53.76
CA GLU A 96 -23.01 -7.89 54.61
C GLU A 96 -23.96 -7.00 53.82
N ARG A 97 -23.42 -6.13 52.97
CA ARG A 97 -24.28 -5.37 52.07
C ARG A 97 -24.92 -6.26 51.01
N ILE A 98 -24.34 -7.44 50.76
CA ILE A 98 -24.98 -8.37 49.84
C ILE A 98 -26.22 -8.99 50.47
N GLN A 99 -26.21 -9.25 51.78
CA GLN A 99 -27.44 -9.71 52.39
C GLN A 99 -28.50 -8.61 52.45
N SER A 100 -28.12 -7.36 52.22
CA SER A 100 -29.04 -6.24 52.38
C SER A 100 -30.20 -6.31 51.41
N SER A 101 -31.43 -6.43 51.94
CA SER A 101 -32.61 -6.50 51.09
C SER A 101 -32.75 -5.29 50.19
N SER A 102 -32.15 -4.15 50.54
CA SER A 102 -32.17 -3.00 49.66
C SER A 102 -31.27 -3.26 48.46
N MET A 103 -31.87 -3.23 47.27
CA MET A 103 -31.13 -3.50 46.04
C MET A 103 -29.98 -2.53 45.83
N ASP A 104 -30.05 -1.33 46.43
CA ASP A 104 -29.02 -0.33 46.21
C ASP A 104 -27.74 -0.67 46.97
N ALA A 105 -27.88 -1.15 48.21
CA ALA A 105 -26.71 -1.57 48.97
C ALA A 105 -26.04 -2.78 48.34
N LYS A 106 -26.84 -3.74 47.88
CA LYS A 106 -26.28 -4.85 47.12
C LYS A 106 -25.63 -4.37 45.84
N LEU A 107 -26.22 -3.36 45.20
CA LEU A 107 -25.67 -2.83 43.96
C LEU A 107 -24.26 -2.25 44.18
N GLU A 108 -24.13 -1.38 45.18
CA GLU A 108 -22.83 -0.78 45.47
C GLU A 108 -21.82 -1.83 45.94
N ALA A 109 -22.22 -2.73 46.84
CA ALA A 109 -21.29 -3.77 47.28
C ALA A 109 -20.87 -4.64 46.11
N LEU A 110 -21.79 -4.91 45.19
CA LEU A 110 -21.51 -5.80 44.07
C LEU A 110 -20.60 -5.12 43.05
N LYS A 111 -20.77 -3.82 42.85
CA LYS A 111 -19.83 -3.08 42.00
C LYS A 111 -18.44 -3.10 42.60
N ASP A 112 -18.34 -2.90 43.91
CA ASP A 112 -17.05 -3.00 44.58
C ASP A 112 -16.46 -4.40 44.42
N LEU A 113 -17.32 -5.41 44.52
CA LEU A 113 -16.89 -6.80 44.37
C LEU A 113 -16.35 -7.06 42.98
N ALA A 114 -17.04 -6.53 41.96
CA ALA A 114 -16.57 -6.69 40.58
C ALA A 114 -15.24 -5.99 40.39
N SER A 115 -15.08 -4.82 40.98
CA SER A 115 -13.80 -4.10 40.88
C SER A 115 -12.69 -4.85 41.58
N LEU A 116 -13.00 -5.54 42.68
CA LEU A 116 -11.97 -6.07 43.56
C LEU A 116 -11.63 -7.53 43.32
N SER A 117 -12.52 -8.31 42.72
CA SER A 117 -12.29 -9.75 42.61
C SER A 117 -11.09 -10.06 41.72
N ARG A 118 -10.68 -9.11 40.87
CA ARG A 118 -9.51 -9.33 40.04
C ARG A 118 -8.28 -9.68 40.86
N ASP A 119 -8.25 -9.24 42.12
CA ASP A 119 -7.16 -9.58 43.02
C ASP A 119 -7.23 -11.06 43.38
N VAL A 120 -6.06 -11.64 43.66
CA VAL A 120 -6.03 -13.02 44.15
C VAL A 120 -6.04 -13.04 45.68
N THR A 121 -5.36 -12.08 46.31
CA THR A 121 -5.39 -12.03 47.76
C THR A 121 -6.82 -11.82 48.26
N PHE A 122 -7.47 -10.76 47.76
CA PHE A 122 -8.87 -10.52 48.10
C PHE A 122 -9.73 -11.73 47.81
N ALA A 123 -9.40 -12.46 46.73
CA ALA A 123 -10.09 -13.71 46.46
C ALA A 123 -9.92 -14.67 47.63
N GLN A 124 -8.71 -14.76 48.18
CA GLN A 124 -8.48 -15.68 49.28
C GLN A 124 -9.27 -15.29 50.52
N GLU A 125 -9.30 -13.99 50.87
CA GLU A 125 -10.11 -13.61 52.02
C GLU A 125 -11.59 -13.85 51.75
N PHE A 126 -12.05 -13.57 50.53
CA PHE A 126 -13.43 -13.88 50.17
C PHE A 126 -13.72 -15.36 50.35
N ILE A 127 -12.75 -16.20 50.01
CA ILE A 127 -12.88 -17.64 50.26
C ILE A 127 -13.02 -17.91 51.75
N ASN A 128 -12.12 -17.36 52.55
CA ASN A 128 -12.07 -17.66 53.96
C ASN A 128 -13.28 -17.13 54.71
N LEU A 129 -13.98 -16.15 54.13
CA LEU A 129 -15.27 -15.75 54.68
C LEU A 129 -16.42 -16.57 54.12
N ASP A 130 -16.14 -17.47 53.17
CA ASP A 130 -17.10 -18.46 52.68
C ASP A 130 -18.31 -17.83 51.98
N GLY A 131 -18.22 -16.55 51.63
CA GLY A 131 -19.29 -15.87 50.95
C GLY A 131 -19.57 -16.36 49.55
N ILE A 132 -18.66 -17.14 48.98
CA ILE A 132 -18.90 -17.77 47.68
C ILE A 132 -20.15 -18.62 47.74
N SER A 133 -20.33 -19.33 48.85
CA SER A 133 -21.56 -20.07 49.06
C SER A 133 -22.76 -19.15 49.01
N LEU A 134 -22.66 -17.98 49.62
CA LEU A 134 -23.77 -17.03 49.60
C LEU A 134 -24.08 -16.61 48.18
N LEU A 135 -23.03 -16.31 47.39
CA LEU A 135 -23.24 -15.96 45.99
C LEU A 135 -23.93 -17.09 45.26
N THR A 136 -23.50 -18.33 45.53
CA THR A 136 -24.12 -19.51 44.94
C THR A 136 -25.62 -19.52 45.21
N GLN A 137 -26.00 -19.57 46.49
CA GLN A 137 -27.42 -19.72 46.79
C GLN A 137 -28.22 -18.50 46.34
N MET A 138 -27.62 -17.30 46.36
CA MET A 138 -28.41 -16.13 46.01
C MET A 138 -28.66 -16.07 44.51
N VAL A 139 -27.65 -16.37 43.68
CA VAL A 139 -27.95 -16.43 42.25
C VAL A 139 -28.95 -17.55 41.98
N GLU A 140 -28.87 -18.65 42.73
CA GLU A 140 -29.72 -19.79 42.39
C GLU A 140 -31.12 -19.68 42.98
N SER A 141 -31.37 -18.71 43.85
CA SER A 141 -32.70 -18.54 44.42
C SER A 141 -33.37 -17.23 44.03
N GLY A 142 -32.64 -16.11 44.04
CA GLY A 142 -33.25 -14.80 43.88
C GLY A 142 -33.91 -14.58 42.53
N THR A 143 -33.50 -15.33 41.51
CA THR A 143 -34.16 -15.27 40.22
C THR A 143 -35.55 -15.90 40.25
N GLU A 144 -35.86 -16.71 41.26
CA GLU A 144 -37.19 -17.27 41.44
C GLU A 144 -37.91 -16.73 42.68
N ARG A 145 -37.21 -16.01 43.55
CA ARG A 145 -37.79 -15.55 44.80
C ARG A 145 -38.40 -14.16 44.70
N TYR A 146 -37.70 -13.22 44.07
CA TYR A 146 -38.14 -11.82 44.01
C TYR A 146 -39.10 -11.57 42.86
N GLN A 147 -39.81 -12.61 42.39
CA GLN A 147 -40.49 -12.56 41.10
C GLN A 147 -41.42 -11.35 40.99
N LYS A 148 -42.09 -11.00 42.08
CA LYS A 148 -43.02 -9.87 42.07
C LYS A 148 -42.31 -8.59 41.68
N LEU A 149 -41.33 -8.16 42.48
CA LEU A 149 -40.52 -7.01 42.10
C LEU A 149 -39.57 -7.33 40.96
N GLN A 150 -39.34 -8.62 40.68
CA GLN A 150 -38.55 -8.97 39.50
C GLN A 150 -39.24 -8.51 38.22
N LYS A 151 -40.57 -8.48 38.21
CA LYS A 151 -41.32 -7.89 37.11
C LYS A 151 -40.70 -6.57 36.65
N ILE A 152 -40.27 -5.75 37.61
CA ILE A 152 -39.65 -4.47 37.30
C ILE A 152 -38.14 -4.60 37.19
N MET A 153 -37.53 -5.37 38.10
CA MET A 153 -36.08 -5.41 38.24
C MET A 153 -35.42 -6.50 37.39
N LYS A 154 -36.09 -6.95 36.33
CA LYS A 154 -35.43 -7.77 35.31
C LYS A 154 -34.14 -7.15 34.79
N PRO A 155 -34.07 -5.85 34.44
CA PRO A 155 -32.76 -5.27 34.07
C PRO A 155 -31.89 -4.97 35.27
N CYS A 156 -32.54 -4.67 36.40
CA CYS A 156 -31.79 -4.50 37.65
C CYS A 156 -31.08 -5.80 38.01
N PHE A 157 -31.81 -6.91 38.01
CA PHE A 157 -31.15 -8.19 38.21
C PHE A 157 -30.25 -8.55 37.05
N GLY A 158 -30.48 -7.98 35.86
CA GLY A 158 -29.53 -8.17 34.78
C GLY A 158 -28.16 -7.64 35.13
N ASP A 159 -28.11 -6.37 35.57
CA ASP A 159 -26.83 -5.81 36.01
C ASP A 159 -26.30 -6.53 37.26
N MET A 160 -27.18 -6.92 38.18
CA MET A 160 -26.70 -7.61 39.37
C MET A 160 -26.09 -8.96 39.03
N LEU A 161 -26.76 -9.75 38.20
CA LEU A 161 -26.19 -11.01 37.72
C LEU A 161 -24.90 -10.76 36.97
N SER A 162 -24.85 -9.71 36.15
CA SER A 162 -23.65 -9.43 35.38
C SER A 162 -22.47 -9.18 36.31
N PHE A 163 -22.62 -8.25 37.26
CA PHE A 163 -21.51 -7.95 38.17
C PHE A 163 -21.18 -9.16 39.04
N THR A 164 -22.21 -9.85 39.52
CA THR A 164 -22.01 -11.03 40.36
C THR A 164 -21.17 -12.06 39.63
N LEU A 165 -21.50 -12.33 38.37
CA LEU A 165 -20.82 -13.40 37.66
C LEU A 165 -19.43 -12.97 37.21
N THR A 166 -19.25 -11.70 36.85
CA THR A 166 -17.90 -11.21 36.57
C THR A 166 -17.00 -11.41 37.78
N ALA A 167 -17.47 -10.96 38.94
CA ALA A 167 -16.70 -11.15 40.17
C ALA A 167 -16.49 -12.64 40.45
N PHE A 168 -17.53 -13.45 40.25
CA PHE A 168 -17.44 -14.87 40.57
C PHE A 168 -16.41 -15.56 39.70
N VAL A 169 -16.40 -15.28 38.41
CA VAL A 169 -15.41 -15.93 37.56
C VAL A 169 -14.01 -15.41 37.89
N GLU A 170 -13.87 -14.12 38.21
CA GLU A 170 -12.56 -13.63 38.62
C GLU A 170 -12.05 -14.37 39.84
N LEU A 171 -12.93 -14.65 40.79
CA LEU A 171 -12.52 -15.43 41.96
C LEU A 171 -12.27 -16.89 41.58
N MET A 172 -13.16 -17.46 40.77
CA MET A 172 -13.20 -18.89 40.48
C MET A 172 -11.97 -19.34 39.71
N ASP A 173 -11.57 -18.56 38.70
CA ASP A 173 -10.56 -19.00 37.74
C ASP A 173 -9.22 -19.31 38.39
N HIS A 174 -8.98 -18.81 39.60
CA HIS A 174 -7.67 -18.98 40.23
C HIS A 174 -7.35 -20.42 40.54
N GLY A 175 -8.33 -21.32 40.48
CA GLY A 175 -8.12 -22.74 40.55
C GLY A 175 -8.04 -23.32 41.94
N ILE A 176 -7.47 -22.57 42.89
CA ILE A 176 -7.35 -23.05 44.27
C ILE A 176 -8.72 -23.35 44.86
N VAL A 177 -9.76 -22.75 44.28
CA VAL A 177 -11.12 -23.06 44.70
C VAL A 177 -11.51 -24.45 44.24
N SER A 178 -12.28 -25.15 45.07
CA SER A 178 -12.78 -26.47 44.72
C SER A 178 -13.83 -26.36 43.61
N TRP A 179 -14.38 -27.50 43.20
CA TRP A 179 -15.11 -27.54 41.95
C TRP A 179 -16.39 -28.38 41.97
N ASP A 180 -16.97 -28.64 43.14
CA ASP A 180 -18.39 -28.94 43.24
C ASP A 180 -19.15 -27.76 43.82
N THR A 181 -18.55 -26.56 43.73
CA THR A 181 -19.12 -25.34 44.28
C THR A 181 -20.31 -24.85 43.48
N PHE A 182 -20.75 -25.61 42.49
CA PHE A 182 -21.99 -25.37 41.78
C PHE A 182 -23.11 -26.11 42.51
N SER A 183 -24.24 -26.23 41.84
CA SER A 183 -25.33 -27.07 42.30
C SER A 183 -26.15 -27.48 41.09
N VAL A 184 -27.18 -28.29 41.33
CA VAL A 184 -28.17 -28.49 40.30
C VAL A 184 -28.91 -27.18 40.01
N ALA A 185 -29.11 -26.35 41.04
CA ALA A 185 -29.66 -25.03 40.81
C ALA A 185 -28.70 -24.13 40.04
N PHE A 186 -27.40 -24.46 40.06
CA PHE A 186 -26.45 -23.74 39.20
C PHE A 186 -26.80 -23.96 37.73
N ILE A 187 -26.97 -25.22 37.33
CA ILE A 187 -27.40 -25.47 35.96
C ILE A 187 -28.82 -24.97 35.75
N LYS A 188 -29.61 -24.85 36.82
CA LYS A 188 -30.96 -24.32 36.65
C LYS A 188 -30.93 -22.86 36.24
N LYS A 189 -30.13 -22.05 36.93
CA LYS A 189 -29.99 -20.65 36.50
C LYS A 189 -29.24 -20.56 35.18
N ILE A 190 -28.38 -21.53 34.88
CA ILE A 190 -27.82 -21.63 33.53
C ILE A 190 -28.93 -21.77 32.51
N ALA A 191 -29.92 -22.63 32.80
CA ALA A 191 -31.05 -22.82 31.90
C ALA A 191 -31.92 -21.58 31.86
N SER A 192 -32.08 -20.88 32.98
CA SER A 192 -32.82 -19.64 32.98
C SER A 192 -32.10 -18.56 32.18
N PHE A 193 -30.83 -18.78 31.88
CA PHE A 193 -30.15 -17.93 30.90
C PHE A 193 -30.36 -18.44 29.48
N VAL A 194 -30.12 -19.73 29.26
CA VAL A 194 -29.88 -20.27 27.92
C VAL A 194 -31.12 -20.88 27.28
N ASN A 195 -32.25 -20.91 27.98
CA ASN A 195 -33.46 -21.52 27.45
C ASN A 195 -34.62 -20.54 27.31
N LYS A 196 -34.56 -19.39 27.96
CA LYS A 196 -35.57 -18.35 27.81
C LYS A 196 -35.12 -17.37 26.72
N SER A 197 -35.76 -16.21 26.66
CA SER A 197 -35.49 -15.24 25.62
C SER A 197 -34.10 -14.63 25.81
N ALA A 198 -33.77 -13.66 24.97
CA ALA A 198 -32.44 -13.06 24.99
C ALA A 198 -32.13 -12.45 26.35
N ILE A 199 -30.92 -12.70 26.84
CA ILE A 199 -30.49 -12.21 28.13
C ILE A 199 -29.37 -11.20 27.92
N ASP A 200 -28.89 -10.63 29.03
CA ASP A 200 -27.73 -9.75 28.97
C ASP A 200 -26.51 -10.52 28.49
N ILE A 201 -25.72 -9.87 27.64
CA ILE A 201 -24.58 -10.53 27.02
C ILE A 201 -23.55 -10.97 28.06
N SER A 202 -23.32 -10.15 29.09
CA SER A 202 -22.22 -10.43 30.01
C SER A 202 -22.56 -11.59 30.95
N ILE A 203 -23.80 -11.64 31.43
CA ILE A 203 -24.24 -12.78 32.22
C ILE A 203 -24.01 -14.06 31.43
N LEU A 204 -24.38 -14.04 30.16
CA LEU A 204 -24.23 -15.20 29.30
C LEU A 204 -22.75 -15.56 29.13
N GLN A 205 -21.91 -14.55 28.93
CA GLN A 205 -20.47 -14.77 28.83
C GLN A 205 -19.96 -15.53 30.04
N ARG A 206 -20.29 -15.03 31.23
CA ARG A 206 -19.74 -15.62 32.45
C ARG A 206 -20.34 -16.99 32.72
N SER A 207 -21.61 -17.20 32.36
CA SER A 207 -22.20 -18.52 32.46
C SER A 207 -21.43 -19.52 31.60
N LEU A 208 -21.15 -19.14 30.35
CA LEU A 208 -20.39 -20.03 29.48
C LEU A 208 -18.99 -20.25 30.01
N ALA A 209 -18.40 -19.23 30.64
CA ALA A 209 -17.07 -19.37 31.23
C ALA A 209 -17.08 -20.41 32.36
N ILE A 210 -18.09 -20.35 33.23
CA ILE A 210 -18.18 -21.37 34.27
C ILE A 210 -18.43 -22.73 33.64
N LEU A 211 -19.20 -22.78 32.55
CA LEU A 211 -19.40 -24.05 31.85
C LEU A 211 -18.06 -24.66 31.45
N GLU A 212 -17.22 -23.88 30.78
CA GLU A 212 -15.96 -24.42 30.31
C GLU A 212 -15.02 -24.75 31.46
N SER A 213 -15.02 -23.95 32.54
CA SER A 213 -14.16 -24.28 33.67
C SER A 213 -14.59 -25.60 34.31
N MET A 214 -15.89 -25.74 34.56
CA MET A 214 -16.45 -27.00 35.00
C MET A 214 -16.03 -28.15 34.09
N VAL A 215 -16.02 -27.91 32.78
CA VAL A 215 -15.52 -28.94 31.88
C VAL A 215 -14.07 -29.26 32.19
N LEU A 216 -13.26 -28.22 32.41
CA LEU A 216 -11.86 -28.44 32.76
C LEU A 216 -11.72 -29.28 34.02
N ASN A 217 -12.71 -29.23 34.91
CA ASN A 217 -12.56 -29.89 36.20
C ASN A 217 -12.70 -31.40 36.09
N SER A 218 -13.87 -31.87 35.66
CA SER A 218 -14.13 -33.31 35.66
C SER A 218 -15.19 -33.63 34.61
N HIS A 219 -15.67 -34.87 34.65
CA HIS A 219 -16.42 -35.50 33.56
C HIS A 219 -17.92 -35.59 33.81
N ASP A 220 -18.32 -36.21 34.92
CA ASP A 220 -19.74 -36.35 35.24
C ASP A 220 -20.41 -34.99 35.37
N LEU A 221 -19.64 -33.95 35.71
CA LEU A 221 -20.13 -32.59 35.63
C LEU A 221 -20.48 -32.22 34.20
N TYR A 222 -19.64 -32.64 33.25
CA TYR A 222 -19.93 -32.39 31.84
C TYR A 222 -21.16 -33.17 31.40
N GLN A 223 -21.36 -34.37 31.94
CA GLN A 223 -22.61 -35.07 31.67
C GLN A 223 -23.80 -34.28 32.20
N LYS A 224 -23.65 -33.74 33.42
CA LYS A 224 -24.66 -32.89 34.03
C LYS A 224 -25.05 -31.75 33.10
N VAL A 225 -24.06 -31.01 32.59
CA VAL A 225 -24.40 -29.92 31.69
C VAL A 225 -24.96 -30.47 30.39
N ALA A 226 -24.55 -31.68 30.01
CA ALA A 226 -25.04 -32.29 28.77
C ALA A 226 -26.55 -32.50 28.82
N GLN A 227 -27.08 -32.85 29.99
CA GLN A 227 -28.54 -32.95 30.04
C GLN A 227 -29.24 -31.63 29.81
N GLU A 228 -28.53 -30.50 29.88
CA GLU A 228 -29.06 -29.21 29.47
C GLU A 228 -28.30 -28.64 28.29
N ILE A 229 -28.01 -29.47 27.29
CA ILE A 229 -27.37 -29.05 26.05
C ILE A 229 -28.29 -29.37 24.89
N THR A 230 -28.73 -28.34 24.18
CA THR A 230 -29.40 -28.49 22.90
C THR A 230 -28.60 -27.74 21.85
N ILE A 231 -28.47 -28.36 20.68
CA ILE A 231 -27.68 -27.76 19.61
C ILE A 231 -28.27 -26.42 19.19
N GLY A 232 -29.59 -26.32 19.09
CA GLY A 232 -30.24 -25.12 18.59
C GLY A 232 -30.39 -24.02 19.61
N GLN A 233 -29.75 -24.13 20.77
CA GLN A 233 -29.64 -22.97 21.65
C GLN A 233 -28.28 -22.30 21.53
N LEU A 234 -27.23 -23.09 21.26
CA LEU A 234 -25.88 -22.54 21.24
C LEU A 234 -25.56 -21.86 19.93
N ILE A 235 -26.28 -22.20 18.87
CA ILE A 235 -26.11 -21.58 17.55
C ILE A 235 -26.79 -20.21 17.52
N PRO A 236 -27.95 -20.02 18.17
CA PRO A 236 -28.45 -18.65 18.34
C PRO A 236 -27.44 -17.73 18.97
N HIS A 237 -26.44 -18.31 19.64
CA HIS A 237 -25.30 -17.54 20.09
C HIS A 237 -24.26 -17.36 18.99
N LEU A 238 -24.34 -18.11 17.90
CA LEU A 238 -23.63 -17.72 16.69
C LEU A 238 -24.34 -16.58 15.99
N GLN A 239 -25.68 -16.59 16.03
CA GLN A 239 -26.45 -15.46 15.52
C GLN A 239 -26.06 -14.18 16.24
N GLY A 240 -25.64 -14.27 17.49
CA GLY A 240 -24.88 -13.21 18.10
C GLY A 240 -23.61 -13.05 17.30
N SER A 241 -23.52 -11.98 16.51
CA SER A 241 -22.42 -11.81 15.57
C SER A 241 -21.15 -11.32 16.22
N ASP A 242 -21.21 -10.87 17.48
CA ASP A 242 -19.99 -10.56 18.21
C ASP A 242 -19.04 -11.75 18.17
N GLN A 243 -17.87 -11.54 17.58
CA GLN A 243 -16.87 -12.59 17.50
C GLN A 243 -16.45 -13.07 18.89
N GLU A 244 -16.56 -12.22 19.90
CA GLU A 244 -16.23 -12.64 21.27
C GLU A 244 -17.19 -13.72 21.77
N ILE A 245 -18.49 -13.49 21.61
CA ILE A 245 -19.44 -14.44 22.14
C ILE A 245 -19.35 -15.75 21.37
N GLN A 246 -19.02 -15.65 20.10
CA GLN A 246 -18.80 -16.86 19.31
C GLN A 246 -17.54 -17.58 19.75
N THR A 247 -16.49 -16.85 20.14
CA THR A 247 -15.33 -17.50 20.74
C THR A 247 -15.75 -18.32 21.94
N TYR A 248 -16.51 -17.69 22.84
CA TYR A 248 -16.95 -18.36 24.05
C TYR A 248 -17.71 -19.64 23.71
N THR A 249 -18.70 -19.53 22.83
CA THR A 249 -19.57 -20.66 22.51
C THR A 249 -18.82 -21.78 21.79
N ILE A 250 -17.95 -21.43 20.85
CA ILE A 250 -17.19 -22.44 20.14
C ILE A 250 -16.23 -23.17 21.08
N ALA A 251 -15.60 -22.43 22.00
CA ALA A 251 -14.70 -23.09 22.93
C ALA A 251 -15.47 -23.98 23.90
N VAL A 252 -16.70 -23.58 24.24
CA VAL A 252 -17.57 -24.47 24.99
C VAL A 252 -17.86 -25.74 24.20
N ILE A 253 -18.10 -25.60 22.89
CA ILE A 253 -18.32 -26.77 22.05
C ILE A 253 -17.08 -27.66 22.07
N ASN A 254 -15.91 -27.06 21.91
CA ASN A 254 -14.66 -27.79 22.02
C ASN A 254 -14.61 -28.54 23.33
N ALA A 255 -15.03 -27.88 24.41
CA ALA A 255 -15.08 -28.50 25.72
C ALA A 255 -15.99 -29.71 25.73
N LEU A 256 -17.16 -29.59 25.10
CA LEU A 256 -18.03 -30.75 24.93
C LEU A 256 -17.31 -31.86 24.21
N PHE A 257 -16.40 -31.49 23.32
CA PHE A 257 -15.61 -32.48 22.60
C PHE A 257 -14.38 -32.94 23.36
N LEU A 258 -14.05 -32.33 24.50
CA LEU A 258 -12.78 -32.64 25.15
C LEU A 258 -12.85 -33.96 25.91
N LYS A 259 -13.92 -34.18 26.66
CA LYS A 259 -13.96 -35.27 27.62
C LYS A 259 -15.29 -36.03 27.51
N ALA A 260 -15.65 -36.39 26.29
CA ALA A 260 -16.80 -37.21 25.98
C ALA A 260 -16.32 -38.52 25.38
N PRO A 261 -17.04 -39.62 25.62
CA PRO A 261 -16.74 -40.86 24.88
C PRO A 261 -16.86 -40.63 23.38
N ASP A 262 -15.94 -41.25 22.62
CA ASP A 262 -15.79 -40.89 21.22
C ASP A 262 -17.01 -41.30 20.40
N GLU A 263 -17.69 -42.39 20.77
CA GLU A 263 -18.92 -42.73 20.06
C GLU A 263 -19.96 -41.64 20.24
N ARG A 264 -20.06 -41.08 21.43
CA ARG A 264 -20.94 -39.94 21.60
C ARG A 264 -20.36 -38.68 20.97
N ARG A 265 -19.05 -38.64 20.73
CA ARG A 265 -18.51 -37.62 19.84
C ARG A 265 -19.12 -37.75 18.45
N GLN A 266 -19.21 -38.97 17.91
CA GLN A 266 -19.85 -39.11 16.60
C GLN A 266 -21.34 -38.81 16.66
N GLU A 267 -22.00 -39.19 17.75
CA GLU A 267 -23.41 -38.86 17.89
C GLU A 267 -23.62 -37.34 17.82
N MET A 268 -22.87 -36.59 18.62
CA MET A 268 -23.01 -35.14 18.60
C MET A 268 -22.45 -34.51 17.33
N ALA A 269 -21.48 -35.16 16.67
CA ALA A 269 -21.04 -34.71 15.35
C ALA A 269 -22.17 -34.83 14.35
N ASN A 270 -22.94 -35.91 14.42
CA ASN A 270 -24.11 -36.06 13.57
C ASN A 270 -25.15 -35.01 13.90
N ILE A 271 -25.27 -34.65 15.18
CA ILE A 271 -26.16 -33.56 15.55
C ILE A 271 -25.70 -32.26 14.88
N LEU A 272 -24.40 -31.98 14.95
CA LEU A 272 -23.88 -30.77 14.30
C LEU A 272 -24.14 -30.81 12.80
N ALA A 273 -23.88 -31.95 12.17
CA ALA A 273 -24.08 -32.07 10.73
C ALA A 273 -25.54 -31.95 10.35
N GLN A 274 -26.45 -32.45 11.19
CA GLN A 274 -27.87 -32.31 10.90
C GLN A 274 -28.31 -30.88 11.08
N LYS A 275 -27.63 -30.12 11.93
CA LYS A 275 -27.72 -28.67 11.90
C LYS A 275 -26.73 -28.05 10.93
N GLN A 276 -25.81 -28.86 10.40
CA GLN A 276 -24.71 -28.41 9.57
C GLN A 276 -24.05 -27.17 10.16
N LEU A 277 -23.48 -27.37 11.35
CA LEU A 277 -22.74 -26.30 12.00
C LEU A 277 -21.63 -25.79 11.11
N ARG A 278 -21.01 -26.66 10.32
CA ARG A 278 -20.01 -26.20 9.38
C ARG A 278 -20.52 -25.02 8.56
N SER A 279 -21.65 -25.20 7.88
CA SER A 279 -22.13 -24.18 6.97
C SER A 279 -22.68 -22.97 7.71
N ILE A 280 -23.31 -23.16 8.86
CA ILE A 280 -23.89 -22.03 9.58
C ILE A 280 -22.77 -21.15 10.17
N ILE A 281 -21.76 -21.79 10.75
CA ILE A 281 -20.55 -21.08 11.14
C ILE A 281 -19.94 -20.39 9.93
N LEU A 282 -19.94 -21.09 8.79
CA LEU A 282 -19.39 -20.53 7.57
C LEU A 282 -20.05 -19.22 7.20
N THR A 283 -21.38 -19.20 7.22
CA THR A 283 -22.09 -18.01 6.79
C THR A 283 -21.99 -16.89 7.82
N HIS A 284 -21.86 -17.23 9.10
CA HIS A 284 -21.86 -16.14 10.08
C HIS A 284 -20.46 -15.58 10.36
N VAL A 285 -19.56 -16.42 10.88
CA VAL A 285 -18.28 -15.90 11.36
C VAL A 285 -17.18 -16.13 10.33
N ILE A 286 -17.29 -17.20 9.54
CA ILE A 286 -16.38 -17.34 8.41
C ILE A 286 -16.68 -16.29 7.35
N ARG A 287 -17.72 -15.49 7.56
CA ARG A 287 -17.94 -14.26 6.81
C ARG A 287 -17.84 -13.03 7.70
N ALA A 288 -17.22 -13.13 8.87
CA ALA A 288 -17.02 -11.99 9.76
C ALA A 288 -15.76 -11.26 9.33
N GLN A 289 -15.88 -9.95 9.08
CA GLN A 289 -14.77 -9.12 8.63
C GLN A 289 -14.39 -8.05 9.65
N ARG A 290 -14.79 -8.22 10.91
CA ARG A 290 -14.26 -7.42 12.01
C ARG A 290 -12.95 -8.02 12.48
N ALA A 291 -12.48 -7.61 13.65
CA ALA A 291 -11.24 -8.16 14.18
C ALA A 291 -11.46 -9.62 14.52
N ILE A 292 -11.17 -10.50 13.55
CA ILE A 292 -11.34 -11.93 13.74
C ILE A 292 -10.37 -12.38 14.82
N ASN A 293 -10.90 -12.98 15.88
CA ASN A 293 -10.12 -13.22 17.08
C ASN A 293 -8.92 -14.11 16.82
N ASN A 294 -7.84 -13.83 17.53
CA ASN A 294 -6.79 -14.83 17.66
C ASN A 294 -7.36 -16.06 18.34
N GLU A 295 -8.42 -15.88 19.14
CA GLU A 295 -9.14 -17.02 19.67
C GLU A 295 -9.97 -17.71 18.59
N MET A 296 -10.55 -16.97 17.64
CA MET A 296 -10.98 -17.58 16.38
C MET A 296 -9.87 -18.35 15.69
N ALA A 297 -8.64 -17.84 15.68
CA ALA A 297 -7.57 -18.66 15.13
C ALA A 297 -7.50 -20.00 15.86
N HIS A 298 -7.49 -19.94 17.19
CA HIS A 298 -7.49 -21.15 17.99
C HIS A 298 -8.71 -22.01 17.73
N GLN A 299 -9.88 -21.39 17.58
CA GLN A 299 -11.12 -22.13 17.44
C GLN A 299 -11.18 -22.83 16.10
N LEU A 300 -10.84 -22.13 15.03
CA LEU A 300 -10.81 -22.76 13.72
C LEU A 300 -9.84 -23.93 13.72
N TYR A 301 -8.64 -23.75 14.29
CA TYR A 301 -7.71 -24.86 14.39
C TYR A 301 -8.30 -26.03 15.18
N VAL A 302 -8.86 -25.74 16.36
CA VAL A 302 -9.30 -26.81 17.24
C VAL A 302 -10.56 -27.48 16.71
N LEU A 303 -11.40 -26.75 15.97
CA LEU A 303 -12.58 -27.37 15.36
C LEU A 303 -12.17 -28.28 14.22
N GLN A 304 -11.20 -27.83 13.41
CA GLN A 304 -10.58 -28.73 12.46
C GLN A 304 -10.09 -29.99 13.16
N VAL A 305 -9.46 -29.81 14.33
CA VAL A 305 -8.98 -30.96 15.09
C VAL A 305 -10.13 -31.81 15.60
N LEU A 306 -11.25 -31.18 15.97
CA LEU A 306 -12.41 -31.97 16.39
C LEU A 306 -12.87 -32.87 15.27
N THR A 307 -13.09 -32.31 14.09
CA THR A 307 -13.41 -33.11 12.92
C THR A 307 -12.35 -34.17 12.70
N PHE A 308 -11.08 -33.78 12.81
CA PHE A 308 -9.98 -34.66 12.51
C PHE A 308 -9.98 -35.86 13.44
N ASN A 309 -10.16 -35.64 14.73
CA ASN A 309 -10.19 -36.71 15.71
C ASN A 309 -11.48 -37.53 15.62
N LEU A 310 -12.59 -36.89 15.24
CA LEU A 310 -13.78 -37.63 14.92
C LEU A 310 -13.57 -38.57 13.75
N LEU A 311 -12.57 -38.28 12.92
CA LEU A 311 -12.12 -39.25 11.93
C LEU A 311 -11.05 -40.18 12.48
N GLU A 312 -10.22 -39.67 13.39
CA GLU A 312 -9.09 -40.43 13.92
C GLU A 312 -9.56 -41.64 14.70
N ASP A 313 -10.46 -41.42 15.64
CA ASP A 313 -10.93 -42.50 16.50
C ASP A 313 -11.53 -43.64 15.69
N ARG A 314 -12.00 -43.36 14.49
CA ARG A 314 -12.49 -44.41 13.61
C ARG A 314 -11.44 -44.89 12.61
N MET A 315 -10.33 -44.16 12.46
CA MET A 315 -9.32 -44.60 11.49
C MET A 315 -8.15 -45.35 12.10
N MET A 316 -7.68 -45.00 13.31
CA MET A 316 -6.53 -45.70 13.87
C MET A 316 -6.73 -47.20 13.93
N THR A 317 -7.94 -47.66 14.21
CA THR A 317 -8.18 -49.10 14.32
C THR A 317 -7.95 -49.76 12.97
N LYS A 318 -7.74 -51.07 13.00
CA LYS A 318 -7.29 -51.78 11.81
C LYS A 318 -8.47 -52.43 11.11
N MET A 319 -8.59 -52.18 9.80
CA MET A 319 -9.51 -52.95 8.98
C MET A 319 -8.90 -54.32 8.73
N ASP A 320 -9.50 -55.34 9.32
CA ASP A 320 -8.91 -56.68 9.30
C ASP A 320 -8.82 -57.16 7.85
N PRO A 321 -7.65 -57.65 7.42
CA PRO A 321 -7.57 -58.30 6.10
C PRO A 321 -8.25 -59.65 6.03
N GLN A 322 -8.99 -60.05 7.07
CA GLN A 322 -9.86 -61.21 7.05
C GLN A 322 -11.32 -60.79 7.07
N ASP A 323 -11.61 -59.52 6.83
CA ASP A 323 -12.99 -59.01 6.85
C ASP A 323 -13.68 -59.41 5.56
N GLN A 324 -14.43 -60.51 5.60
CA GLN A 324 -15.26 -60.90 4.46
C GLN A 324 -16.28 -59.82 4.15
N ALA A 325 -16.76 -59.12 5.18
CA ALA A 325 -17.59 -57.93 4.96
C ALA A 325 -16.83 -56.91 4.13
N GLN A 326 -15.61 -56.59 4.52
CA GLN A 326 -14.80 -55.69 3.72
C GLN A 326 -14.42 -56.31 2.37
N ARG A 327 -14.38 -57.64 2.28
CA ARG A 327 -14.18 -58.26 0.97
C ARG A 327 -15.32 -57.89 0.03
N ASP A 328 -16.57 -58.00 0.51
CA ASP A 328 -17.71 -57.56 -0.30
C ASP A 328 -17.68 -56.05 -0.54
N ILE A 329 -17.24 -55.28 0.45
CA ILE A 329 -17.20 -53.83 0.32
C ILE A 329 -16.29 -53.43 -0.83
N ILE A 330 -15.05 -53.94 -0.82
CA ILE A 330 -14.13 -53.65 -1.92
C ILE A 330 -14.60 -54.32 -3.19
N PHE A 331 -15.33 -55.44 -3.08
CA PHE A 331 -15.90 -56.08 -4.24
C PHE A 331 -16.78 -55.12 -5.02
N GLU A 332 -17.74 -54.49 -4.35
CA GLU A 332 -18.61 -53.55 -5.04
C GLU A 332 -17.91 -52.24 -5.36
N LEU A 333 -16.97 -51.82 -4.51
CA LEU A 333 -16.22 -50.61 -4.78
C LEU A 333 -15.43 -50.72 -6.08
N ARG A 334 -14.70 -51.82 -6.25
CA ARG A 334 -13.99 -51.97 -7.51
C ARG A 334 -14.86 -52.58 -8.59
N ARG A 335 -16.11 -52.94 -8.28
CA ARG A 335 -17.10 -53.04 -9.35
C ARG A 335 -17.24 -51.67 -9.97
N ILE A 336 -17.79 -50.73 -9.19
CA ILE A 336 -18.08 -49.40 -9.70
C ILE A 336 -16.82 -48.63 -10.08
N ALA A 337 -15.64 -49.12 -9.69
CA ALA A 337 -14.39 -48.59 -10.23
C ALA A 337 -14.01 -49.25 -11.55
N PHE A 338 -13.74 -50.56 -11.51
CA PHE A 338 -13.17 -51.29 -12.63
C PHE A 338 -14.22 -51.96 -13.51
N ASP A 339 -15.47 -51.50 -13.47
CA ASP A 339 -16.50 -52.15 -14.28
C ASP A 339 -16.28 -51.99 -15.78
N ALA A 340 -15.17 -51.38 -16.21
CA ALA A 340 -14.80 -51.37 -17.62
C ALA A 340 -13.86 -52.52 -17.97
N GLU A 341 -12.98 -52.91 -17.06
CA GLU A 341 -12.24 -54.16 -17.20
C GLU A 341 -12.94 -55.31 -16.50
N SER A 342 -13.68 -55.01 -15.43
CA SER A 342 -14.48 -56.00 -14.73
C SER A 342 -15.89 -56.03 -15.32
N GLU A 343 -16.37 -57.21 -15.68
CA GLU A 343 -17.72 -57.34 -16.20
C GLU A 343 -18.72 -56.91 -15.13
N PRO A 344 -19.92 -56.47 -15.54
CA PRO A 344 -21.04 -56.40 -14.60
C PRO A 344 -21.57 -57.77 -14.20
N ASN A 345 -20.93 -58.84 -14.68
CA ASN A 345 -21.35 -60.21 -14.42
C ASN A 345 -20.72 -60.78 -13.17
N ASN A 346 -19.55 -60.30 -12.78
CA ASN A 346 -18.87 -60.77 -11.58
C ASN A 346 -19.54 -60.27 -10.31
N SER A 347 -20.52 -59.39 -10.43
CA SER A 347 -21.44 -59.16 -9.31
C SER A 347 -22.19 -60.44 -8.97
N SER A 348 -22.63 -61.17 -9.99
CA SER A 348 -23.16 -62.51 -9.84
C SER A 348 -22.09 -63.58 -10.03
N GLY A 349 -20.83 -63.18 -10.21
CA GLY A 349 -19.75 -64.10 -10.51
C GLY A 349 -19.14 -64.75 -9.28
N SER A 350 -17.90 -65.19 -9.44
CA SER A 350 -17.22 -65.98 -8.43
C SER A 350 -16.04 -65.22 -7.83
N MET A 351 -15.66 -65.62 -6.62
CA MET A 351 -14.43 -65.11 -6.00
C MET A 351 -13.19 -65.42 -6.83
N GLU A 352 -13.25 -66.45 -7.68
CA GLU A 352 -12.13 -66.77 -8.54
C GLU A 352 -11.90 -65.67 -9.56
N LYS A 353 -12.98 -65.22 -10.20
CA LYS A 353 -12.90 -64.03 -11.05
C LYS A 353 -12.49 -62.81 -10.24
N ARG A 354 -12.89 -62.75 -8.97
CA ARG A 354 -12.45 -61.67 -8.10
C ARG A 354 -10.93 -61.65 -7.98
N LYS A 355 -10.32 -62.80 -7.70
CA LYS A 355 -8.86 -62.86 -7.58
C LYS A 355 -8.17 -62.55 -8.91
N SER A 356 -8.74 -63.03 -10.02
CA SER A 356 -8.16 -62.70 -11.32
C SER A 356 -8.23 -61.20 -11.59
N MET A 357 -9.33 -60.57 -11.21
CA MET A 357 -9.44 -59.13 -11.35
C MET A 357 -8.47 -58.41 -10.43
N TYR A 358 -8.28 -58.91 -9.21
CA TYR A 358 -7.26 -58.34 -8.33
C TYR A 358 -5.90 -58.36 -9.02
N THR A 359 -5.49 -59.53 -9.51
CA THR A 359 -4.14 -59.64 -10.05
C THR A 359 -3.98 -58.77 -11.28
N ARG A 360 -4.96 -58.74 -12.19
CA ARG A 360 -4.80 -57.93 -13.38
C ARG A 360 -4.85 -56.44 -13.04
N ASP A 361 -5.82 -56.03 -12.24
CA ASP A 361 -6.03 -54.60 -11.99
C ASP A 361 -5.10 -54.03 -10.95
N TYR A 362 -4.30 -54.87 -10.28
CA TYR A 362 -3.22 -54.39 -9.43
C TYR A 362 -1.83 -54.71 -9.96
N LYS A 363 -1.70 -55.51 -11.02
CA LYS A 363 -0.53 -55.40 -11.87
C LYS A 363 -0.64 -54.19 -12.77
N LYS A 364 -1.86 -53.68 -12.96
CA LYS A 364 -2.08 -52.37 -13.56
C LYS A 364 -2.29 -51.26 -12.52
N LEU A 365 -2.40 -51.62 -11.23
CA LEU A 365 -2.38 -50.64 -10.15
C LEU A 365 -1.40 -51.04 -9.05
N GLY A 366 -0.23 -51.55 -9.44
CA GLY A 366 0.91 -51.74 -8.56
C GLY A 366 0.71 -52.31 -7.17
N PHE A 367 0.24 -53.54 -7.06
CA PHE A 367 0.27 -54.30 -5.82
C PHE A 367 1.04 -55.59 -6.04
N ILE A 368 1.86 -55.94 -5.05
CA ILE A 368 2.80 -57.06 -5.21
C ILE A 368 2.14 -58.42 -4.93
N ASN A 369 1.02 -58.44 -4.22
CA ASN A 369 0.38 -59.69 -3.82
C ASN A 369 -1.07 -59.73 -4.30
N HIS A 370 -1.49 -60.90 -4.77
CA HIS A 370 -2.85 -61.12 -5.23
C HIS A 370 -3.44 -62.43 -4.70
N VAL A 371 -2.90 -62.96 -3.61
CA VAL A 371 -3.53 -64.03 -2.86
C VAL A 371 -4.06 -63.55 -1.51
N ASN A 372 -3.47 -62.50 -0.94
CA ASN A 372 -3.94 -61.87 0.29
C ASN A 372 -4.04 -60.36 0.05
N PRO A 373 -4.97 -59.94 -0.81
CA PRO A 373 -4.92 -58.56 -1.33
C PRO A 373 -5.08 -57.48 -0.27
N ALA A 374 -5.65 -57.79 0.89
CA ALA A 374 -5.97 -56.78 1.89
C ALA A 374 -4.84 -56.57 2.90
N MET A 375 -3.61 -56.93 2.57
CA MET A 375 -2.50 -56.70 3.49
C MET A 375 -2.23 -55.21 3.69
N ASP A 376 -2.39 -54.41 2.64
CA ASP A 376 -2.06 -52.98 2.72
C ASP A 376 -3.11 -52.17 3.46
N PHE A 377 -4.03 -52.82 4.17
CA PHE A 377 -5.08 -52.17 4.92
C PHE A 377 -4.83 -52.16 6.42
N THR A 378 -3.60 -52.41 6.85
CA THR A 378 -3.28 -52.50 8.27
C THR A 378 -2.26 -51.45 8.72
N GLN A 379 -2.09 -50.38 7.96
CA GLN A 379 -1.29 -49.23 8.40
C GLN A 379 -2.20 -48.02 8.52
N THR A 380 -2.52 -47.65 9.75
CA THR A 380 -3.28 -46.44 10.08
C THR A 380 -2.33 -45.50 10.79
N PRO A 381 -2.01 -44.33 10.23
CA PRO A 381 -2.59 -43.67 9.06
C PRO A 381 -2.49 -44.41 7.73
N PRO A 382 -3.61 -44.48 6.99
CA PRO A 382 -4.92 -44.21 7.60
C PRO A 382 -5.81 -45.43 7.83
N GLY A 383 -5.61 -46.50 7.05
CA GLY A 383 -6.44 -47.68 7.18
C GLY A 383 -7.73 -47.64 6.37
N MET A 384 -8.84 -47.28 7.03
CA MET A 384 -10.16 -47.35 6.42
C MET A 384 -10.53 -46.10 5.65
N LEU A 385 -10.08 -44.93 6.10
CA LEU A 385 -10.49 -43.67 5.47
C LEU A 385 -10.01 -43.55 4.03
N ALA A 386 -8.94 -44.24 3.65
CA ALA A 386 -8.62 -44.31 2.23
C ALA A 386 -9.74 -44.99 1.46
N LEU A 387 -10.29 -46.06 2.03
CA LEU A 387 -11.41 -46.73 1.40
C LEU A 387 -12.64 -45.84 1.42
N ASP A 388 -12.80 -45.02 2.47
CA ASP A 388 -13.88 -44.04 2.48
C ASP A 388 -13.70 -42.99 1.38
N ASN A 389 -12.46 -42.52 1.22
CA ASN A 389 -12.10 -41.62 0.13
C ASN A 389 -12.60 -42.17 -1.19
N MET A 390 -12.09 -43.35 -1.56
CA MET A 390 -12.41 -43.92 -2.86
C MET A 390 -13.89 -44.26 -2.97
N LEU A 391 -14.56 -44.62 -1.87
CA LEU A 391 -16.01 -44.73 -1.86
C LEU A 391 -16.66 -43.45 -2.35
N TYR A 392 -16.42 -42.36 -1.63
CA TYR A 392 -17.09 -41.10 -1.93
C TYR A 392 -16.74 -40.59 -3.31
N PHE A 393 -15.55 -40.92 -3.81
CA PHE A 393 -15.22 -40.55 -5.19
C PHE A 393 -16.03 -41.36 -6.17
N ALA A 394 -16.18 -42.66 -5.91
CA ALA A 394 -17.05 -43.50 -6.71
C ALA A 394 -18.49 -43.01 -6.69
N LYS A 395 -18.89 -42.32 -5.62
CA LYS A 395 -20.25 -41.79 -5.55
C LYS A 395 -20.43 -40.56 -6.41
N HIS A 396 -19.44 -39.69 -6.48
CA HIS A 396 -19.65 -38.35 -7.03
C HIS A 396 -18.88 -38.07 -8.30
N HIS A 397 -17.59 -38.41 -8.36
CA HIS A 397 -16.72 -38.00 -9.46
C HIS A 397 -16.59 -39.09 -10.51
N GLN A 398 -17.70 -39.78 -10.78
CA GLN A 398 -17.66 -41.02 -11.56
C GLN A 398 -17.01 -40.84 -12.92
N ASP A 399 -17.16 -39.68 -13.55
CA ASP A 399 -16.58 -39.48 -14.88
C ASP A 399 -15.06 -39.62 -14.82
N ALA A 400 -14.40 -38.71 -14.11
CA ALA A 400 -12.96 -38.82 -13.93
C ALA A 400 -12.59 -40.11 -13.22
N TYR A 401 -13.51 -40.70 -12.46
CA TYR A 401 -13.25 -41.95 -11.76
C TYR A 401 -12.97 -43.08 -12.75
N ILE A 402 -13.94 -43.37 -13.62
CA ILE A 402 -13.73 -44.37 -14.66
C ILE A 402 -12.63 -43.93 -15.61
N ARG A 403 -12.43 -42.62 -15.78
CA ARG A 403 -11.33 -42.18 -16.62
C ARG A 403 -9.99 -42.58 -16.02
N ILE A 404 -9.84 -42.45 -14.70
CA ILE A 404 -8.64 -42.97 -14.03
C ILE A 404 -8.53 -44.46 -14.26
N VAL A 405 -9.67 -45.17 -14.08
CA VAL A 405 -9.69 -46.62 -14.18
C VAL A 405 -9.19 -47.09 -15.54
N LEU A 406 -9.62 -46.43 -16.60
CA LEU A 406 -9.18 -46.83 -17.94
C LEU A 406 -7.95 -46.10 -18.44
N GLU A 407 -7.43 -45.10 -17.72
CA GLU A 407 -6.20 -44.48 -18.17
C GLU A 407 -5.00 -45.19 -17.57
N ASN A 408 -5.18 -45.81 -16.39
CA ASN A 408 -4.12 -46.67 -15.89
C ASN A 408 -4.02 -47.96 -16.68
N SER A 409 -4.89 -48.16 -17.68
CA SER A 409 -5.03 -49.42 -18.39
C SER A 409 -4.19 -49.50 -19.68
N SER A 410 -3.09 -48.76 -19.79
CA SER A 410 -2.25 -48.86 -20.98
C SER A 410 -0.76 -49.02 -20.69
N ARG A 411 -0.26 -48.48 -19.58
CA ARG A 411 1.16 -48.53 -19.24
C ARG A 411 1.41 -49.72 -18.33
N GLU A 412 2.02 -50.76 -18.85
CA GLU A 412 2.42 -51.91 -18.04
C GLU A 412 3.89 -51.90 -17.67
N ASP A 413 4.62 -50.85 -18.06
CA ASP A 413 5.97 -50.64 -17.57
C ASP A 413 5.88 -49.98 -16.19
N LYS A 414 6.99 -49.44 -15.69
CA LYS A 414 7.02 -48.86 -14.36
C LYS A 414 6.36 -47.50 -14.26
N HIS A 415 5.83 -46.97 -15.37
CA HIS A 415 5.07 -45.73 -15.34
C HIS A 415 3.63 -45.92 -14.88
N GLU A 416 3.22 -47.17 -14.66
CA GLU A 416 1.91 -47.48 -14.12
C GLU A 416 1.81 -46.95 -12.69
N CYS A 417 0.67 -46.35 -12.37
CA CYS A 417 0.47 -45.74 -11.07
C CYS A 417 -0.49 -46.56 -10.23
N PRO A 418 -0.07 -47.01 -9.06
CA PRO A 418 -0.93 -47.84 -8.20
C PRO A 418 -1.94 -47.00 -7.44
N PHE A 419 -3.21 -47.07 -7.86
CA PHE A 419 -4.24 -46.30 -7.18
C PHE A 419 -4.35 -46.71 -5.72
N GLY A 420 -4.30 -48.01 -5.43
CA GLY A 420 -4.33 -48.43 -4.04
C GLY A 420 -3.13 -47.93 -3.26
N ARG A 421 -1.93 -48.09 -3.83
CA ARG A 421 -0.73 -47.70 -3.11
C ARG A 421 -0.55 -46.18 -3.13
N SER A 422 -0.90 -45.53 -4.23
CA SER A 422 -0.95 -44.07 -4.23
C SER A 422 -1.87 -43.58 -3.14
N SER A 423 -3.05 -44.20 -3.04
CA SER A 423 -4.03 -43.79 -2.04
C SER A 423 -3.48 -43.94 -0.63
N ILE A 424 -2.92 -45.11 -0.30
CA ILE A 424 -2.44 -45.31 1.06
C ILE A 424 -1.32 -44.31 1.37
N GLU A 425 -0.33 -44.20 0.48
CA GLU A 425 0.79 -43.29 0.70
C GLU A 425 0.30 -41.87 0.91
N LEU A 426 -0.47 -41.37 -0.06
CA LEU A 426 -0.94 -39.99 -0.03
C LEU A 426 -1.73 -39.73 1.23
N THR A 427 -2.71 -40.58 1.51
CA THR A 427 -3.60 -40.32 2.63
C THR A 427 -2.84 -40.27 3.94
N LYS A 428 -1.93 -41.23 4.17
CA LYS A 428 -1.23 -41.18 5.45
C LYS A 428 -0.34 -39.94 5.54
N MET A 429 0.37 -39.61 4.47
CA MET A 429 1.32 -38.51 4.56
C MET A 429 0.63 -37.14 4.54
N LEU A 430 -0.54 -37.03 3.91
CA LEU A 430 -1.29 -35.79 4.04
C LEU A 430 -1.91 -35.69 5.43
N CYS A 431 -2.33 -36.81 6.01
CA CYS A 431 -2.71 -36.81 7.41
C CYS A 431 -1.60 -36.24 8.27
N GLU A 432 -0.37 -36.67 8.03
CA GLU A 432 0.76 -36.17 8.80
C GLU A 432 1.01 -34.69 8.55
N ILE A 433 0.92 -34.24 7.29
CA ILE A 433 1.13 -32.82 7.01
C ILE A 433 0.08 -31.97 7.72
N LEU A 434 -1.19 -32.38 7.65
CA LEU A 434 -2.21 -31.72 8.45
C LEU A 434 -2.06 -32.01 9.93
N LYS A 435 -1.27 -33.01 10.30
CA LYS A 435 -1.26 -33.59 11.65
C LYS A 435 -2.70 -33.79 12.13
N VAL A 436 -3.40 -34.64 11.39
CA VAL A 436 -4.83 -34.82 11.59
C VAL A 436 -5.08 -35.43 12.97
N GLY A 437 -5.98 -34.81 13.73
CA GLY A 437 -6.39 -35.32 15.03
C GLY A 437 -5.31 -35.32 16.08
N GLU A 438 -4.60 -34.21 16.22
CA GLU A 438 -3.52 -34.12 17.19
C GLU A 438 -3.95 -33.29 18.40
N LEU A 439 -3.14 -33.39 19.45
CA LEU A 439 -3.52 -32.87 20.74
C LEU A 439 -3.60 -31.35 20.70
N PRO A 440 -4.33 -30.74 21.65
CA PRO A 440 -4.48 -29.27 21.64
C PRO A 440 -3.16 -28.53 21.72
N SER A 441 -2.82 -27.84 20.63
CA SER A 441 -1.71 -26.91 20.60
C SER A 441 -2.33 -25.52 20.54
N GLU A 442 -2.22 -24.78 21.65
CA GLU A 442 -2.82 -23.47 21.73
C GLU A 442 -2.01 -22.41 20.99
N THR A 443 -0.79 -22.71 20.56
CA THR A 443 -0.02 -21.78 19.74
C THR A 443 -0.31 -21.92 18.26
N CYS A 444 -1.13 -22.90 17.87
CA CYS A 444 -1.52 -23.03 16.48
C CYS A 444 -2.67 -22.07 16.19
N ASN A 445 -2.34 -20.94 15.56
CA ASN A 445 -3.30 -19.89 15.27
C ASN A 445 -3.46 -19.71 13.75
N ASP A 446 -3.02 -20.71 12.99
CA ASP A 446 -3.22 -20.77 11.55
C ASP A 446 -4.04 -21.99 11.19
N PHE A 447 -4.98 -21.81 10.27
CA PHE A 447 -6.10 -22.74 10.10
C PHE A 447 -6.40 -22.94 8.62
N HIS A 448 -7.51 -23.62 8.35
CA HIS A 448 -7.78 -24.22 7.04
C HIS A 448 -9.21 -23.96 6.59
N PRO A 449 -9.57 -22.69 6.32
CA PRO A 449 -10.94 -22.41 5.86
C PRO A 449 -11.31 -23.08 4.56
N MET A 450 -10.33 -23.40 3.71
CA MET A 450 -10.61 -24.13 2.48
C MET A 450 -11.27 -25.49 2.74
N PHE A 451 -11.34 -25.90 3.99
CA PHE A 451 -12.09 -27.08 4.38
C PHE A 451 -13.15 -26.78 5.42
N PHE A 452 -13.31 -25.52 5.81
CA PHE A 452 -14.51 -25.06 6.49
C PHE A 452 -15.68 -24.89 5.54
N THR A 453 -15.56 -25.38 4.31
CA THR A 453 -16.54 -25.20 3.27
C THR A 453 -17.02 -26.51 2.64
N HIS A 454 -16.78 -27.64 3.31
CA HIS A 454 -17.36 -28.91 2.85
C HIS A 454 -17.22 -29.96 3.95
N ASP A 455 -18.10 -30.96 3.89
CA ASP A 455 -18.29 -31.98 4.89
C ASP A 455 -17.40 -33.20 4.66
N ARG A 456 -17.31 -33.66 3.41
CA ARG A 456 -16.28 -34.59 2.97
C ARG A 456 -15.12 -33.87 2.33
N SER A 457 -14.76 -32.72 2.89
CA SER A 457 -13.82 -31.80 2.25
C SER A 457 -12.47 -32.45 2.03
N PHE A 458 -11.95 -33.15 3.03
CA PHE A 458 -10.65 -33.77 2.88
C PHE A 458 -10.70 -34.99 1.97
N GLU A 459 -11.84 -35.70 1.93
CA GLU A 459 -11.98 -36.77 0.95
C GLU A 459 -11.88 -36.23 -0.47
N GLU A 460 -12.80 -35.33 -0.83
CA GLU A 460 -12.76 -34.74 -2.16
C GLU A 460 -11.46 -34.01 -2.43
N PHE A 461 -10.83 -33.47 -1.38
CA PHE A 461 -9.50 -32.91 -1.52
C PHE A 461 -8.51 -33.97 -1.96
N PHE A 462 -8.57 -35.15 -1.34
CA PHE A 462 -7.66 -36.23 -1.69
C PHE A 462 -7.87 -36.67 -3.13
N CYS A 463 -9.13 -36.75 -3.58
CA CYS A 463 -9.33 -37.20 -4.96
C CYS A 463 -8.84 -36.15 -5.95
N ILE A 464 -9.17 -34.88 -5.71
CA ILE A 464 -8.72 -33.84 -6.62
C ILE A 464 -7.20 -33.80 -6.66
N CYS A 465 -6.56 -34.05 -5.52
CA CYS A 465 -5.11 -34.14 -5.48
C CYS A 465 -4.58 -35.45 -6.03
N ILE A 466 -5.41 -36.49 -6.19
CA ILE A 466 -4.88 -37.68 -6.84
C ILE A 466 -4.93 -37.51 -8.35
N GLN A 467 -5.89 -36.73 -8.86
CA GLN A 467 -5.76 -36.28 -10.24
C GLN A 467 -4.50 -35.44 -10.40
N LEU A 468 -4.27 -34.53 -9.44
CA LEU A 468 -2.98 -33.84 -9.36
C LEU A 468 -1.82 -34.83 -9.40
N LEU A 469 -1.95 -35.93 -8.67
CA LEU A 469 -0.91 -36.95 -8.63
C LEU A 469 -0.62 -37.50 -10.01
N ASN A 470 -1.67 -37.92 -10.72
CA ASN A 470 -1.45 -38.49 -12.04
C ASN A 470 -0.80 -37.46 -12.94
N LYS A 471 -1.23 -36.20 -12.82
CA LYS A 471 -0.56 -35.13 -13.54
C LYS A 471 0.92 -35.09 -13.21
N THR A 472 1.26 -35.27 -11.94
CA THR A 472 2.66 -35.13 -11.52
C THR A 472 3.48 -36.33 -11.98
N TRP A 473 2.91 -37.52 -11.93
CA TRP A 473 3.57 -38.70 -12.48
C TRP A 473 3.87 -38.48 -13.95
N LYS A 474 2.90 -37.96 -14.69
CA LYS A 474 3.13 -37.67 -16.10
C LYS A 474 3.97 -36.41 -16.29
N GLU A 475 4.23 -35.66 -15.22
CA GLU A 475 5.11 -34.50 -15.33
C GLU A 475 6.56 -34.95 -15.44
N MET A 476 6.97 -35.93 -14.64
CA MET A 476 8.32 -36.47 -14.70
C MET A 476 8.41 -37.77 -15.48
N ARG A 477 7.26 -38.37 -15.83
CA ARG A 477 7.23 -39.68 -16.47
C ARG A 477 8.01 -40.69 -15.63
N ALA A 478 7.82 -40.62 -14.33
CA ALA A 478 8.63 -41.37 -13.40
C ALA A 478 8.21 -42.84 -13.36
N THR A 479 9.17 -43.70 -13.02
CA THR A 479 8.95 -45.12 -12.88
C THR A 479 8.30 -45.42 -11.53
N SER A 480 8.07 -46.71 -11.26
CA SER A 480 7.58 -47.14 -9.96
C SER A 480 8.70 -47.57 -9.02
N GLU A 481 9.95 -47.57 -9.49
CA GLU A 481 11.07 -47.71 -8.56
C GLU A 481 11.23 -46.44 -7.74
N ASP A 482 11.10 -45.28 -8.36
CA ASP A 482 11.06 -44.00 -7.66
C ASP A 482 9.65 -43.60 -7.27
N PHE A 483 8.69 -44.54 -7.31
CA PHE A 483 7.33 -44.31 -6.81
C PHE A 483 7.36 -43.53 -5.50
N ASN A 484 8.08 -44.06 -4.51
CA ASN A 484 8.25 -43.34 -3.26
C ASN A 484 8.99 -42.03 -3.48
N LYS A 485 10.08 -42.05 -4.26
CA LYS A 485 10.82 -40.82 -4.53
C LYS A 485 9.95 -39.80 -5.26
N VAL A 486 9.31 -40.23 -6.36
CA VAL A 486 8.54 -39.28 -7.15
C VAL A 486 7.42 -38.70 -6.32
N MET A 487 6.70 -39.54 -5.58
CA MET A 487 5.55 -39.02 -4.87
C MET A 487 5.96 -38.23 -3.64
N GLN A 488 7.11 -38.54 -3.04
CA GLN A 488 7.59 -37.71 -1.94
C GLN A 488 7.92 -36.32 -2.44
N VAL A 489 8.59 -36.22 -3.59
CA VAL A 489 8.83 -34.91 -4.18
C VAL A 489 7.51 -34.23 -4.51
N VAL A 490 6.57 -35.00 -5.08
CA VAL A 490 5.28 -34.45 -5.48
C VAL A 490 4.54 -33.87 -4.28
N LYS A 491 4.56 -34.58 -3.16
CA LYS A 491 3.87 -34.07 -1.98
C LYS A 491 4.66 -32.98 -1.28
N GLU A 492 5.97 -32.90 -1.53
CA GLU A 492 6.66 -31.65 -1.20
C GLU A 492 6.01 -30.49 -1.93
N GLN A 493 5.76 -30.67 -3.22
CA GLN A 493 5.07 -29.64 -4.00
C GLN A 493 3.66 -29.41 -3.49
N VAL A 494 2.96 -30.47 -3.10
CA VAL A 494 1.61 -30.31 -2.59
C VAL A 494 1.63 -29.57 -1.25
N MET A 495 2.67 -29.78 -0.46
CA MET A 495 2.85 -28.96 0.73
C MET A 495 3.05 -27.51 0.35
N ARG A 496 3.82 -27.25 -0.71
CA ARG A 496 3.96 -25.87 -1.19
C ARG A 496 2.59 -25.28 -1.54
N ALA A 497 1.80 -26.05 -2.28
CA ALA A 497 0.48 -25.59 -2.69
C ALA A 497 -0.41 -25.32 -1.48
N LEU A 498 -0.38 -26.22 -0.50
CA LEU A 498 -1.11 -26.00 0.74
C LEU A 498 -0.64 -24.72 1.43
N THR A 499 0.67 -24.53 1.51
CA THR A 499 1.24 -23.39 2.23
C THR A 499 0.98 -22.07 1.52
N THR A 500 0.64 -22.11 0.24
CA THR A 500 0.14 -20.90 -0.40
C THR A 500 -1.13 -20.41 0.27
N LYS A 501 -1.79 -21.28 1.04
CA LYS A 501 -2.95 -20.98 1.86
C LYS A 501 -4.07 -20.31 1.07
N PRO A 502 -4.78 -21.05 0.22
CA PRO A 502 -6.03 -20.53 -0.33
C PRO A 502 -7.18 -20.73 0.65
N SER A 503 -8.16 -19.84 0.60
CA SER A 503 -9.33 -19.92 1.46
C SER A 503 -10.58 -20.31 0.69
N SER A 504 -10.42 -21.10 -0.36
CA SER A 504 -11.54 -21.59 -1.17
C SER A 504 -11.09 -22.85 -1.90
N LEU A 505 -12.02 -23.77 -2.09
CA LEU A 505 -11.70 -25.01 -2.78
C LEU A 505 -11.33 -24.78 -4.24
N ASP A 506 -12.07 -23.89 -4.91
CA ASP A 506 -11.82 -23.63 -6.33
C ASP A 506 -10.45 -23.00 -6.55
N GLN A 507 -10.04 -22.08 -5.69
CA GLN A 507 -8.72 -21.49 -5.84
C GLN A 507 -7.62 -22.53 -5.66
N PHE A 508 -7.82 -23.48 -4.76
CA PHE A 508 -6.80 -24.53 -4.65
C PHE A 508 -6.86 -25.48 -5.83
N LYS A 509 -8.02 -25.65 -6.46
CA LYS A 509 -8.02 -26.38 -7.72
C LYS A 509 -7.22 -25.65 -8.78
N SER A 510 -7.39 -24.32 -8.83
CA SER A 510 -6.54 -23.50 -9.69
C SER A 510 -5.07 -23.80 -9.40
N LYS A 511 -4.70 -23.81 -8.12
CA LYS A 511 -3.32 -24.12 -7.76
C LYS A 511 -2.91 -25.53 -8.17
N LEU A 512 -3.81 -26.50 -8.10
CA LEU A 512 -3.53 -27.83 -8.62
C LEU A 512 -3.13 -27.73 -10.08
N GLN A 513 -3.78 -26.83 -10.82
CA GLN A 513 -3.36 -26.58 -12.19
C GLN A 513 -2.03 -25.85 -12.26
N ASN A 514 -1.79 -24.91 -11.35
CA ASN A 514 -0.72 -23.93 -11.53
C ASN A 514 0.66 -24.53 -11.30
N LEU A 515 0.78 -25.48 -10.37
CA LEU A 515 2.09 -25.97 -9.96
C LEU A 515 2.70 -26.75 -11.12
N SER A 516 3.57 -26.09 -11.87
CA SER A 516 4.20 -26.70 -13.02
C SER A 516 5.37 -27.57 -12.59
N TYR A 517 5.93 -28.29 -13.57
CA TYR A 517 7.10 -29.12 -13.27
C TYR A 517 8.30 -28.25 -12.92
N THR A 518 8.27 -26.97 -13.33
CA THR A 518 9.30 -26.04 -12.88
C THR A 518 9.26 -25.89 -11.36
N GLU A 519 8.06 -25.68 -10.81
CA GLU A 519 7.90 -25.60 -9.36
C GLU A 519 8.54 -26.77 -8.65
N ILE A 520 8.60 -27.94 -9.30
CA ILE A 520 9.29 -29.09 -8.71
C ILE A 520 10.78 -28.80 -8.58
N LEU A 521 11.34 -28.05 -9.52
CA LEU A 521 12.77 -27.75 -9.52
C LEU A 521 13.08 -26.26 -9.35
N LYS A 522 12.08 -25.38 -9.47
CA LYS A 522 12.32 -23.95 -9.64
C LYS A 522 13.20 -23.34 -8.55
N ILE A 523 12.69 -23.28 -7.32
CA ILE A 523 13.49 -22.60 -6.31
C ILE A 523 14.54 -23.55 -5.74
N ARG A 524 14.23 -24.85 -5.69
CA ARG A 524 15.17 -25.83 -5.15
C ARG A 524 16.46 -25.84 -5.93
N GLN A 525 16.44 -25.42 -7.20
CA GLN A 525 17.67 -25.22 -7.93
C GLN A 525 18.02 -23.75 -8.09
N SER A 526 17.08 -22.83 -7.84
CA SER A 526 17.43 -21.42 -7.84
C SER A 526 18.34 -21.07 -6.67
N GLU A 527 18.45 -21.94 -5.67
CA GLU A 527 19.49 -21.70 -4.68
C GLU A 527 20.90 -21.98 -5.21
N ARG A 528 21.04 -22.54 -6.41
CA ARG A 528 22.35 -23.02 -6.88
C ARG A 528 23.12 -22.04 -7.74
N MET A 529 22.46 -21.03 -8.33
CA MET A 529 23.20 -20.12 -9.20
C MET A 529 24.39 -19.50 -8.49
N ASN A 530 24.31 -19.35 -7.16
CA ASN A 530 25.47 -18.92 -6.41
C ASN A 530 26.64 -19.89 -6.59
N GLN A 531 26.39 -21.19 -6.49
CA GLN A 531 27.50 -22.14 -6.56
C GLN A 531 27.99 -22.33 -8.00
N GLU A 532 27.13 -22.20 -9.01
CA GLU A 532 27.70 -22.14 -10.36
C GLU A 532 28.51 -20.86 -10.57
N ASP A 533 28.10 -19.74 -9.97
CA ASP A 533 28.91 -18.54 -10.06
C ASP A 533 30.26 -18.73 -9.39
N PHE A 534 30.28 -19.37 -8.23
CA PHE A 534 31.49 -19.54 -7.45
C PHE A 534 32.35 -20.72 -7.90
N GLN A 535 31.82 -21.62 -8.73
CA GLN A 535 32.64 -22.73 -9.17
C GLN A 535 33.86 -22.23 -9.93
N SER A 536 33.68 -21.24 -10.79
CA SER A 536 34.81 -20.55 -11.36
C SER A 536 35.37 -19.55 -10.35
N ARG A 537 36.68 -19.34 -10.40
CA ARG A 537 37.32 -18.46 -9.42
C ARG A 537 36.81 -17.03 -9.46
N PRO A 538 36.69 -16.36 -10.62
CA PRO A 538 36.62 -14.88 -10.59
C PRO A 538 35.48 -14.34 -9.76
N ILE A 539 34.32 -14.99 -9.82
CA ILE A 539 33.23 -14.64 -8.92
C ILE A 539 33.57 -15.07 -7.50
N LEU A 540 34.06 -16.30 -7.38
CA LEU A 540 34.41 -16.85 -6.08
C LEU A 540 35.50 -16.01 -5.40
N GLU A 541 36.51 -15.62 -6.17
CA GLU A 541 37.70 -15.01 -5.58
C GLU A 541 37.53 -13.55 -5.20
N LEU A 542 36.48 -12.88 -5.66
CA LEU A 542 36.23 -11.50 -5.26
C LEU A 542 35.16 -11.39 -4.19
N LYS A 543 34.12 -12.20 -4.31
CA LYS A 543 32.94 -12.12 -3.45
C LYS A 543 33.29 -11.96 -1.98
N GLU A 544 34.46 -12.50 -1.58
CA GLU A 544 34.76 -12.62 -0.16
C GLU A 544 35.05 -11.28 0.49
N LYS A 545 35.22 -10.23 -0.31
CA LYS A 545 35.32 -8.92 0.30
C LYS A 545 33.98 -8.20 0.30
N ILE A 546 33.01 -8.69 -0.46
CA ILE A 546 31.70 -8.06 -0.56
C ILE A 546 30.87 -8.20 0.72
N GLN A 547 31.06 -9.29 1.47
CA GLN A 547 30.13 -9.58 2.55
C GLN A 547 30.01 -8.44 3.56
N PRO A 548 31.10 -7.85 4.08
CA PRO A 548 30.92 -6.81 5.11
C PRO A 548 29.93 -5.75 4.68
N GLU A 549 30.06 -5.27 3.44
CA GLU A 549 29.00 -4.48 2.85
C GLU A 549 27.66 -5.17 2.99
N ILE A 550 27.52 -6.37 2.41
CA ILE A 550 26.21 -6.98 2.31
C ILE A 550 25.78 -7.70 3.58
N LEU A 551 26.71 -8.29 4.34
CA LEU A 551 26.30 -8.84 5.63
C LEU A 551 25.88 -7.70 6.56
N GLU A 552 26.60 -6.58 6.49
CA GLU A 552 26.19 -5.40 7.22
C GLU A 552 24.80 -4.96 6.81
N LEU A 553 24.53 -4.99 5.51
CA LEU A 553 23.20 -4.65 5.04
C LEU A 553 22.16 -5.59 5.64
N ILE A 554 22.42 -6.89 5.60
CA ILE A 554 21.44 -7.86 6.11
C ILE A 554 21.17 -7.61 7.59
N LYS A 555 22.23 -7.55 8.39
CA LYS A 555 22.06 -7.36 9.83
C LYS A 555 21.39 -6.04 10.14
N GLN A 556 21.77 -4.98 9.43
CA GLN A 556 21.22 -3.68 9.75
C GLN A 556 19.79 -3.56 9.25
N GLN A 557 19.44 -4.31 8.20
CA GLN A 557 18.05 -4.39 7.79
C GLN A 557 17.22 -5.06 8.87
N ARG A 558 17.71 -6.18 9.40
CA ARG A 558 17.02 -6.81 10.53
C ARG A 558 16.88 -5.82 11.69
N LEU A 559 17.95 -5.05 11.93
CA LEU A 559 17.92 -4.04 12.97
C LEU A 559 16.80 -3.05 12.71
N ASN A 560 16.72 -2.52 11.49
CA ASN A 560 15.68 -1.56 11.14
C ASN A 560 14.29 -2.16 11.30
N ARG A 561 14.14 -3.45 10.98
CA ARG A 561 12.89 -4.12 11.28
C ARG A 561 12.58 -4.04 12.76
N LEU A 562 13.57 -4.36 13.59
CA LEU A 562 13.31 -4.47 15.01
C LEU A 562 13.11 -3.11 15.67
N VAL A 563 13.60 -2.04 15.06
CA VAL A 563 13.49 -0.72 15.70
C VAL A 563 12.02 -0.40 15.99
N GLU A 564 11.14 -0.74 15.05
CA GLU A 564 9.72 -0.77 15.37
C GLU A 564 9.35 -2.05 16.12
N GLY A 565 9.71 -3.21 15.59
CA GLY A 565 9.48 -4.47 16.28
C GLY A 565 8.04 -4.90 16.42
N THR A 566 7.83 -6.20 16.63
CA THR A 566 6.50 -6.78 16.77
C THR A 566 6.16 -7.00 18.24
N CYS A 567 5.06 -7.70 18.48
CA CYS A 567 4.55 -7.96 19.82
C CYS A 567 4.55 -9.46 20.08
N PHE A 568 5.45 -9.91 20.97
CA PHE A 568 5.57 -11.30 21.33
C PHE A 568 4.39 -11.72 22.19
N ARG A 569 4.32 -12.98 22.60
CA ARG A 569 3.20 -13.45 23.43
C ARG A 569 3.69 -13.76 24.83
N LYS A 570 2.87 -13.40 25.81
CA LYS A 570 3.20 -13.65 27.20
C LYS A 570 2.94 -15.11 27.55
N LEU A 571 3.83 -15.68 28.34
CA LEU A 571 3.83 -17.11 28.59
C LEU A 571 2.58 -17.54 29.34
N ASN A 572 1.81 -18.44 28.72
CA ASN A 572 0.72 -19.15 29.38
C ASN A 572 -0.31 -18.21 29.98
N ALA A 573 -0.60 -17.12 29.28
CA ALA A 573 -1.70 -16.26 29.71
C ALA A 573 -3.01 -16.81 29.17
N ARG A 574 -3.22 -18.11 29.38
CA ARG A 574 -4.45 -18.80 29.02
C ARG A 574 -5.62 -18.42 29.92
N ARG A 575 -5.34 -17.82 31.08
CA ARG A 575 -6.37 -17.40 32.01
C ARG A 575 -6.79 -15.95 31.76
N ARG A 576 -7.11 -15.65 30.51
CA ARG A 576 -7.68 -14.36 30.11
C ARG A 576 -6.80 -13.20 30.54
N GLN A 577 -5.49 -13.35 30.29
CA GLN A 577 -4.54 -12.26 30.42
C GLN A 577 -3.99 -11.93 29.04
N ASP A 578 -3.72 -10.64 28.82
CA ASP A 578 -3.27 -10.15 27.52
C ASP A 578 -1.92 -10.77 27.15
N LYS A 579 -1.87 -11.50 26.04
CA LYS A 579 -0.65 -12.24 25.74
C LYS A 579 0.35 -11.39 24.96
N PHE A 580 -0.12 -10.58 24.03
CA PHE A 580 0.80 -9.94 23.08
C PHE A 580 1.53 -8.82 23.80
N TRP A 581 2.70 -9.12 24.32
CA TRP A 581 3.64 -8.12 24.80
C TRP A 581 4.63 -7.80 23.69
N TYR A 582 5.12 -6.58 23.68
CA TYR A 582 6.04 -6.14 22.65
C TYR A 582 7.37 -5.73 23.28
N CYS A 583 8.32 -5.40 22.41
CA CYS A 583 9.63 -4.90 22.83
C CYS A 583 10.15 -4.00 21.72
N ARG A 584 10.30 -2.72 22.03
CA ARG A 584 10.77 -1.78 21.03
C ARG A 584 12.29 -1.68 21.06
N LEU A 585 12.88 -1.68 19.87
CA LEU A 585 14.30 -1.43 19.72
C LEU A 585 14.51 0.07 19.58
N SER A 586 15.18 0.67 20.56
CA SER A 586 15.44 2.10 20.52
C SER A 586 16.26 2.44 19.28
N PRO A 587 16.05 3.62 18.68
CA PRO A 587 16.97 4.06 17.63
C PRO A 587 18.40 4.17 18.12
N ASN A 588 18.60 4.33 19.43
CA ASN A 588 19.94 4.26 19.99
C ASN A 588 20.44 2.82 20.08
N HIS A 589 19.52 1.87 20.23
CA HIS A 589 19.79 0.44 20.22
C HIS A 589 20.64 -0.02 21.40
N LYS A 590 20.86 0.84 22.39
CA LYS A 590 21.52 0.41 23.62
C LYS A 590 20.52 0.08 24.71
N VAL A 591 19.22 0.20 24.42
CA VAL A 591 18.16 0.01 25.39
C VAL A 591 16.95 -0.53 24.65
N LEU A 592 16.12 -1.26 25.38
CA LEU A 592 14.90 -1.84 24.81
C LEU A 592 13.70 -1.27 25.55
N HIS A 593 12.54 -1.31 24.91
CA HIS A 593 11.31 -0.74 25.44
C HIS A 593 10.22 -1.78 25.30
N TYR A 594 9.82 -2.39 26.42
CA TYR A 594 8.96 -3.56 26.35
C TYR A 594 7.98 -3.63 27.50
N GLY A 595 6.90 -4.36 27.25
CA GLY A 595 5.82 -4.54 28.20
C GLY A 595 4.66 -5.23 27.49
N ASP A 596 3.62 -5.53 28.28
CA ASP A 596 2.42 -6.17 27.75
C ASP A 596 1.21 -5.27 27.94
N LEU A 597 0.44 -5.09 26.88
CA LEU A 597 -0.79 -4.31 26.90
C LEU A 597 -1.86 -5.11 26.16
N GLU A 598 -2.98 -4.45 25.88
CA GLU A 598 -4.01 -5.00 25.01
C GLU A 598 -3.50 -5.04 23.57
N GLU A 599 -4.18 -5.82 22.73
CA GLU A 599 -3.75 -5.99 21.35
C GLU A 599 -3.75 -4.66 20.62
N SER A 600 -2.66 -4.41 19.89
CA SER A 600 -2.45 -3.14 19.18
C SER A 600 -2.29 -3.42 17.70
N PRO A 601 -3.35 -3.32 16.91
CA PRO A 601 -3.21 -3.49 15.45
C PRO A 601 -2.27 -2.49 14.82
N GLN A 602 -2.00 -1.35 15.46
CA GLN A 602 -0.98 -0.43 15.02
C GLN A 602 0.43 -0.89 15.37
N GLY A 603 0.55 -2.03 16.06
CA GLY A 603 1.83 -2.63 16.37
C GLY A 603 2.28 -2.35 17.78
N GLU A 604 3.36 -1.59 17.93
CA GLU A 604 3.83 -1.14 19.22
C GLU A 604 3.47 0.32 19.39
N VAL A 605 3.12 0.70 20.61
CA VAL A 605 2.98 2.10 20.99
C VAL A 605 4.31 2.56 21.59
N PRO A 606 5.03 3.47 20.95
CA PRO A 606 6.22 4.02 21.59
C PRO A 606 5.87 4.78 22.86
N HIS A 607 6.24 4.22 24.00
CA HIS A 607 6.14 4.90 25.28
C HIS A 607 7.19 4.29 26.19
N ASP A 608 7.54 5.03 27.24
CA ASP A 608 8.58 4.57 28.16
C ASP A 608 8.01 3.35 28.86
N SER A 609 8.38 2.17 28.37
CA SER A 609 7.56 0.98 28.55
C SER A 609 7.59 0.50 30.00
N LEU A 610 6.91 -0.63 30.22
CA LEU A 610 6.67 -1.12 31.57
C LEU A 610 7.98 -1.31 32.32
N GLN A 611 8.83 -2.19 31.82
CA GLN A 611 10.24 -2.22 32.19
C GLN A 611 11.01 -1.91 30.91
N ASP A 612 11.93 -0.98 30.98
CA ASP A 612 12.42 -0.26 29.81
C ASP A 612 13.93 -0.28 29.70
N LYS A 613 14.54 -1.45 29.83
CA LYS A 613 15.99 -1.46 29.76
C LYS A 613 16.51 -2.84 29.36
N LEU A 614 17.62 -2.82 28.65
CA LEU A 614 18.52 -3.95 28.55
C LEU A 614 19.92 -3.41 28.31
N PRO A 615 20.84 -3.57 29.26
CA PRO A 615 22.22 -3.13 28.99
C PRO A 615 22.86 -4.03 27.96
N VAL A 616 22.98 -3.51 26.73
CA VAL A 616 23.47 -4.33 25.64
C VAL A 616 24.91 -4.75 25.91
N ALA A 617 25.69 -3.88 26.57
CA ALA A 617 27.07 -4.23 26.88
C ALA A 617 27.14 -5.34 27.92
N ASP A 618 26.41 -5.22 29.02
CA ASP A 618 26.49 -6.22 30.07
C ASP A 618 25.79 -7.52 29.71
N ILE A 619 24.59 -7.44 29.15
CA ILE A 619 23.84 -8.65 28.86
C ILE A 619 24.50 -9.39 27.69
N LYS A 620 24.74 -10.68 27.86
CA LYS A 620 25.67 -11.33 26.94
C LYS A 620 25.12 -12.58 26.26
N ALA A 621 24.39 -13.42 26.99
CA ALA A 621 24.21 -14.80 26.55
C ALA A 621 22.77 -15.04 26.11
N VAL A 622 22.63 -15.60 24.92
CA VAL A 622 21.33 -15.90 24.34
C VAL A 622 21.08 -17.38 24.53
N VAL A 623 20.13 -17.72 25.40
CA VAL A 623 19.77 -19.11 25.65
C VAL A 623 18.82 -19.51 24.53
N THR A 624 19.40 -20.02 23.45
CA THR A 624 18.73 -20.20 22.17
C THR A 624 17.81 -21.40 22.24
N GLY A 625 16.58 -21.18 22.74
CA GLY A 625 15.57 -22.21 22.70
C GLY A 625 15.35 -22.94 24.01
N LYS A 626 15.85 -24.16 24.12
CA LYS A 626 15.62 -24.93 25.34
C LYS A 626 16.46 -24.41 26.50
N ASP A 627 17.59 -23.75 26.21
CA ASP A 627 18.52 -23.37 27.26
C ASP A 627 17.95 -22.33 28.22
N CYS A 628 16.69 -21.92 28.05
CA CYS A 628 16.07 -21.02 29.02
C CYS A 628 15.80 -21.78 30.30
N PRO A 629 16.38 -21.38 31.43
CA PRO A 629 16.09 -22.11 32.69
C PRO A 629 14.62 -22.11 33.05
N HIS A 630 13.89 -21.06 32.69
CA HIS A 630 12.46 -21.00 33.00
C HIS A 630 11.71 -22.16 32.37
N MET A 631 12.02 -22.49 31.11
CA MET A 631 11.41 -23.59 30.40
C MET A 631 12.35 -24.78 30.25
N LYS A 632 13.51 -24.76 30.92
CA LYS A 632 14.34 -25.95 30.97
C LYS A 632 13.61 -27.12 31.62
N GLU A 633 12.65 -26.82 32.50
CA GLU A 633 11.78 -27.84 33.07
C GLU A 633 10.56 -27.95 32.17
N LYS A 634 10.58 -28.94 31.29
CA LYS A 634 9.47 -29.18 30.37
C LYS A 634 9.05 -30.65 30.39
N GLY A 635 9.99 -31.53 30.68
CA GLY A 635 9.78 -32.95 30.42
C GLY A 635 9.61 -33.17 28.94
N ALA A 636 8.39 -33.46 28.51
CA ALA A 636 8.03 -33.43 27.10
C ALA A 636 6.65 -32.85 26.87
N LEU A 637 5.95 -32.40 27.92
CA LEU A 637 4.54 -32.07 27.85
C LEU A 637 4.25 -30.58 28.07
N LYS A 638 4.88 -29.98 29.08
CA LYS A 638 4.74 -28.53 29.25
C LYS A 638 5.27 -27.79 28.02
N GLN A 639 6.51 -28.08 27.62
CA GLN A 639 7.04 -27.70 26.32
C GLN A 639 7.35 -28.94 25.50
N ASN A 640 6.99 -28.88 24.23
CA ASN A 640 7.37 -29.86 23.24
C ASN A 640 8.48 -29.28 22.37
N LYS A 641 8.97 -30.07 21.42
CA LYS A 641 10.11 -29.62 20.63
C LYS A 641 9.67 -28.83 19.40
N GLU A 642 8.78 -27.86 19.60
CA GLU A 642 8.54 -26.83 18.59
C GLU A 642 8.40 -25.43 19.18
N VAL A 643 8.05 -25.28 20.45
CA VAL A 643 7.89 -23.95 21.02
C VAL A 643 9.23 -23.27 21.19
N LEU A 644 10.30 -24.03 21.43
CA LEU A 644 11.62 -23.42 21.53
C LEU A 644 12.09 -22.84 20.20
N GLU A 645 11.46 -23.21 19.09
CA GLU A 645 11.66 -22.50 17.84
C GLU A 645 10.82 -21.22 17.77
N LEU A 646 9.94 -21.02 18.75
CA LEU A 646 9.25 -19.76 18.96
C LEU A 646 9.71 -19.05 20.23
N ALA A 647 10.22 -19.79 21.19
CA ALA A 647 10.59 -19.26 22.49
C ALA A 647 12.08 -19.39 22.72
N PHE A 648 12.64 -18.37 23.34
CA PHE A 648 14.02 -18.40 23.84
C PHE A 648 14.17 -17.17 24.71
N SER A 649 15.39 -16.94 25.19
CA SER A 649 15.65 -15.74 25.95
C SER A 649 17.04 -15.22 25.63
N ILE A 650 17.17 -13.91 25.79
CA ILE A 650 18.41 -13.28 26.20
C ILE A 650 18.32 -13.14 27.71
N LEU A 651 19.44 -13.33 28.40
CA LEU A 651 19.41 -13.12 29.84
C LEU A 651 19.12 -11.66 30.14
N TYR A 652 18.91 -11.33 31.40
CA TYR A 652 18.91 -9.95 31.83
C TYR A 652 19.12 -9.92 33.33
N ASP A 653 19.41 -8.73 33.84
CA ASP A 653 19.70 -8.52 35.26
C ASP A 653 20.93 -9.28 35.71
N SER A 654 21.64 -9.92 34.79
CA SER A 654 22.69 -10.92 35.02
C SER A 654 22.14 -12.15 35.73
N ASN A 655 20.83 -12.21 35.99
CA ASN A 655 20.23 -13.31 36.72
C ASN A 655 19.02 -13.91 35.99
N CYS A 656 18.25 -13.06 35.33
CA CYS A 656 16.93 -13.45 34.86
C CYS A 656 16.87 -13.45 33.33
N GLN A 657 15.85 -14.11 32.80
CA GLN A 657 15.69 -14.34 31.37
C GLN A 657 14.64 -13.42 30.79
N LEU A 658 14.88 -12.99 29.55
CA LEU A 658 13.87 -12.30 28.75
C LEU A 658 13.21 -13.35 27.88
N ASN A 659 12.26 -14.07 28.46
CA ASN A 659 11.59 -15.14 27.73
C ASN A 659 10.84 -14.57 26.54
N PHE A 660 10.99 -15.21 25.39
CA PHE A 660 10.44 -14.69 24.16
C PHE A 660 9.43 -15.67 23.57
N ILE A 661 8.54 -15.13 22.73
CA ILE A 661 7.57 -15.90 21.97
C ILE A 661 7.37 -15.18 20.65
N ALA A 662 6.99 -15.91 19.60
CA ALA A 662 6.63 -15.21 18.37
C ALA A 662 5.38 -15.84 17.77
N PRO A 663 4.59 -15.06 17.03
CA PRO A 663 3.54 -15.69 16.20
C PRO A 663 4.05 -16.74 15.23
N ASP A 664 5.22 -16.54 14.63
CA ASP A 664 5.78 -17.56 13.73
C ASP A 664 7.30 -17.53 13.81
N LYS A 665 7.93 -18.37 13.00
CA LYS A 665 9.34 -18.72 13.17
C LYS A 665 10.29 -17.95 12.26
N HIS A 666 9.84 -17.48 11.10
CA HIS A 666 10.71 -16.60 10.32
C HIS A 666 11.03 -15.34 11.09
N GLU A 667 10.04 -14.80 11.80
CA GLU A 667 10.33 -13.65 12.64
C GLU A 667 11.06 -14.07 13.90
N TYR A 668 10.97 -15.34 14.29
CA TYR A 668 11.90 -15.86 15.29
C TYR A 668 13.33 -15.71 14.78
N CYS A 669 13.57 -16.06 13.52
CA CYS A 669 14.88 -15.84 12.92
C CYS A 669 15.23 -14.36 12.93
N ILE A 670 14.24 -13.53 12.61
CA ILE A 670 14.43 -12.08 12.61
C ILE A 670 14.97 -11.62 13.95
N TRP A 671 14.21 -11.89 15.01
CA TRP A 671 14.60 -11.44 16.35
C TRP A 671 15.92 -12.05 16.78
N THR A 672 16.13 -13.33 16.47
CA THR A 672 17.38 -13.98 16.84
C THR A 672 18.55 -13.21 16.26
N ASP A 673 18.62 -13.08 14.95
CA ASP A 673 19.78 -12.40 14.41
C ASP A 673 19.80 -10.91 14.71
N GLY A 674 18.65 -10.31 15.07
CA GLY A 674 18.69 -8.94 15.54
C GLY A 674 19.48 -8.82 16.84
N LEU A 675 19.09 -9.61 17.83
CA LEU A 675 19.84 -9.65 19.08
C LEU A 675 21.26 -10.15 18.84
N ASN A 676 21.44 -10.97 17.81
CA ASN A 676 22.75 -11.51 17.48
C ASN A 676 23.67 -10.40 17.02
N ALA A 677 23.22 -9.57 16.08
CA ALA A 677 23.99 -8.41 15.67
C ALA A 677 24.18 -7.46 16.83
N LEU A 678 23.20 -7.37 17.73
CA LEU A 678 23.29 -6.44 18.85
C LEU A 678 24.55 -6.65 19.69
N LEU A 679 25.26 -7.77 19.50
CA LEU A 679 26.48 -8.04 20.24
C LEU A 679 27.72 -8.10 19.35
N GLY A 680 27.59 -7.79 18.07
CA GLY A 680 28.71 -7.98 17.17
C GLY A 680 29.15 -9.41 17.02
N LYS A 681 28.20 -10.34 16.92
CA LYS A 681 28.49 -11.76 16.80
C LYS A 681 27.70 -12.36 15.65
N ASP A 682 28.16 -13.52 15.18
CA ASP A 682 27.83 -14.00 13.83
C ASP A 682 26.36 -14.33 13.68
N MET A 683 25.86 -14.15 12.45
CA MET A 683 24.46 -14.32 12.14
C MET A 683 24.08 -15.80 12.11
N MET A 684 23.03 -16.14 12.85
CA MET A 684 22.53 -17.50 12.97
C MET A 684 21.06 -17.63 12.57
N SER A 685 20.67 -17.08 11.42
CA SER A 685 19.35 -17.33 10.85
C SER A 685 19.49 -18.12 9.57
N ASP A 686 18.63 -19.14 9.41
CA ASP A 686 18.59 -19.82 8.13
C ASP A 686 18.24 -18.87 7.00
N LEU A 687 17.41 -17.85 7.27
CA LEU A 687 17.11 -16.86 6.25
C LEU A 687 18.34 -16.05 5.89
N THR A 688 19.24 -15.83 6.84
CA THR A 688 20.50 -15.17 6.53
C THR A 688 21.22 -15.90 5.41
N ARG A 689 21.61 -17.14 5.65
CA ARG A 689 22.26 -17.90 4.58
C ARG A 689 21.33 -18.17 3.42
N ASN A 690 20.04 -17.92 3.60
CA ASN A 690 19.08 -18.04 2.50
C ASN A 690 19.20 -16.89 1.51
N ASP A 691 19.34 -15.65 1.98
CA ASP A 691 19.17 -14.51 1.09
C ASP A 691 20.45 -13.81 0.67
N LEU A 692 21.58 -14.09 1.33
CA LEU A 692 22.85 -13.58 0.83
C LEU A 692 23.04 -13.92 -0.64
N ASP A 693 22.73 -15.17 -1.00
CA ASP A 693 22.97 -15.66 -2.36
C ASP A 693 22.50 -14.66 -3.41
N THR A 694 21.20 -14.38 -3.42
CA THR A 694 20.64 -13.56 -4.49
C THR A 694 21.25 -12.16 -4.49
N LEU A 695 21.31 -11.52 -3.32
CA LEU A 695 21.87 -10.18 -3.25
C LEU A 695 23.34 -10.20 -3.63
N LEU A 696 24.08 -11.18 -3.13
CA LEU A 696 25.45 -11.38 -3.58
C LEU A 696 25.47 -11.65 -5.08
N SER A 697 24.55 -12.49 -5.55
CA SER A 697 24.45 -12.76 -6.97
C SER A 697 24.14 -11.49 -7.75
N MET A 698 23.22 -10.66 -7.22
CA MET A 698 22.91 -9.41 -7.90
C MET A 698 24.14 -8.53 -8.01
N GLU A 699 24.88 -8.37 -6.92
CA GLU A 699 26.04 -7.50 -6.98
C GLU A 699 27.05 -8.02 -7.98
N ILE A 700 27.31 -9.32 -7.97
CA ILE A 700 28.34 -9.83 -8.87
C ILE A 700 27.88 -9.75 -10.32
N LYS A 701 26.60 -10.01 -10.58
CA LYS A 701 26.11 -9.93 -11.95
C LYS A 701 26.13 -8.49 -12.45
N LEU A 702 25.79 -7.53 -11.61
CA LEU A 702 25.89 -6.15 -12.06
C LEU A 702 27.34 -5.73 -12.20
N ARG A 703 28.23 -6.31 -11.40
CA ARG A 703 29.63 -5.95 -11.51
C ARG A 703 30.23 -6.50 -12.80
N LEU A 704 29.72 -7.62 -13.27
CA LEU A 704 30.24 -8.24 -14.48
C LEU A 704 29.57 -7.74 -15.76
N LEU A 705 28.79 -6.66 -15.68
CA LEU A 705 28.14 -6.14 -16.88
C LEU A 705 29.14 -5.82 -17.99
N ASP A 706 30.43 -5.74 -17.64
CA ASP A 706 31.46 -5.44 -18.62
C ASP A 706 32.11 -6.69 -19.20
N LEU A 707 31.66 -7.88 -18.81
CA LEU A 707 32.39 -9.09 -19.11
C LEU A 707 31.52 -10.13 -19.79
N GLU A 708 30.78 -9.72 -20.81
CA GLU A 708 29.85 -10.59 -21.49
C GLU A 708 30.46 -11.15 -22.77
N ASN A 709 30.27 -12.46 -22.99
CA ASN A 709 30.77 -13.15 -24.17
C ASN A 709 32.28 -13.05 -24.27
N ILE A 710 32.95 -13.23 -23.13
CA ILE A 710 34.40 -13.22 -23.03
C ILE A 710 34.82 -14.41 -22.16
N GLN A 711 36.11 -14.71 -22.19
CA GLN A 711 36.66 -15.82 -21.41
C GLN A 711 37.87 -15.36 -20.60
N ILE A 712 37.92 -15.77 -19.35
CA ILE A 712 39.06 -15.51 -18.48
C ILE A 712 39.46 -16.81 -17.80
N PRO A 713 40.76 -17.09 -17.62
CA PRO A 713 41.16 -18.23 -16.79
C PRO A 713 41.38 -17.83 -15.34
N ASP A 714 41.71 -18.81 -14.48
CA ASP A 714 42.17 -18.49 -13.14
C ASP A 714 43.56 -17.86 -13.19
N ALA A 715 44.39 -18.31 -14.09
CA ALA A 715 45.75 -17.80 -14.20
C ALA A 715 45.73 -16.36 -14.71
N PRO A 716 46.25 -15.40 -13.97
CA PRO A 716 46.35 -14.04 -14.49
C PRO A 716 47.36 -13.98 -15.63
N PRO A 717 47.23 -13.02 -16.52
CA PRO A 717 48.24 -12.83 -17.57
C PRO A 717 49.55 -12.35 -16.95
N PRO A 718 50.67 -12.55 -17.66
CA PRO A 718 51.95 -12.07 -17.15
C PRO A 718 51.97 -10.56 -17.03
N ILE A 719 52.74 -10.08 -16.06
CA ILE A 719 52.73 -8.68 -15.65
C ILE A 719 53.95 -7.99 -16.24
N PRO A 720 53.78 -6.97 -17.09
CA PRO A 720 54.93 -6.21 -17.57
C PRO A 720 55.56 -5.39 -16.45
N LYS A 721 56.60 -4.61 -16.75
CA LYS A 721 57.28 -3.81 -15.74
C LYS A 721 57.11 -2.33 -16.01
N GLU A 722 57.14 -1.55 -14.92
CA GLU A 722 56.98 -0.11 -15.02
C GLU A 722 58.33 0.55 -15.19
N PRO A 723 58.61 1.24 -16.29
CA PRO A 723 59.86 1.99 -16.42
C PRO A 723 59.90 3.20 -15.50
N SER A 724 61.09 3.79 -15.38
CA SER A 724 61.39 4.80 -14.39
C SER A 724 61.20 6.23 -14.89
N ASN A 725 60.27 6.46 -15.82
CA ASN A 725 59.94 7.81 -16.27
C ASN A 725 58.70 8.32 -15.54
N TYR A 726 58.80 8.36 -14.20
CA TYR A 726 57.64 8.26 -13.33
C TYR A 726 56.67 9.44 -13.41
N ASP A 727 57.04 10.55 -14.04
CA ASP A 727 56.06 11.61 -14.27
C ASP A 727 55.47 11.49 -15.67
N PHE A 728 54.22 11.92 -15.83
CA PHE A 728 53.54 11.80 -17.11
C PHE A 728 54.12 12.78 -18.14
N VAL A 729 53.73 12.56 -19.39
CA VAL A 729 53.80 13.62 -20.40
C VAL A 729 52.71 14.66 -20.11
N TYR A 730 51.45 14.24 -20.18
CA TYR A 730 50.33 15.01 -19.68
C TYR A 730 50.05 14.57 -18.25
N ASP A 731 50.41 15.42 -17.29
CA ASP A 731 50.32 15.07 -15.88
C ASP A 731 48.87 14.74 -15.48
N CYS A 732 48.72 14.22 -14.27
CA CYS A 732 47.42 13.94 -13.71
C CYS A 732 46.57 15.20 -13.71
N ASN A 733 45.31 15.06 -14.14
CA ASN A 733 44.37 16.17 -14.25
C ASN A 733 44.84 17.18 -15.30
N MET B 7 54.32 8.77 -14.89
CA MET B 7 54.95 7.79 -15.75
C MET B 7 54.80 8.27 -17.20
N ALA B 8 55.92 8.55 -17.85
CA ALA B 8 55.96 9.38 -19.05
C ALA B 8 55.47 8.65 -20.31
N ARG B 9 55.82 9.19 -21.47
CA ARG B 9 55.61 8.56 -22.78
C ARG B 9 54.13 8.22 -22.98
N TRP B 10 53.35 9.28 -23.11
CA TRP B 10 51.91 9.15 -23.19
C TRP B 10 51.44 9.61 -24.57
N ILE B 11 50.90 8.67 -25.35
CA ILE B 11 50.34 8.95 -26.65
C ILE B 11 48.83 8.79 -26.54
N PRO B 12 48.04 9.83 -26.79
CA PRO B 12 46.59 9.72 -26.65
C PRO B 12 45.89 9.29 -27.93
N THR B 13 44.72 8.69 -27.75
CA THR B 13 43.78 8.47 -28.83
C THR B 13 42.41 8.18 -28.22
N LYS B 14 41.37 8.74 -28.82
CA LYS B 14 40.01 8.51 -28.32
C LYS B 14 39.64 7.03 -28.32
N ARG B 15 40.32 6.22 -29.14
CA ARG B 15 40.06 4.80 -29.17
C ARG B 15 40.15 4.16 -27.80
N GLN B 16 41.12 4.57 -26.98
CA GLN B 16 41.45 3.85 -25.77
C GLN B 16 40.75 4.35 -24.53
N LYS B 17 40.03 5.47 -24.61
CA LYS B 17 39.46 6.10 -23.42
C LYS B 17 38.46 5.21 -22.69
N TYR B 18 38.12 4.06 -23.27
CA TYR B 18 37.07 3.20 -22.71
C TYR B 18 37.54 1.75 -22.74
N GLY B 19 37.93 1.24 -21.58
CA GLY B 19 38.32 -0.15 -21.44
C GLY B 19 37.93 -0.68 -20.09
N VAL B 20 38.25 -1.96 -19.85
CA VAL B 20 37.99 -2.61 -18.58
C VAL B 20 39.21 -3.45 -18.20
N ALA B 21 39.14 -4.10 -17.05
CA ALA B 21 40.21 -4.92 -16.52
C ALA B 21 39.81 -6.38 -16.53
N ILE B 22 40.83 -7.25 -16.50
CA ILE B 22 40.58 -8.68 -16.57
C ILE B 22 40.05 -9.19 -15.24
N TYR B 23 40.69 -8.79 -14.15
CA TYR B 23 40.30 -9.24 -12.81
C TYR B 23 40.92 -8.29 -11.81
N ASN B 24 40.95 -8.70 -10.54
CA ASN B 24 41.65 -7.95 -9.51
C ASN B 24 43.06 -7.63 -9.97
N TYR B 25 43.57 -6.53 -9.45
CA TYR B 25 44.88 -6.02 -9.75
C TYR B 25 45.84 -6.43 -8.64
N ASN B 26 47.04 -5.86 -8.63
CA ASN B 26 47.97 -6.00 -7.51
C ASN B 26 48.23 -4.63 -6.90
N ALA B 27 48.61 -4.63 -5.62
CA ALA B 27 48.91 -3.41 -4.88
C ALA B 27 50.40 -3.10 -4.82
N SER B 28 51.16 -3.43 -5.87
CA SER B 28 52.61 -3.26 -5.83
C SER B 28 53.00 -1.79 -5.69
N GLN B 29 52.48 -0.94 -6.55
CA GLN B 29 52.77 0.48 -6.52
C GLN B 29 51.65 1.23 -5.79
N ASP B 30 51.68 2.57 -5.88
CA ASP B 30 50.69 3.37 -5.18
C ASP B 30 49.36 3.42 -5.92
N VAL B 31 49.35 4.01 -7.13
CA VAL B 31 48.12 4.06 -7.92
C VAL B 31 47.79 2.72 -8.55
N GLU B 32 48.63 1.72 -8.33
CA GLU B 32 48.40 0.34 -8.77
C GLU B 32 47.96 -0.44 -7.53
N LEU B 33 46.66 -0.48 -7.29
CA LEU B 33 46.08 -1.26 -6.21
C LEU B 33 45.18 -2.33 -6.80
N SER B 34 44.81 -3.31 -5.99
CA SER B 34 44.08 -4.46 -6.51
C SER B 34 42.66 -4.06 -6.89
N LEU B 35 42.53 -3.31 -7.99
CA LEU B 35 41.24 -2.79 -8.40
C LEU B 35 40.31 -3.90 -8.87
N GLN B 36 39.08 -3.51 -9.19
CA GLN B 36 38.01 -4.46 -9.38
C GLN B 36 38.07 -5.10 -10.76
N ILE B 37 37.20 -6.07 -10.98
CA ILE B 37 37.22 -6.90 -12.17
C ILE B 37 36.81 -6.10 -13.40
N GLY B 38 35.55 -5.68 -13.44
CA GLY B 38 35.05 -5.00 -14.62
C GLY B 38 34.74 -3.54 -14.37
N ASP B 39 35.58 -2.66 -14.90
CA ASP B 39 35.45 -1.23 -14.67
C ASP B 39 35.72 -0.52 -15.99
N THR B 40 34.72 0.20 -16.50
CA THR B 40 34.94 1.08 -17.64
C THR B 40 35.83 2.23 -17.20
N VAL B 41 37.10 2.20 -17.59
CA VAL B 41 38.07 3.15 -17.10
C VAL B 41 38.51 4.06 -18.24
N HIS B 42 38.99 5.24 -17.85
CA HIS B 42 39.38 6.27 -18.80
C HIS B 42 40.86 6.09 -19.11
N ILE B 43 41.13 5.22 -20.08
CA ILE B 43 42.51 5.01 -20.54
C ILE B 43 42.74 6.07 -21.62
N LEU B 44 43.06 7.28 -21.16
CA LEU B 44 43.17 8.40 -22.09
C LEU B 44 44.41 8.29 -22.96
N GLU B 45 45.50 7.78 -22.40
CA GLU B 45 46.79 7.83 -23.07
C GLU B 45 47.45 6.47 -22.99
N MET B 46 48.42 6.23 -23.88
CA MET B 46 49.05 4.93 -24.03
C MET B 46 50.56 5.06 -23.87
N TYR B 47 51.19 3.91 -23.58
CA TYR B 47 52.57 3.83 -23.11
C TYR B 47 53.15 2.50 -23.58
N GLU B 48 54.44 2.28 -23.29
CA GLU B 48 55.04 0.97 -23.54
C GLU B 48 54.37 -0.13 -22.72
N GLY B 49 54.46 -0.03 -21.39
CA GLY B 49 54.09 -1.14 -20.55
C GLY B 49 52.82 -1.02 -19.74
N TRP B 50 52.38 0.21 -19.45
CA TRP B 50 51.22 0.41 -18.60
C TRP B 50 50.47 1.64 -19.06
N TYR B 51 49.16 1.52 -19.24
CA TYR B 51 48.33 2.60 -19.73
C TYR B 51 47.63 3.31 -18.56
N ARG B 52 47.24 4.55 -18.79
CA ARG B 52 46.53 5.32 -17.79
C ARG B 52 45.17 4.69 -17.49
N GLY B 53 44.56 5.14 -16.41
CA GLY B 53 43.23 4.70 -16.03
C GLY B 53 42.53 5.66 -15.08
N TYR B 54 41.32 6.05 -15.41
CA TYR B 54 40.51 6.92 -14.56
C TYR B 54 39.16 6.23 -14.43
N THR B 55 38.86 5.74 -13.22
CA THR B 55 37.80 4.77 -13.03
C THR B 55 36.43 5.34 -13.39
N LEU B 56 35.47 4.42 -13.55
CA LEU B 56 34.07 4.80 -13.59
C LEU B 56 33.68 5.55 -12.33
N GLN B 57 34.20 5.11 -11.19
CA GLN B 57 33.85 5.74 -9.91
C GLN B 57 34.59 7.05 -9.70
N ASN B 58 35.67 7.29 -10.43
CA ASN B 58 36.32 8.60 -10.37
C ASN B 58 37.10 8.79 -11.67
N LYS B 59 36.55 9.64 -12.55
CA LYS B 59 37.25 10.05 -13.76
C LYS B 59 38.54 10.81 -13.46
N SER B 60 38.87 11.01 -12.18
CA SER B 60 40.10 11.68 -11.78
C SER B 60 41.02 10.81 -10.94
N LYS B 61 40.50 9.76 -10.29
CA LYS B 61 41.37 8.83 -9.57
C LYS B 61 42.29 8.13 -10.55
N LYS B 62 43.57 8.01 -10.18
CA LYS B 62 44.60 7.66 -11.13
C LYS B 62 45.04 6.21 -10.96
N GLY B 63 45.42 5.59 -12.07
CA GLY B 63 46.07 4.29 -12.06
C GLY B 63 46.68 3.98 -13.41
N ILE B 64 47.93 3.52 -13.43
CA ILE B 64 48.64 3.24 -14.67
C ILE B 64 48.63 1.73 -14.84
N PHE B 65 47.62 1.23 -15.54
CA PHE B 65 47.40 -0.21 -15.59
C PHE B 65 47.95 -0.80 -16.89
N PRO B 66 48.37 -2.06 -16.87
CA PRO B 66 49.09 -2.61 -18.01
C PRO B 66 48.15 -3.05 -19.11
N GLU B 67 48.63 -2.94 -20.35
CA GLU B 67 47.86 -3.39 -21.50
C GLU B 67 47.41 -4.83 -21.31
N THR B 68 48.28 -5.65 -20.73
CA THR B 68 47.95 -7.03 -20.46
C THR B 68 46.70 -7.15 -19.61
N TYR B 69 46.58 -6.31 -18.58
CA TYR B 69 45.47 -6.40 -17.67
C TYR B 69 44.28 -5.54 -18.08
N ILE B 70 44.40 -4.78 -19.17
CA ILE B 70 43.23 -4.27 -19.84
C ILE B 70 42.48 -5.47 -20.42
N HIS B 71 41.20 -5.57 -20.13
CA HIS B 71 40.44 -6.72 -20.59
C HIS B 71 40.04 -6.53 -22.05
N LEU B 72 39.13 -7.36 -22.53
CA LEU B 72 38.70 -7.29 -23.92
C LEU B 72 37.84 -6.05 -24.11
N LYS B 73 38.47 -4.88 -23.98
CA LYS B 73 37.76 -3.62 -24.22
C LYS B 73 38.78 -2.55 -24.59
N GLU B 74 38.92 -2.28 -25.89
CA GLU B 74 39.51 -1.04 -26.37
C GLU B 74 38.41 -0.09 -26.86
N ALA B 75 37.23 -0.20 -26.27
CA ALA B 75 36.03 0.42 -26.81
C ALA B 75 36.11 1.94 -26.70
N THR B 76 35.06 2.58 -27.21
CA THR B 76 34.97 4.03 -27.28
C THR B 76 33.49 4.39 -27.24
N VAL B 77 33.19 5.69 -27.36
CA VAL B 77 31.83 6.12 -27.66
C VAL B 77 31.47 5.86 -29.12
N GLU B 78 32.46 5.47 -29.93
CA GLU B 78 32.23 5.10 -31.32
C GLU B 78 31.79 3.64 -31.38
N ASP B 79 30.53 3.41 -31.78
CA ASP B 79 30.03 2.06 -31.93
C ASP B 79 30.60 1.34 -33.15
N LEU B 80 31.57 1.94 -33.84
CA LEU B 80 32.06 1.45 -35.13
C LEU B 80 33.46 0.85 -35.04
N GLY B 81 34.34 1.47 -34.26
CA GLY B 81 35.77 1.22 -34.42
C GLY B 81 36.20 -0.21 -34.12
N GLN B 82 36.26 -0.58 -32.84
CA GLN B 82 36.86 -1.87 -32.49
C GLN B 82 35.97 -3.04 -32.86
N HIS B 83 34.67 -2.78 -33.03
CA HIS B 83 33.65 -3.81 -33.26
C HIS B 83 33.61 -4.83 -32.13
N GLU B 84 34.20 -4.53 -30.99
CA GLU B 84 33.69 -5.11 -29.76
C GLU B 84 32.36 -4.47 -29.38
N THR B 85 31.99 -3.40 -30.07
CA THR B 85 30.60 -2.99 -30.28
C THR B 85 30.10 -3.77 -31.49
N VAL B 86 29.75 -5.04 -31.26
CA VAL B 86 29.58 -5.99 -32.36
C VAL B 86 28.48 -5.54 -33.33
N ILE B 87 27.33 -5.15 -32.80
CA ILE B 87 26.20 -4.79 -33.64
C ILE B 87 25.77 -3.38 -33.29
N PRO B 88 26.40 -2.36 -33.89
CA PRO B 88 26.08 -0.98 -33.52
C PRO B 88 24.62 -0.65 -33.75
N GLY B 89 24.19 0.46 -33.16
CA GLY B 89 22.79 0.86 -33.18
C GLY B 89 22.03 0.16 -32.08
N GLU B 90 22.33 -1.10 -31.84
CA GLU B 90 21.81 -1.80 -30.67
C GLU B 90 22.74 -1.69 -29.47
N LEU B 91 24.00 -1.34 -29.69
CA LEU B 91 24.83 -0.89 -28.57
C LEU B 91 24.17 0.20 -27.76
N PRO B 92 23.52 1.21 -28.34
CA PRO B 92 22.76 2.14 -27.50
C PRO B 92 21.81 1.39 -26.59
N LEU B 93 20.85 0.69 -27.19
CA LEU B 93 19.82 0.06 -26.38
C LEU B 93 20.43 -0.77 -25.26
N VAL B 94 21.48 -1.52 -25.55
CA VAL B 94 22.04 -2.35 -24.50
C VAL B 94 22.82 -1.51 -23.49
N GLN B 95 23.43 -0.40 -23.90
CA GLN B 95 24.23 0.35 -22.95
C GLN B 95 23.35 1.09 -21.95
N GLU B 96 22.29 1.74 -22.43
CA GLU B 96 21.35 2.25 -21.45
C GLU B 96 20.59 1.14 -20.74
N LEU B 97 20.47 -0.04 -21.34
CA LEU B 97 19.91 -1.18 -20.62
C LEU B 97 20.75 -1.50 -19.40
N THR B 98 22.06 -1.59 -19.59
CA THR B 98 22.97 -1.80 -18.48
C THR B 98 22.88 -0.68 -17.47
N SER B 99 22.86 0.56 -17.94
CA SER B 99 22.85 1.69 -17.02
C SER B 99 21.60 1.65 -16.14
N THR B 100 20.44 1.41 -16.75
CA THR B 100 19.22 1.36 -15.95
C THR B 100 19.22 0.17 -15.02
N LEU B 101 19.79 -0.96 -15.43
CA LEU B 101 19.87 -2.07 -14.49
C LEU B 101 20.75 -1.72 -13.30
N ARG B 102 21.83 -0.99 -13.54
CA ARG B 102 22.67 -0.57 -12.43
C ARG B 102 21.90 0.34 -11.48
N GLU B 103 21.16 1.30 -12.04
CA GLU B 103 20.39 2.19 -11.18
C GLU B 103 19.31 1.44 -10.43
N TRP B 104 18.66 0.47 -11.07
CA TRP B 104 17.65 -0.33 -10.39
C TRP B 104 18.26 -1.08 -9.24
N ALA B 105 19.41 -1.72 -9.46
CA ALA B 105 20.07 -2.44 -8.38
C ALA B 105 20.40 -1.49 -7.24
N VAL B 106 20.94 -0.31 -7.57
CA VAL B 106 21.26 0.65 -6.52
C VAL B 106 20.03 0.99 -5.70
N ILE B 107 18.93 1.34 -6.37
CA ILE B 107 17.78 1.83 -5.63
C ILE B 107 17.16 0.70 -4.80
N TRP B 108 16.97 -0.47 -5.39
CA TRP B 108 16.33 -1.51 -4.58
C TRP B 108 17.27 -2.01 -3.51
N ARG B 109 18.57 -1.80 -3.65
CA ARG B 109 19.48 -2.13 -2.57
C ARG B 109 18.99 -1.51 -1.27
N LYS B 110 18.55 -0.25 -1.33
CA LYS B 110 17.87 0.37 -0.21
C LYS B 110 16.35 0.23 -0.29
N LEU B 111 15.86 -0.79 -1.00
CA LEU B 111 14.47 -1.21 -0.91
C LEU B 111 14.29 -2.37 0.06
N TYR B 112 15.14 -2.45 1.08
CA TYR B 112 14.98 -3.42 2.15
C TYR B 112 14.07 -2.88 3.24
N VAL B 113 14.31 -1.63 3.69
CA VAL B 113 13.47 -1.00 4.68
C VAL B 113 12.13 -0.66 4.07
N ASN B 114 12.12 -0.36 2.77
CA ASN B 114 10.91 -0.51 1.99
C ASN B 114 10.70 -2.02 1.86
N ASN B 115 10.14 -2.61 2.92
CA ASN B 115 10.04 -4.07 2.97
C ASN B 115 8.96 -4.49 2.01
N LYS B 116 9.16 -4.15 0.74
CA LYS B 116 8.20 -4.35 -0.33
C LYS B 116 8.52 -5.62 -1.08
N LEU B 117 8.93 -6.64 -0.33
CA LEU B 117 9.41 -7.91 -0.84
C LEU B 117 8.56 -8.36 -2.01
N THR B 118 7.29 -7.99 -2.03
CA THR B 118 6.48 -8.23 -3.20
C THR B 118 7.08 -7.54 -4.42
N LEU B 119 7.02 -6.21 -4.45
CA LEU B 119 7.47 -5.51 -5.65
C LEU B 119 8.98 -5.59 -5.78
N PHE B 120 9.67 -5.74 -4.66
CA PHE B 120 11.09 -6.03 -4.68
C PHE B 120 11.38 -7.29 -5.48
N ARG B 121 10.62 -8.35 -5.20
CA ARG B 121 10.86 -9.59 -5.93
C ARG B 121 10.41 -9.49 -7.37
N GLN B 122 9.36 -8.74 -7.67
CA GLN B 122 9.10 -8.47 -9.09
C GLN B 122 10.26 -7.72 -9.73
N LEU B 123 10.92 -6.85 -8.98
CA LEU B 123 12.10 -6.21 -9.52
C LEU B 123 13.18 -7.23 -9.84
N GLN B 124 13.40 -8.18 -8.94
CA GLN B 124 14.37 -9.24 -9.25
C GLN B 124 13.94 -10.06 -10.46
N GLN B 125 12.65 -10.37 -10.56
CA GLN B 125 12.17 -11.14 -11.71
C GLN B 125 12.45 -10.38 -13.00
N MET B 126 12.08 -9.11 -13.04
CA MET B 126 12.37 -8.28 -14.19
C MET B 126 13.86 -8.16 -14.43
N THR B 127 14.66 -8.22 -13.37
CA THR B 127 16.11 -8.11 -13.51
C THR B 127 16.68 -9.33 -14.22
N TYR B 128 16.29 -10.52 -13.77
CA TYR B 128 16.71 -11.74 -14.46
C TYR B 128 16.20 -11.77 -15.89
N SER B 129 14.92 -11.43 -16.07
CA SER B 129 14.37 -11.34 -17.39
C SER B 129 15.19 -10.40 -18.25
N LEU B 130 15.66 -9.31 -17.66
CA LEU B 130 16.37 -8.31 -18.43
C LEU B 130 17.75 -8.78 -18.81
N ILE B 131 18.45 -9.44 -17.88
CA ILE B 131 19.78 -9.94 -18.20
C ILE B 131 19.68 -11.01 -19.28
N GLU B 132 18.68 -11.88 -19.21
CA GLU B 132 18.60 -12.92 -20.23
C GLU B 132 18.18 -12.32 -21.57
N TRP B 133 17.29 -11.34 -21.56
CA TRP B 133 16.92 -10.68 -22.80
C TRP B 133 18.13 -10.02 -23.43
N ARG B 134 18.88 -9.26 -22.65
CA ARG B 134 20.08 -8.63 -23.18
C ARG B 134 21.06 -9.67 -23.70
N SER B 135 21.17 -10.79 -22.99
CA SER B 135 22.06 -11.86 -23.45
C SER B 135 21.65 -12.35 -24.82
N GLN B 136 20.35 -12.62 -25.00
CA GLN B 136 19.87 -13.01 -26.32
C GLN B 136 20.19 -11.96 -27.36
N ILE B 137 20.09 -10.68 -26.98
CA ILE B 137 20.44 -9.62 -27.92
C ILE B 137 21.91 -9.72 -28.29
N LEU B 138 22.76 -9.97 -27.29
CA LEU B 138 24.17 -10.18 -27.57
C LEU B 138 24.37 -11.39 -28.47
N SER B 139 23.47 -12.37 -28.39
CA SER B 139 23.43 -13.40 -29.40
C SER B 139 22.73 -12.84 -30.62
N GLY B 140 23.28 -11.77 -31.19
CA GLY B 140 22.62 -11.07 -32.27
C GLY B 140 22.78 -11.76 -33.61
N THR B 141 22.62 -13.08 -33.61
CA THR B 141 22.45 -13.82 -34.85
C THR B 141 21.02 -13.82 -35.34
N LEU B 142 20.10 -13.28 -34.55
CA LEU B 142 18.68 -13.43 -34.85
C LEU B 142 18.28 -12.51 -36.01
N PRO B 143 17.20 -12.86 -36.71
CA PRO B 143 16.66 -11.95 -37.73
C PRO B 143 16.03 -10.71 -37.13
N LYS B 144 15.42 -9.89 -37.97
CA LYS B 144 15.13 -8.51 -37.60
C LYS B 144 13.82 -8.36 -36.85
N ASP B 145 12.79 -9.11 -37.24
CA ASP B 145 11.49 -8.97 -36.59
C ASP B 145 11.55 -9.37 -35.12
N GLU B 146 12.27 -10.44 -34.83
CA GLU B 146 12.43 -10.85 -33.43
C GLU B 146 13.10 -9.75 -32.63
N LEU B 147 14.15 -9.14 -33.18
CA LEU B 147 14.81 -8.03 -32.51
C LEU B 147 13.85 -6.89 -32.30
N ALA B 148 13.02 -6.59 -33.31
CA ALA B 148 12.04 -5.53 -33.16
C ALA B 148 11.11 -5.79 -31.98
N GLU B 149 10.51 -6.97 -31.95
CA GLU B 149 9.54 -7.27 -30.91
C GLU B 149 10.20 -7.29 -29.53
N LEU B 150 11.39 -7.88 -29.46
CA LEU B 150 12.17 -7.85 -28.23
C LEU B 150 12.43 -6.43 -27.79
N LYS B 151 12.84 -5.57 -28.72
CA LYS B 151 13.11 -4.18 -28.39
C LYS B 151 11.86 -3.51 -27.84
N LYS B 152 10.73 -3.79 -28.45
CA LYS B 152 9.48 -3.17 -28.01
C LYS B 152 9.16 -3.58 -26.57
N LYS B 153 9.23 -4.87 -26.29
CA LYS B 153 8.92 -5.26 -24.91
C LYS B 153 10.03 -4.86 -23.93
N VAL B 154 11.26 -4.66 -24.41
CA VAL B 154 12.31 -4.14 -23.55
C VAL B 154 11.99 -2.72 -23.12
N THR B 155 11.64 -1.87 -24.07
CA THR B 155 11.16 -0.54 -23.72
C THR B 155 10.00 -0.64 -22.74
N ALA B 156 9.09 -1.58 -22.99
CA ALA B 156 7.95 -1.77 -22.09
C ALA B 156 8.42 -2.01 -20.66
N LYS B 157 9.32 -2.98 -20.48
CA LYS B 157 9.74 -3.32 -19.13
C LYS B 157 10.54 -2.21 -18.50
N ILE B 158 11.35 -1.51 -19.28
CA ILE B 158 12.15 -0.41 -18.73
C ILE B 158 11.23 0.68 -18.21
N ASP B 159 10.27 1.12 -19.03
CA ASP B 159 9.36 2.16 -18.59
C ASP B 159 8.51 1.69 -17.42
N HIS B 160 8.07 0.43 -17.46
CA HIS B 160 7.43 -0.23 -16.34
C HIS B 160 8.19 0.02 -15.04
N GLY B 161 9.44 -0.44 -15.02
CA GLY B 161 10.24 -0.30 -13.82
C GLY B 161 10.41 1.15 -13.40
N ASN B 162 10.76 2.02 -14.35
CA ASN B 162 10.92 3.43 -14.01
C ASN B 162 9.64 3.99 -13.41
N ARG B 163 8.49 3.47 -13.83
CA ARG B 163 7.25 3.95 -13.26
C ARG B 163 7.12 3.53 -11.81
N MET B 164 7.10 2.22 -11.55
CA MET B 164 6.94 1.84 -10.16
C MET B 164 8.12 2.24 -9.29
N LEU B 165 9.29 2.45 -9.89
CA LEU B 165 10.42 2.92 -9.11
C LEU B 165 10.42 4.42 -8.92
N GLY B 166 9.46 5.13 -9.48
CA GLY B 166 9.49 6.57 -9.44
C GLY B 166 10.69 7.11 -10.18
N LEU B 167 10.90 6.63 -11.39
CA LEU B 167 12.02 7.06 -12.21
C LEU B 167 11.52 7.62 -13.53
N ASP B 168 12.37 8.46 -14.12
CA ASP B 168 11.99 9.35 -15.21
C ASP B 168 11.61 8.58 -16.45
N LEU B 169 10.86 9.22 -17.33
CA LEU B 169 10.41 8.62 -18.57
C LEU B 169 11.47 8.73 -19.66
N VAL B 170 11.50 7.72 -20.52
CA VAL B 170 12.34 7.74 -21.68
C VAL B 170 11.46 8.01 -22.90
N VAL B 171 12.10 8.21 -24.04
CA VAL B 171 11.45 8.78 -25.20
C VAL B 171 11.71 7.86 -26.38
N ARG B 172 11.40 8.31 -27.59
CA ARG B 172 11.94 7.71 -28.81
C ARG B 172 11.57 6.23 -28.92
N ASP B 173 10.28 6.00 -29.19
CA ASP B 173 9.72 4.67 -29.33
C ASP B 173 10.66 3.66 -30.00
N ASP B 174 11.31 4.05 -31.09
CA ASP B 174 12.11 3.14 -31.89
C ASP B 174 13.59 3.40 -31.72
N ASN B 175 14.37 2.34 -31.93
CA ASN B 175 15.82 2.36 -32.07
C ASN B 175 16.49 3.35 -31.12
N GLY B 176 16.30 3.14 -29.82
CA GLY B 176 17.15 3.84 -28.89
C GLY B 176 16.53 4.36 -27.62
N ASN B 177 15.21 4.58 -27.62
CA ASN B 177 14.51 5.08 -26.43
C ASN B 177 14.94 6.48 -26.05
N ILE B 178 15.90 7.06 -26.76
CA ILE B 178 16.42 8.34 -26.32
C ILE B 178 16.48 9.31 -27.47
N LEU B 179 16.52 8.80 -28.70
CA LEU B 179 17.08 9.53 -29.83
C LEU B 179 16.40 10.86 -30.09
N ASP B 180 15.43 11.23 -29.28
CA ASP B 180 14.73 12.50 -29.41
C ASP B 180 15.50 13.77 -29.03
N PRO B 181 16.51 13.74 -28.14
CA PRO B 181 16.83 14.95 -27.37
C PRO B 181 17.35 16.07 -28.22
N ASP B 182 17.55 15.83 -29.48
CA ASP B 182 18.20 16.52 -30.57
C ASP B 182 17.49 17.77 -30.95
N GLU B 183 16.59 18.13 -30.04
CA GLU B 183 15.58 19.18 -30.26
C GLU B 183 14.98 19.02 -31.65
N THR B 184 14.61 17.78 -31.95
CA THR B 184 13.96 17.38 -33.17
C THR B 184 12.65 18.13 -33.37
N SER B 185 11.70 17.92 -32.46
CA SER B 185 10.42 18.61 -32.52
C SER B 185 9.75 18.53 -31.16
N THR B 186 9.56 19.68 -30.52
CA THR B 186 8.85 19.70 -29.26
C THR B 186 7.49 19.04 -29.40
N ILE B 187 6.84 19.22 -30.54
CA ILE B 187 5.54 18.60 -30.71
C ILE B 187 5.67 17.10 -30.84
N ALA B 188 6.63 16.65 -31.65
CA ALA B 188 6.89 15.21 -31.72
C ALA B 188 7.31 14.70 -30.35
N LEU B 189 8.02 15.52 -29.60
CA LEU B 189 8.42 15.15 -28.26
C LEU B 189 7.20 14.94 -27.38
N PHE B 190 6.24 15.85 -27.49
CA PHE B 190 4.99 15.72 -26.76
C PHE B 190 4.24 14.49 -27.19
N LYS B 191 4.22 14.22 -28.49
CA LYS B 191 3.53 13.05 -28.98
C LYS B 191 4.11 11.79 -28.38
N ALA B 192 5.44 11.67 -28.43
CA ALA B 192 6.09 10.50 -27.84
C ALA B 192 5.78 10.42 -26.36
N HIS B 193 5.90 11.55 -25.66
CA HIS B 193 5.66 11.55 -24.22
C HIS B 193 4.24 11.10 -23.91
N GLU B 194 3.28 11.62 -24.65
CA GLU B 194 1.89 11.30 -24.36
C GLU B 194 1.58 9.85 -24.68
N VAL B 195 2.02 9.37 -25.84
CA VAL B 195 1.72 7.99 -26.18
C VAL B 195 2.41 7.04 -25.21
N ALA B 196 3.63 7.37 -24.81
CA ALA B 196 4.32 6.54 -23.83
C ALA B 196 3.63 6.59 -22.48
N SER B 197 3.18 7.76 -22.07
CA SER B 197 2.46 7.86 -20.81
C SER B 197 1.18 7.04 -20.87
N LYS B 198 0.49 7.07 -22.01
CA LYS B 198 -0.67 6.23 -22.18
C LYS B 198 -0.30 4.76 -22.05
N ARG B 199 0.83 4.38 -22.65
CA ARG B 199 1.36 3.05 -22.39
C ARG B 199 1.53 2.83 -20.90
N ILE B 200 1.88 3.88 -20.17
CA ILE B 200 2.14 3.74 -18.73
C ILE B 200 0.86 3.42 -17.97
N GLU B 201 -0.17 4.28 -18.10
CA GLU B 201 -1.37 3.99 -17.33
C GLU B 201 -2.05 2.72 -17.84
N GLU B 202 -2.09 2.53 -19.16
CA GLU B 202 -2.65 1.29 -19.68
C GLU B 202 -1.83 0.10 -19.22
N LYS B 203 -0.54 0.29 -18.99
CA LYS B 203 0.32 -0.77 -18.50
C LYS B 203 0.01 -1.09 -17.05
N ILE B 204 -0.23 -0.06 -16.24
CA ILE B 204 -0.59 -0.30 -14.84
C ILE B 204 -1.92 -1.03 -14.77
N GLN B 205 -2.89 -0.60 -15.57
CA GLN B 205 -4.20 -1.23 -15.51
C GLN B 205 -4.19 -2.62 -16.13
N GLU B 206 -3.36 -2.86 -17.15
CA GLU B 206 -3.23 -4.21 -17.67
C GLU B 206 -2.39 -5.08 -16.75
N GLU B 207 -1.55 -4.49 -15.90
CA GLU B 207 -0.85 -5.23 -14.87
C GLU B 207 -1.82 -5.67 -13.78
N LYS B 208 -2.73 -4.77 -13.38
CA LYS B 208 -3.80 -5.18 -12.46
C LYS B 208 -4.72 -6.20 -13.12
N SER B 209 -4.93 -6.08 -14.44
CA SER B 209 -5.72 -7.06 -15.18
C SER B 209 -5.07 -8.44 -15.13
N ILE B 210 -3.78 -8.50 -15.50
CA ILE B 210 -3.03 -9.74 -15.61
C ILE B 210 -2.52 -10.15 -14.24
N LEU B 211 -2.91 -9.40 -13.21
CA LEU B 211 -2.40 -9.61 -11.87
C LEU B 211 -3.29 -10.50 -11.02
N GLN B 212 -4.58 -10.60 -11.34
CA GLN B 212 -5.49 -11.45 -10.59
C GLN B 212 -5.99 -12.63 -11.40
N ASN B 213 -6.56 -12.38 -12.58
CA ASN B 213 -7.03 -13.43 -13.47
C ASN B 213 -6.46 -13.18 -14.85
N LEU B 214 -6.47 -14.22 -15.68
CA LEU B 214 -5.86 -14.16 -17.01
C LEU B 214 -6.81 -14.73 -18.06
N ASP B 215 -8.06 -14.29 -18.02
CA ASP B 215 -8.96 -14.44 -19.16
C ASP B 215 -8.77 -13.33 -20.19
N LEU B 216 -8.62 -12.09 -19.72
CA LEU B 216 -8.55 -10.95 -20.62
C LEU B 216 -7.39 -11.09 -21.59
N ARG B 217 -6.29 -11.70 -21.14
CA ARG B 217 -5.18 -11.95 -22.05
C ARG B 217 -5.56 -12.90 -23.16
N GLY B 218 -6.35 -13.94 -22.85
CA GLY B 218 -6.84 -14.82 -23.89
C GLY B 218 -7.74 -14.10 -24.87
N GLN B 219 -8.66 -13.27 -24.34
CA GLN B 219 -9.52 -12.47 -25.20
C GLN B 219 -8.69 -11.61 -26.15
N SER B 220 -7.70 -10.90 -25.61
CA SER B 220 -6.89 -10.00 -26.43
C SER B 220 -6.11 -10.75 -27.49
N ILE B 221 -5.36 -11.78 -27.07
CA ILE B 221 -4.49 -12.49 -28.02
C ILE B 221 -5.29 -13.18 -29.09
N PHE B 222 -6.48 -13.70 -28.76
CA PHE B 222 -7.35 -14.27 -29.77
C PHE B 222 -8.20 -13.23 -30.49
N SER B 223 -8.10 -11.96 -30.10
CA SER B 223 -8.81 -10.89 -30.80
C SER B 223 -7.92 -10.08 -31.75
N THR B 224 -6.59 -10.14 -31.59
CA THR B 224 -5.73 -9.46 -32.55
C THR B 224 -5.86 -10.08 -33.93
N ILE B 225 -5.48 -11.35 -34.07
CA ILE B 225 -5.63 -12.09 -35.32
C ILE B 225 -6.50 -13.30 -35.05
N HIS B 226 -7.36 -13.64 -36.02
CA HIS B 226 -8.38 -14.65 -35.84
C HIS B 226 -8.20 -15.81 -36.81
N THR B 227 -6.96 -16.27 -36.98
CA THR B 227 -6.67 -17.44 -37.82
C THR B 227 -6.41 -18.62 -36.88
N TYR B 228 -7.39 -19.52 -36.77
CA TYR B 228 -7.35 -20.57 -35.79
C TYR B 228 -7.42 -21.95 -36.44
N GLY B 229 -6.81 -22.92 -35.77
CA GLY B 229 -6.96 -24.31 -36.15
C GLY B 229 -7.21 -25.14 -34.90
N LEU B 230 -7.65 -26.36 -35.14
CA LEU B 230 -8.08 -27.27 -34.07
C LEU B 230 -7.02 -28.36 -33.90
N TYR B 231 -6.43 -28.43 -32.72
CA TYR B 231 -5.37 -29.38 -32.44
C TYR B 231 -5.98 -30.69 -31.97
N VAL B 232 -6.08 -31.67 -32.87
CA VAL B 232 -6.53 -33.00 -32.48
C VAL B 232 -5.35 -33.72 -31.85
N ASN B 233 -5.18 -33.56 -30.54
CA ASN B 233 -4.03 -34.10 -29.82
C ASN B 233 -4.33 -35.54 -29.42
N PHE B 234 -4.57 -36.35 -30.44
CA PHE B 234 -5.00 -37.73 -30.24
C PHE B 234 -3.84 -38.61 -29.83
N LYS B 235 -4.09 -39.49 -28.86
CA LYS B 235 -3.12 -40.51 -28.45
C LYS B 235 -3.63 -41.91 -28.74
N ASN B 236 -4.80 -42.27 -28.21
CA ASN B 236 -5.32 -43.62 -28.38
C ASN B 236 -6.83 -43.62 -28.30
N PHE B 237 -7.45 -44.53 -29.03
CA PHE B 237 -8.90 -44.73 -29.00
C PHE B 237 -9.24 -45.87 -28.06
N VAL B 238 -9.96 -45.55 -26.98
CA VAL B 238 -10.27 -46.53 -25.94
C VAL B 238 -11.62 -47.14 -26.29
N CYS B 239 -11.59 -48.14 -27.19
CA CYS B 239 -12.73 -48.97 -27.53
C CYS B 239 -12.33 -50.02 -28.55
N ASN B 240 -13.24 -50.93 -28.87
CA ASN B 240 -12.92 -52.02 -29.78
C ASN B 240 -14.17 -52.45 -30.53
N ILE B 241 -14.12 -52.34 -31.86
CA ILE B 241 -15.27 -52.63 -32.72
C ILE B 241 -15.06 -53.93 -33.49
N GLY B 242 -13.84 -54.21 -33.93
CA GLY B 242 -13.51 -55.41 -34.65
C GLY B 242 -13.37 -55.22 -36.14
N GLU B 243 -13.90 -54.15 -36.69
CA GLU B 243 -13.78 -53.81 -38.10
C GLU B 243 -13.02 -52.50 -38.25
N ASP B 244 -12.76 -52.11 -39.49
CA ASP B 244 -11.95 -50.92 -39.76
C ASP B 244 -12.79 -49.69 -39.44
N ALA B 245 -12.94 -49.43 -38.15
CA ALA B 245 -13.66 -48.24 -37.72
C ALA B 245 -12.94 -46.99 -38.18
N GLU B 246 -13.68 -46.07 -38.80
CA GLU B 246 -13.09 -44.90 -39.45
C GLU B 246 -13.49 -43.64 -38.70
N LEU B 247 -12.48 -42.85 -38.34
CA LEU B 247 -12.67 -41.66 -37.52
C LEU B 247 -13.02 -40.47 -38.39
N PHE B 248 -14.13 -39.81 -38.07
CA PHE B 248 -14.58 -38.60 -38.77
C PHE B 248 -14.90 -37.55 -37.72
N MET B 249 -13.97 -36.66 -37.46
CA MET B 249 -14.26 -35.47 -36.69
C MET B 249 -14.89 -34.41 -37.59
N ALA B 250 -15.59 -33.46 -36.98
CA ALA B 250 -16.22 -32.35 -37.70
C ALA B 250 -16.71 -31.32 -36.69
N LEU B 251 -17.17 -30.18 -37.22
CA LEU B 251 -17.68 -29.10 -36.38
C LEU B 251 -19.14 -28.82 -36.68
N TYR B 252 -19.90 -28.56 -35.63
CA TYR B 252 -21.31 -28.24 -35.72
C TYR B 252 -21.67 -27.28 -34.60
N ASP B 253 -22.51 -26.31 -34.91
CA ASP B 253 -23.00 -25.40 -33.88
C ASP B 253 -24.25 -25.99 -33.25
N PRO B 254 -24.24 -26.26 -31.94
CA PRO B 254 -25.49 -26.69 -31.28
C PRO B 254 -26.62 -25.70 -31.49
N ASP B 255 -26.31 -24.46 -31.83
CA ASP B 255 -27.27 -23.37 -31.88
C ASP B 255 -27.68 -23.04 -33.31
N GLN B 256 -26.69 -22.84 -34.19
CA GLN B 256 -26.99 -22.45 -35.56
C GLN B 256 -27.62 -23.57 -36.37
N SER B 257 -27.64 -24.80 -35.84
CA SER B 257 -28.21 -25.95 -36.54
C SER B 257 -27.53 -26.22 -37.87
N THR B 258 -26.25 -25.85 -37.97
CA THR B 258 -25.47 -26.08 -39.18
C THR B 258 -24.04 -26.43 -38.78
N PHE B 259 -23.36 -27.12 -39.68
CA PHE B 259 -21.98 -27.55 -39.48
C PHE B 259 -21.01 -26.47 -39.97
N ILE B 260 -19.74 -26.65 -39.63
CA ILE B 260 -18.78 -25.56 -39.78
C ILE B 260 -17.63 -25.95 -40.71
N SER B 261 -16.85 -26.96 -40.35
CA SER B 261 -15.70 -27.37 -41.14
C SER B 261 -15.96 -28.73 -41.78
N GLU B 262 -14.94 -29.28 -42.42
CA GLU B 262 -15.02 -30.62 -43.00
C GLU B 262 -14.09 -31.57 -42.26
N ASN B 263 -14.25 -32.85 -42.56
CA ASN B 263 -13.74 -33.93 -41.73
C ASN B 263 -12.26 -34.18 -41.97
N TYR B 264 -11.78 -35.31 -41.44
CA TYR B 264 -10.54 -35.95 -41.84
C TYR B 264 -10.69 -37.44 -41.60
N LEU B 265 -10.34 -38.24 -42.61
CA LEU B 265 -10.37 -39.69 -42.48
C LEU B 265 -9.13 -40.17 -41.75
N ILE B 266 -9.34 -40.96 -40.69
CA ILE B 266 -8.25 -41.60 -39.97
C ILE B 266 -8.56 -43.09 -39.88
N ARG B 267 -7.70 -43.90 -40.51
CA ARG B 267 -7.86 -45.35 -40.54
C ARG B 267 -7.37 -45.90 -39.20
N TRP B 268 -8.27 -45.94 -38.23
CA TRP B 268 -8.01 -46.61 -36.97
C TRP B 268 -8.38 -48.08 -37.09
N GLY B 269 -7.62 -48.93 -36.39
CA GLY B 269 -7.71 -50.36 -36.57
C GLY B 269 -8.86 -51.00 -35.81
N SER B 270 -8.85 -52.33 -35.80
CA SER B 270 -9.99 -53.13 -35.39
C SER B 270 -9.90 -53.62 -33.95
N ASN B 271 -8.97 -53.10 -33.16
CA ASN B 271 -8.83 -53.53 -31.76
C ASN B 271 -8.49 -52.35 -30.86
N GLY B 272 -8.91 -51.15 -31.25
CA GLY B 272 -8.48 -49.97 -30.53
C GLY B 272 -7.06 -49.54 -30.83
N MET B 273 -6.42 -50.19 -31.79
CA MET B 273 -5.12 -49.85 -32.32
C MET B 273 -5.29 -49.12 -33.66
N PRO B 274 -4.22 -48.50 -34.19
CA PRO B 274 -4.35 -47.84 -35.49
C PRO B 274 -4.04 -48.81 -36.63
N LYS B 275 -4.93 -48.82 -37.63
CA LYS B 275 -4.63 -49.53 -38.87
C LYS B 275 -3.37 -48.98 -39.51
N GLU B 276 -3.26 -47.65 -39.58
CA GLU B 276 -2.03 -46.97 -39.98
C GLU B 276 -1.43 -46.38 -38.72
N ILE B 277 -0.41 -47.05 -38.18
CA ILE B 277 0.19 -46.67 -36.91
C ILE B 277 1.06 -45.43 -37.10
N GLU B 278 1.10 -44.91 -38.33
CA GLU B 278 1.81 -43.66 -38.57
C GLU B 278 1.20 -42.52 -37.78
N LYS B 279 -0.14 -42.49 -37.71
CA LYS B 279 -0.86 -41.56 -36.88
C LYS B 279 -1.17 -42.12 -35.50
N LEU B 280 -0.36 -43.06 -35.00
CA LEU B 280 -0.55 -43.56 -33.64
C LEU B 280 -0.15 -42.51 -32.61
N ASN B 281 0.92 -41.77 -32.87
CA ASN B 281 1.52 -40.89 -31.88
C ASN B 281 1.59 -39.43 -32.31
N ASN B 282 1.89 -39.17 -33.58
CA ASN B 282 2.23 -37.83 -34.04
C ASN B 282 1.03 -37.08 -34.63
N LEU B 283 -0.17 -37.33 -34.10
CA LEU B 283 -1.36 -36.61 -34.57
C LEU B 283 -1.33 -35.17 -34.07
N GLN B 284 -0.78 -34.29 -34.91
CA GLN B 284 -0.95 -32.85 -34.79
C GLN B 284 -1.88 -32.43 -35.90
N ALA B 285 -3.01 -31.80 -35.54
CA ALA B 285 -4.01 -31.40 -36.51
C ALA B 285 -4.33 -29.92 -36.32
N VAL B 286 -4.75 -29.28 -37.40
CA VAL B 286 -5.15 -27.87 -37.41
C VAL B 286 -6.24 -27.68 -38.44
N PHE B 287 -7.42 -27.26 -37.99
CA PHE B 287 -8.59 -27.14 -38.85
C PHE B 287 -8.87 -25.64 -39.03
N THR B 288 -8.36 -25.07 -40.12
CA THR B 288 -8.20 -23.63 -40.22
C THR B 288 -9.53 -22.95 -40.54
N ASP B 289 -9.45 -21.66 -40.88
CA ASP B 289 -10.57 -20.79 -41.24
C ASP B 289 -11.51 -20.51 -40.07
N LEU B 290 -11.00 -20.49 -38.85
CA LEU B 290 -11.83 -20.21 -37.69
C LEU B 290 -11.41 -18.89 -37.05
N SER B 291 -12.41 -18.06 -36.72
CA SER B 291 -12.19 -16.71 -36.21
C SER B 291 -13.02 -16.50 -34.95
N SER B 292 -12.96 -15.28 -34.42
CA SER B 292 -13.84 -14.91 -33.32
C SER B 292 -15.25 -14.58 -33.79
N MET B 293 -15.43 -14.36 -35.10
CA MET B 293 -16.79 -14.41 -35.65
C MET B 293 -17.39 -15.80 -35.49
N ASP B 294 -16.61 -16.84 -35.73
CA ASP B 294 -17.04 -18.19 -35.42
C ASP B 294 -17.14 -18.43 -33.92
N LEU B 295 -16.37 -17.71 -33.11
CA LEU B 295 -16.45 -17.87 -31.67
C LEU B 295 -17.79 -17.41 -31.12
N ILE B 296 -18.31 -16.27 -31.59
CA ILE B 296 -19.51 -15.69 -31.00
C ILE B 296 -20.75 -16.53 -31.24
N ARG B 297 -20.64 -17.65 -31.95
CA ARG B 297 -21.73 -18.61 -31.96
C ARG B 297 -22.05 -18.98 -30.51
N PRO B 298 -23.32 -18.93 -30.10
CA PRO B 298 -23.61 -18.88 -28.65
C PRO B 298 -23.04 -20.06 -27.88
N ARG B 299 -23.06 -21.24 -28.48
CA ARG B 299 -22.48 -22.43 -27.89
C ARG B 299 -21.65 -23.12 -28.96
N VAL B 300 -20.43 -23.49 -28.62
CA VAL B 300 -19.47 -24.00 -29.60
C VAL B 300 -19.12 -25.43 -29.26
N SER B 301 -19.07 -26.28 -30.28
CA SER B 301 -18.91 -27.72 -30.10
C SER B 301 -18.17 -28.32 -31.28
N LEU B 302 -17.72 -29.56 -31.09
CA LEU B 302 -17.13 -30.37 -32.15
C LEU B 302 -17.84 -31.71 -32.20
N VAL B 303 -18.26 -32.12 -33.40
CA VAL B 303 -19.01 -33.35 -33.62
C VAL B 303 -18.11 -34.40 -34.25
N CYS B 304 -18.18 -35.63 -33.75
CA CYS B 304 -17.23 -36.67 -34.14
C CYS B 304 -17.96 -37.99 -34.30
N GLN B 305 -18.37 -38.30 -35.53
CA GLN B 305 -19.00 -39.56 -35.85
C GLN B 305 -17.99 -40.51 -36.46
N ILE B 306 -18.03 -41.77 -36.03
CA ILE B 306 -17.06 -42.78 -36.44
C ILE B 306 -17.82 -43.99 -36.95
N VAL B 307 -17.46 -44.45 -38.15
CA VAL B 307 -18.13 -45.55 -38.84
C VAL B 307 -17.17 -46.71 -38.95
N ARG B 308 -17.73 -47.92 -38.97
CA ARG B 308 -16.96 -49.15 -39.15
C ARG B 308 -16.87 -49.51 -40.62
N VAL B 309 -15.70 -50.00 -41.03
CA VAL B 309 -15.46 -50.46 -42.40
C VAL B 309 -15.06 -51.92 -42.35
N GLY B 310 -15.61 -52.71 -43.28
CA GLY B 310 -15.36 -54.13 -43.28
C GLY B 310 -16.60 -54.91 -43.62
N HIS B 311 -16.99 -55.82 -42.73
CA HIS B 311 -18.25 -56.53 -42.89
C HIS B 311 -19.42 -55.54 -42.75
N MET B 312 -20.54 -55.88 -43.40
CA MET B 312 -21.72 -55.03 -43.30
C MET B 312 -22.22 -54.98 -41.85
N GLU B 313 -22.20 -56.11 -41.16
CA GLU B 313 -22.69 -56.20 -39.79
C GLU B 313 -21.74 -57.08 -38.99
N LEU B 314 -21.59 -56.76 -37.70
CA LEU B 314 -20.62 -57.44 -36.85
C LEU B 314 -21.18 -58.75 -36.30
N LYS B 315 -21.70 -59.60 -37.18
CA LYS B 315 -22.15 -60.93 -36.80
C LYS B 315 -21.80 -61.90 -37.90
N GLU B 316 -22.24 -63.15 -37.73
CA GLU B 316 -21.99 -64.18 -38.73
C GLU B 316 -23.29 -64.88 -39.13
N GLY B 317 -23.17 -65.98 -39.86
CA GLY B 317 -24.32 -66.66 -40.41
C GLY B 317 -24.29 -66.66 -41.93
N LYS B 318 -23.69 -65.63 -42.50
CA LYS B 318 -23.48 -65.53 -43.93
C LYS B 318 -22.26 -64.64 -44.17
N LYS B 319 -21.83 -64.56 -45.42
CA LYS B 319 -20.69 -63.74 -45.81
C LYS B 319 -21.18 -62.42 -46.39
N HIS B 320 -20.81 -61.32 -45.75
CA HIS B 320 -21.10 -59.98 -46.26
C HIS B 320 -19.91 -59.44 -47.04
N THR B 321 -20.14 -58.34 -47.74
CA THR B 321 -19.09 -57.71 -48.53
C THR B 321 -17.98 -57.18 -47.63
N CYS B 322 -16.74 -57.43 -48.03
CA CYS B 322 -15.62 -56.82 -47.35
C CYS B 322 -15.62 -55.31 -47.59
N GLY B 323 -15.43 -54.56 -46.51
CA GLY B 323 -15.34 -53.12 -46.61
C GLY B 323 -16.61 -52.41 -46.97
N LEU B 324 -17.67 -52.61 -46.20
CA LEU B 324 -18.86 -51.77 -46.27
C LEU B 324 -19.28 -51.30 -44.88
N ARG B 325 -20.07 -50.23 -44.87
CA ARG B 325 -20.09 -49.27 -43.78
C ARG B 325 -21.50 -49.14 -43.21
N ARG B 326 -21.59 -49.17 -41.88
CA ARG B 326 -22.78 -48.76 -41.16
C ARG B 326 -22.28 -47.86 -40.02
N PRO B 327 -22.85 -46.68 -39.82
CA PRO B 327 -22.31 -45.79 -38.79
C PRO B 327 -22.49 -46.42 -37.41
N PHE B 328 -21.71 -45.91 -36.45
CA PHE B 328 -21.63 -46.56 -35.15
C PHE B 328 -22.00 -45.66 -33.99
N GLY B 329 -21.66 -44.38 -34.05
CA GLY B 329 -22.03 -43.45 -33.01
C GLY B 329 -21.24 -42.16 -33.13
N VAL B 330 -21.55 -41.25 -32.22
CA VAL B 330 -21.01 -39.89 -32.26
C VAL B 330 -20.37 -39.56 -30.92
N ALA B 331 -19.16 -39.02 -30.96
CA ALA B 331 -18.43 -38.58 -29.77
C ALA B 331 -18.45 -37.06 -29.74
N VAL B 332 -18.99 -36.48 -28.68
CA VAL B 332 -19.29 -35.06 -28.63
C VAL B 332 -18.71 -34.43 -27.37
N MET B 333 -17.97 -33.34 -27.54
CA MET B 333 -17.70 -32.38 -26.48
C MET B 333 -17.85 -30.98 -27.02
N ASP B 334 -18.35 -30.08 -26.18
CA ASP B 334 -18.48 -28.68 -26.53
C ASP B 334 -17.20 -27.91 -26.21
N ILE B 335 -16.89 -26.93 -27.06
CA ILE B 335 -15.59 -26.26 -27.02
C ILE B 335 -15.77 -24.76 -26.93
N THR B 336 -16.84 -24.32 -26.25
CA THR B 336 -17.17 -22.89 -26.21
C THR B 336 -16.02 -22.07 -25.66
N ASP B 337 -15.67 -22.26 -24.39
CA ASP B 337 -14.55 -21.58 -23.79
C ASP B 337 -13.25 -22.37 -23.92
N ILE B 338 -13.34 -23.63 -24.38
CA ILE B 338 -12.14 -24.39 -24.67
C ILE B 338 -11.31 -23.69 -25.74
N ILE B 339 -11.97 -23.22 -26.79
CA ILE B 339 -11.28 -22.44 -27.81
C ILE B 339 -11.02 -21.01 -27.35
N HIS B 340 -11.64 -20.58 -26.25
CA HIS B 340 -11.30 -19.28 -25.70
C HIS B 340 -9.90 -19.25 -25.12
N GLY B 341 -9.32 -20.41 -24.83
CA GLY B 341 -7.94 -20.48 -24.38
C GLY B 341 -7.68 -19.82 -23.04
N LYS B 342 -8.61 -19.93 -22.10
CA LYS B 342 -8.33 -19.46 -20.75
C LYS B 342 -7.44 -20.44 -20.00
N VAL B 343 -7.58 -21.73 -20.26
CA VAL B 343 -6.75 -22.77 -19.66
C VAL B 343 -5.88 -23.37 -20.74
N ASP B 344 -4.57 -23.26 -20.57
CA ASP B 344 -3.59 -23.72 -21.56
C ASP B 344 -2.91 -24.97 -20.99
N ASP B 345 -3.34 -26.14 -21.49
CA ASP B 345 -2.95 -27.44 -20.94
C ASP B 345 -2.58 -28.37 -22.08
N GLU B 346 -1.27 -28.63 -22.24
CA GLU B 346 -0.80 -29.40 -23.39
C GLU B 346 -1.24 -30.86 -23.30
N GLU B 347 -1.02 -31.50 -22.15
CA GLU B 347 -1.23 -32.94 -22.05
C GLU B 347 -2.70 -33.32 -21.91
N LYS B 348 -3.51 -32.45 -21.32
CA LYS B 348 -4.80 -32.86 -20.77
C LYS B 348 -5.66 -33.52 -21.83
N GLN B 349 -5.86 -34.83 -21.69
CA GLN B 349 -6.65 -35.62 -22.64
C GLN B 349 -8.10 -35.65 -22.15
N HIS B 350 -8.82 -34.56 -22.43
CA HIS B 350 -10.23 -34.50 -22.13
C HIS B 350 -10.95 -35.67 -22.78
N PHE B 351 -11.78 -36.37 -22.01
CA PHE B 351 -12.49 -37.52 -22.53
C PHE B 351 -13.76 -37.12 -23.25
N ILE B 352 -13.91 -37.64 -24.47
CA ILE B 352 -15.09 -37.37 -25.30
C ILE B 352 -16.03 -38.56 -25.12
N PRO B 353 -17.17 -38.40 -24.45
CA PRO B 353 -18.04 -39.56 -24.23
C PRO B 353 -18.66 -40.03 -25.53
N PHE B 354 -18.18 -41.18 -26.01
CA PHE B 354 -18.52 -41.65 -27.35
C PHE B 354 -19.91 -42.25 -27.32
N GLN B 355 -20.92 -41.40 -27.52
CA GLN B 355 -22.27 -41.89 -27.75
C GLN B 355 -22.27 -42.77 -29.00
N GLN B 356 -22.91 -43.92 -28.90
CA GLN B 356 -22.92 -44.87 -30.00
C GLN B 356 -24.30 -45.51 -30.09
N ILE B 357 -24.61 -46.04 -31.27
CA ILE B 357 -25.92 -46.61 -31.52
C ILE B 357 -26.12 -47.82 -30.63
N ALA B 358 -27.24 -47.86 -29.92
CA ALA B 358 -27.47 -48.85 -28.87
C ALA B 358 -27.65 -50.23 -29.48
N MET B 359 -26.55 -50.96 -29.63
CA MET B 359 -26.63 -52.35 -30.11
C MET B 359 -26.88 -53.28 -28.94
N GLU B 360 -27.88 -52.94 -28.13
CA GLU B 360 -28.01 -53.47 -26.77
C GLU B 360 -29.38 -54.14 -26.65
N THR B 361 -29.41 -55.45 -26.89
CA THR B 361 -30.62 -56.26 -26.80
C THR B 361 -30.33 -57.52 -26.00
N TYR B 362 -29.66 -57.33 -24.85
CA TYR B 362 -29.30 -58.43 -23.95
C TYR B 362 -30.22 -58.49 -22.74
N ILE B 363 -30.53 -57.32 -22.16
CA ILE B 363 -31.34 -57.23 -20.95
C ILE B 363 -32.61 -56.42 -21.17
N ARG B 364 -32.68 -55.62 -22.24
CA ARG B 364 -33.79 -54.71 -22.46
C ARG B 364 -35.10 -55.42 -22.78
N GLN B 365 -35.07 -56.71 -23.13
CA GLN B 365 -36.27 -57.37 -23.62
C GLN B 365 -36.55 -58.70 -22.94
N ARG B 366 -35.49 -59.36 -22.44
CA ARG B 366 -35.62 -60.76 -22.03
C ARG B 366 -36.71 -60.97 -20.99
N GLN B 367 -36.89 -60.04 -20.06
CA GLN B 367 -37.89 -60.17 -19.00
C GLN B 367 -38.84 -58.98 -19.04
N LEU B 368 -39.88 -59.10 -19.87
CA LEU B 368 -41.07 -58.24 -19.81
C LEU B 368 -42.24 -59.20 -19.63
N ILE B 369 -42.77 -59.25 -18.40
CA ILE B 369 -43.67 -60.30 -17.96
C ILE B 369 -45.06 -59.72 -17.77
N MET B 370 -46.07 -60.59 -17.83
CA MET B 370 -47.49 -60.39 -17.53
C MET B 370 -48.28 -59.72 -18.65
N SER B 371 -47.73 -59.59 -19.85
CA SER B 371 -48.49 -59.02 -20.98
C SER B 371 -47.86 -59.39 -22.30
N PRO B 372 -47.81 -60.66 -22.70
CA PRO B 372 -47.06 -61.05 -23.90
C PRO B 372 -47.80 -60.81 -25.20
N LEU B 373 -47.44 -59.72 -25.89
CA LEU B 373 -47.78 -59.48 -27.29
C LEU B 373 -46.69 -58.53 -27.82
N ILE B 374 -45.66 -59.11 -28.44
CA ILE B 374 -44.46 -58.33 -28.77
C ILE B 374 -43.90 -58.72 -30.14
N THR B 375 -43.99 -57.80 -31.11
CA THR B 375 -43.39 -57.97 -32.44
C THR B 375 -42.86 -56.60 -32.86
N SER B 376 -41.54 -56.42 -32.78
CA SER B 376 -40.93 -55.15 -33.11
C SER B 376 -39.62 -55.38 -33.87
N HIS B 377 -38.96 -54.29 -34.22
CA HIS B 377 -37.73 -54.33 -35.01
C HIS B 377 -36.62 -53.56 -34.30
N VAL B 378 -35.49 -53.37 -34.97
CA VAL B 378 -34.30 -52.76 -34.39
C VAL B 378 -33.90 -51.54 -35.22
N ILE B 379 -33.65 -50.43 -34.56
CA ILE B 379 -33.19 -49.20 -35.22
C ILE B 379 -31.71 -49.06 -34.89
N GLY B 380 -30.86 -49.59 -35.77
CA GLY B 380 -29.43 -49.38 -35.65
C GLY B 380 -28.93 -48.38 -36.67
N GLU B 381 -29.37 -48.52 -37.92
CA GLU B 381 -29.11 -47.52 -38.95
C GLU B 381 -30.41 -46.99 -39.53
N ASN B 382 -31.51 -47.11 -38.78
CA ASN B 382 -32.80 -46.53 -39.13
C ASN B 382 -33.07 -45.28 -38.31
N GLU B 383 -32.02 -44.52 -38.04
CA GLU B 383 -32.00 -43.50 -36.99
C GLU B 383 -31.79 -42.13 -37.62
N PRO B 384 -32.67 -41.16 -37.36
CA PRO B 384 -32.54 -39.83 -37.98
C PRO B 384 -31.43 -39.02 -37.33
N LEU B 385 -30.61 -38.38 -38.16
CA LEU B 385 -29.38 -37.76 -37.70
C LEU B 385 -29.58 -36.45 -36.96
N THR B 386 -30.57 -35.65 -37.36
CA THR B 386 -30.86 -34.43 -36.60
C THR B 386 -31.22 -34.77 -35.17
N SER B 387 -32.08 -35.78 -34.99
CA SER B 387 -32.40 -36.28 -33.67
C SER B 387 -31.14 -36.65 -32.91
N VAL B 388 -30.26 -37.43 -33.55
CA VAL B 388 -29.06 -37.92 -32.87
C VAL B 388 -28.20 -36.75 -32.40
N LEU B 389 -27.91 -35.83 -33.32
CA LEU B 389 -27.00 -34.74 -33.03
C LEU B 389 -27.56 -33.83 -31.94
N ASN B 390 -28.80 -33.36 -32.13
CA ASN B 390 -29.39 -32.45 -31.17
C ASN B 390 -29.62 -33.13 -29.83
N LYS B 391 -29.92 -34.42 -29.82
CA LYS B 391 -30.07 -35.14 -28.56
C LYS B 391 -28.75 -35.19 -27.80
N VAL B 392 -27.69 -35.66 -28.46
CA VAL B 392 -26.40 -35.78 -27.78
C VAL B 392 -25.94 -34.43 -27.28
N ILE B 393 -26.27 -33.35 -28.00
CA ILE B 393 -26.04 -32.01 -27.45
C ILE B 393 -26.89 -31.80 -26.21
N ALA B 394 -28.17 -32.19 -26.27
CA ALA B 394 -29.11 -31.97 -25.18
C ALA B 394 -29.19 -33.13 -24.21
N ALA B 395 -28.51 -34.25 -24.49
CA ALA B 395 -28.41 -35.31 -23.51
C ALA B 395 -27.30 -34.97 -22.51
N LYS B 396 -27.70 -34.74 -21.25
CA LYS B 396 -26.78 -34.24 -20.24
C LYS B 396 -25.87 -35.31 -19.67
N GLU B 397 -26.06 -36.57 -20.03
CA GLU B 397 -25.15 -37.62 -19.60
C GLU B 397 -25.26 -38.81 -20.54
N VAL B 398 -24.12 -39.27 -21.02
CA VAL B 398 -24.02 -40.42 -21.91
C VAL B 398 -23.15 -41.46 -21.20
N ASN B 399 -23.74 -42.61 -20.88
CA ASN B 399 -23.01 -43.66 -20.16
C ASN B 399 -22.21 -44.45 -21.18
N HIS B 400 -20.97 -43.99 -21.39
CA HIS B 400 -20.14 -44.41 -22.51
C HIS B 400 -19.71 -45.87 -22.45
N LYS B 401 -19.90 -46.55 -21.32
CA LYS B 401 -19.43 -47.92 -21.13
C LYS B 401 -17.92 -48.01 -21.36
N GLY B 402 -17.19 -47.00 -20.90
CA GLY B 402 -15.75 -46.98 -21.05
C GLY B 402 -15.31 -46.92 -22.50
N GLN B 403 -15.92 -46.04 -23.28
CA GLN B 403 -15.61 -45.90 -24.69
C GLN B 403 -15.52 -44.41 -25.03
N GLY B 404 -14.53 -44.08 -25.87
CA GLY B 404 -14.28 -42.71 -26.28
C GLY B 404 -12.89 -42.58 -26.84
N LEU B 405 -12.28 -41.41 -26.70
CA LEU B 405 -10.90 -41.22 -27.13
C LEU B 405 -10.35 -39.98 -26.44
N TRP B 406 -9.13 -39.62 -26.80
CA TRP B 406 -8.31 -38.68 -26.02
C TRP B 406 -7.71 -37.64 -26.94
N VAL B 407 -8.02 -36.37 -26.72
CA VAL B 407 -7.37 -35.27 -27.42
C VAL B 407 -7.24 -34.09 -26.47
N SER B 408 -6.43 -33.12 -26.89
CA SER B 408 -6.36 -31.81 -26.26
C SER B 408 -6.43 -30.78 -27.37
N LEU B 409 -7.58 -30.15 -27.53
CA LEU B 409 -7.78 -29.19 -28.61
C LEU B 409 -7.11 -27.86 -28.28
N LYS B 410 -6.21 -27.43 -29.17
CA LYS B 410 -5.47 -26.20 -29.00
C LYS B 410 -5.77 -25.25 -30.16
N LEU B 411 -5.78 -23.96 -29.85
CA LEU B 411 -6.19 -22.92 -30.79
C LEU B 411 -5.00 -21.98 -31.00
N LEU B 412 -4.40 -22.05 -32.18
CA LEU B 412 -3.16 -21.33 -32.46
C LEU B 412 -3.43 -20.16 -33.40
N PRO B 413 -3.31 -18.92 -32.94
CA PRO B 413 -3.48 -17.77 -33.84
C PRO B 413 -2.44 -17.78 -34.95
N GLY B 414 -2.85 -17.22 -36.09
CA GLY B 414 -2.00 -17.20 -37.26
C GLY B 414 -2.26 -18.38 -38.18
N ASP B 415 -1.51 -18.43 -39.26
CA ASP B 415 -1.71 -19.42 -40.30
C ASP B 415 -0.48 -20.32 -40.39
N LEU B 416 -0.45 -21.13 -41.45
CA LEU B 416 0.60 -22.14 -41.65
C LEU B 416 2.00 -21.55 -41.45
N THR B 417 2.19 -20.26 -41.69
CA THR B 417 3.50 -19.66 -41.50
C THR B 417 3.94 -19.75 -40.04
N GLN B 418 3.09 -19.28 -39.13
CA GLN B 418 3.46 -19.29 -37.71
C GLN B 418 3.59 -20.71 -37.18
N VAL B 419 2.58 -21.54 -37.43
CA VAL B 419 2.57 -22.89 -36.85
C VAL B 419 3.66 -23.75 -37.46
N GLN B 420 4.06 -23.46 -38.70
CA GLN B 420 5.12 -24.21 -39.35
C GLN B 420 6.48 -23.52 -39.23
N LYS B 421 6.54 -22.40 -38.49
CA LYS B 421 7.80 -21.87 -37.99
C LYS B 421 7.83 -21.81 -36.47
N ASN B 422 6.84 -21.19 -35.83
CA ASN B 422 6.91 -20.99 -34.39
C ASN B 422 6.61 -22.28 -33.63
N PHE B 423 5.59 -23.02 -34.06
CA PHE B 423 5.00 -24.09 -33.27
C PHE B 423 5.33 -25.46 -33.84
N SER B 424 6.59 -25.66 -34.25
CA SER B 424 7.02 -26.97 -34.72
C SER B 424 6.74 -28.05 -33.68
N HIS B 425 6.76 -27.68 -32.39
CA HIS B 425 6.34 -28.59 -31.34
C HIS B 425 4.82 -28.78 -31.29
N LEU B 426 4.06 -27.82 -31.82
CA LEU B 426 2.61 -27.96 -31.93
C LEU B 426 2.15 -28.31 -33.33
N VAL B 427 2.89 -27.90 -34.36
CA VAL B 427 2.51 -28.12 -35.74
C VAL B 427 3.77 -28.41 -36.56
N ASP B 428 3.91 -29.65 -37.02
CA ASP B 428 4.99 -30.02 -37.92
C ASP B 428 4.49 -29.91 -39.37
N ARG B 429 5.33 -30.33 -40.31
CA ARG B 429 4.92 -30.31 -41.71
C ARG B 429 3.81 -31.32 -41.96
N SER B 430 3.93 -32.52 -41.40
CA SER B 430 2.93 -33.57 -41.58
C SER B 430 1.63 -33.27 -40.83
N THR B 431 1.61 -32.24 -40.00
CA THR B 431 0.39 -31.78 -39.36
C THR B 431 -0.73 -31.63 -40.39
N ALA B 432 -1.82 -32.36 -40.17
CA ALA B 432 -2.93 -32.35 -41.10
C ALA B 432 -3.64 -30.99 -41.04
N ILE B 433 -4.44 -30.73 -42.08
CA ILE B 433 -5.20 -29.51 -42.21
C ILE B 433 -6.63 -29.85 -42.60
N ALA B 434 -7.58 -29.11 -42.03
CA ALA B 434 -8.97 -29.12 -42.48
C ALA B 434 -9.36 -27.70 -42.82
N ARG B 435 -10.04 -27.53 -43.95
CA ARG B 435 -10.42 -26.21 -44.41
C ARG B 435 -11.91 -25.97 -44.18
N LYS B 436 -12.21 -25.09 -43.25
CA LYS B 436 -13.57 -24.82 -42.80
C LYS B 436 -14.38 -24.17 -43.91
N MET B 437 -15.71 -24.32 -43.81
CA MET B 437 -16.66 -23.73 -44.75
C MET B 437 -16.80 -22.24 -44.47
N GLY B 438 -15.72 -21.50 -44.71
CA GLY B 438 -15.81 -20.06 -44.55
C GLY B 438 -14.85 -19.25 -45.39
N PHE B 439 -15.38 -18.32 -46.15
CA PHE B 439 -14.55 -17.27 -46.69
C PHE B 439 -14.04 -16.43 -45.52
N PRO B 440 -12.78 -16.04 -45.51
CA PRO B 440 -12.24 -15.34 -44.34
C PRO B 440 -12.91 -13.99 -44.15
N GLU B 441 -12.53 -13.33 -43.07
CA GLU B 441 -12.82 -11.92 -42.89
C GLU B 441 -11.61 -11.05 -43.18
N ILE B 442 -10.42 -11.55 -42.88
CA ILE B 442 -9.17 -10.95 -43.30
C ILE B 442 -8.80 -11.56 -44.64
N ILE B 443 -9.35 -11.02 -45.72
CA ILE B 443 -9.36 -11.72 -47.00
C ILE B 443 -8.25 -11.21 -47.90
N LEU B 444 -7.14 -11.93 -47.93
CA LEU B 444 -6.04 -11.56 -48.81
C LEU B 444 -6.36 -11.97 -50.24
N PRO B 445 -5.90 -11.21 -51.23
CA PRO B 445 -5.94 -11.70 -52.61
C PRO B 445 -5.01 -12.89 -52.74
N GLY B 446 -5.36 -13.78 -53.66
CA GLY B 446 -4.55 -14.98 -53.81
C GLY B 446 -4.54 -15.85 -52.58
N ASP B 447 -5.60 -15.77 -51.77
CA ASP B 447 -5.82 -16.77 -50.74
C ASP B 447 -6.22 -18.03 -51.47
N VAL B 448 -5.27 -18.68 -52.12
CA VAL B 448 -5.56 -19.68 -53.15
C VAL B 448 -6.52 -20.73 -52.61
N ARG B 449 -7.69 -20.81 -53.23
CA ARG B 449 -8.70 -21.78 -52.86
C ARG B 449 -9.32 -22.29 -54.15
N ASN B 450 -8.88 -23.46 -54.60
CA ASN B 450 -9.54 -24.21 -55.65
C ASN B 450 -10.42 -25.26 -55.00
N ASP B 451 -11.06 -24.86 -53.92
CA ASP B 451 -11.57 -25.76 -52.89
C ASP B 451 -13.07 -25.89 -53.07
N ILE B 452 -13.51 -26.96 -53.72
CA ILE B 452 -14.92 -27.19 -54.01
C ILE B 452 -15.50 -28.06 -52.90
N TYR B 453 -16.51 -27.54 -52.20
CA TYR B 453 -17.15 -28.27 -51.11
C TYR B 453 -18.58 -28.58 -51.49
N VAL B 454 -18.91 -29.87 -51.51
CA VAL B 454 -20.27 -30.33 -51.78
C VAL B 454 -20.69 -31.24 -50.63
N THR B 455 -21.93 -31.09 -50.19
CA THR B 455 -22.41 -31.79 -49.00
C THR B 455 -23.65 -32.61 -49.34
N LEU B 456 -23.74 -33.78 -48.72
CA LEU B 456 -24.84 -34.72 -48.93
C LEU B 456 -25.69 -34.77 -47.66
N ILE B 457 -27.01 -34.69 -47.82
CA ILE B 457 -27.87 -34.66 -46.64
C ILE B 457 -28.88 -35.80 -46.65
N HIS B 458 -29.81 -35.81 -47.60
CA HIS B 458 -30.90 -36.77 -47.54
C HIS B 458 -31.51 -36.97 -48.91
N GLY B 459 -32.26 -38.05 -49.04
CA GLY B 459 -33.05 -38.31 -50.22
C GLY B 459 -34.24 -39.18 -49.89
N GLU B 460 -35.15 -39.30 -50.83
CA GLU B 460 -36.29 -40.19 -50.71
C GLU B 460 -35.99 -41.52 -51.38
N PHE B 461 -36.38 -42.61 -50.72
CA PHE B 461 -36.26 -43.95 -51.29
C PHE B 461 -37.35 -44.80 -50.65
N ASP B 462 -38.41 -45.09 -51.41
CA ASP B 462 -39.59 -45.74 -50.84
C ASP B 462 -39.37 -47.24 -50.70
N LYS B 463 -40.41 -47.94 -50.23
CA LYS B 463 -40.31 -49.39 -49.98
C LYS B 463 -40.53 -50.20 -51.26
N GLY B 464 -41.72 -50.11 -51.84
CA GLY B 464 -41.96 -50.77 -53.11
C GLY B 464 -42.13 -52.27 -52.98
N LYS B 465 -41.66 -53.00 -54.00
CA LYS B 465 -41.78 -54.46 -54.06
C LYS B 465 -41.10 -55.11 -52.87
N LYS B 466 -39.78 -54.97 -52.80
CA LYS B 466 -39.03 -55.35 -51.62
C LYS B 466 -39.16 -54.21 -50.63
N LYS B 467 -40.02 -54.39 -49.63
CA LYS B 467 -40.45 -53.28 -48.77
C LYS B 467 -39.28 -52.70 -47.97
N THR B 468 -38.11 -53.32 -48.06
CA THR B 468 -36.91 -52.65 -47.58
C THR B 468 -36.55 -51.54 -48.56
N PRO B 469 -36.47 -50.29 -48.13
CA PRO B 469 -35.96 -49.23 -49.01
C PRO B 469 -34.58 -49.59 -49.55
N LYS B 470 -34.35 -49.30 -50.83
CA LYS B 470 -33.19 -49.80 -51.53
C LYS B 470 -31.89 -49.37 -50.86
N ASN B 471 -30.94 -50.30 -50.77
CA ASN B 471 -29.69 -50.07 -50.03
C ASN B 471 -28.75 -49.29 -50.92
N VAL B 472 -28.96 -47.98 -50.96
CA VAL B 472 -28.14 -47.08 -51.77
C VAL B 472 -26.78 -46.92 -51.12
N GLU B 473 -25.72 -47.23 -51.87
CA GLU B 473 -24.40 -46.72 -51.57
C GLU B 473 -24.05 -45.70 -52.63
N VAL B 474 -23.99 -44.44 -52.23
CA VAL B 474 -23.65 -43.37 -53.16
C VAL B 474 -22.35 -43.72 -53.85
N THR B 475 -22.37 -43.74 -55.18
CA THR B 475 -21.16 -43.90 -55.98
C THR B 475 -21.12 -42.69 -56.87
N MET B 476 -20.63 -41.59 -56.32
CA MET B 476 -20.47 -40.36 -57.08
C MET B 476 -19.17 -40.43 -57.87
N SER B 477 -19.26 -40.04 -59.13
CA SER B 477 -18.20 -40.25 -60.11
C SER B 477 -17.95 -38.97 -60.87
N VAL B 478 -16.68 -38.62 -61.03
CA VAL B 478 -16.27 -37.35 -61.64
C VAL B 478 -15.69 -37.64 -63.01
N HIS B 479 -16.39 -37.20 -64.06
CA HIS B 479 -16.00 -37.51 -65.42
C HIS B 479 -15.51 -36.27 -66.15
N ASP B 480 -14.88 -36.52 -67.29
CA ASP B 480 -14.66 -35.48 -68.28
C ASP B 480 -15.98 -35.27 -69.01
N GLU B 481 -15.95 -34.54 -70.12
CA GLU B 481 -17.19 -34.30 -70.86
C GLU B 481 -17.73 -35.54 -71.57
N GLU B 482 -17.07 -36.69 -71.43
CA GLU B 482 -17.51 -37.90 -72.12
C GLU B 482 -17.50 -39.12 -71.18
N GLY B 483 -17.93 -38.92 -69.95
CA GLY B 483 -18.24 -40.04 -69.07
C GLY B 483 -17.06 -40.93 -68.68
N LYS B 484 -15.85 -40.45 -68.90
CA LYS B 484 -14.64 -41.16 -68.53
C LYS B 484 -14.21 -40.70 -67.15
N LEU B 485 -14.08 -41.65 -66.22
CA LEU B 485 -13.72 -41.29 -64.86
C LEU B 485 -12.27 -40.86 -64.76
N LEU B 486 -12.07 -39.73 -64.10
CA LEU B 486 -10.74 -39.20 -63.83
C LEU B 486 -10.30 -39.64 -62.44
N GLU B 487 -9.04 -39.40 -62.13
CA GLU B 487 -8.43 -39.96 -60.94
C GLU B 487 -8.24 -38.90 -59.86
N LYS B 488 -8.35 -39.35 -58.60
CA LYS B 488 -7.97 -38.63 -57.40
C LYS B 488 -8.87 -37.43 -57.10
N ALA B 489 -9.87 -37.16 -57.94
CA ALA B 489 -10.56 -35.87 -57.86
C ALA B 489 -11.45 -35.78 -56.63
N ILE B 490 -11.79 -36.90 -55.99
CA ILE B 490 -12.63 -36.87 -54.80
C ILE B 490 -11.74 -36.97 -53.58
N HIS B 491 -11.88 -36.03 -52.65
CA HIS B 491 -11.07 -35.98 -51.45
C HIS B 491 -12.03 -35.95 -50.26
N PRO B 492 -12.62 -37.10 -49.91
CA PRO B 492 -13.56 -37.13 -48.79
C PRO B 492 -12.92 -36.81 -47.45
N GLY B 493 -11.59 -36.74 -47.36
CA GLY B 493 -10.93 -36.38 -46.12
C GLY B 493 -9.99 -35.20 -46.25
N ALA B 494 -10.19 -34.17 -45.42
CA ALA B 494 -9.29 -33.02 -45.42
C ALA B 494 -8.01 -33.36 -44.68
N GLY B 495 -6.89 -33.28 -45.38
CA GLY B 495 -5.65 -33.86 -44.91
C GLY B 495 -5.42 -35.28 -45.35
N TYR B 496 -6.41 -35.91 -46.01
CA TYR B 496 -6.26 -37.21 -46.62
C TYR B 496 -6.27 -37.03 -48.13
N GLU B 497 -5.85 -38.05 -48.86
CA GLU B 497 -5.60 -37.91 -50.28
C GLU B 497 -6.80 -38.36 -51.11
N GLY B 498 -6.78 -37.97 -52.39
CA GLY B 498 -7.94 -38.12 -53.26
C GLY B 498 -8.14 -39.52 -53.80
N ILE B 499 -9.33 -39.72 -54.38
CA ILE B 499 -9.75 -41.02 -54.91
C ILE B 499 -10.39 -40.83 -56.28
N SER B 500 -10.32 -41.90 -57.08
CA SER B 500 -10.99 -41.95 -58.38
C SER B 500 -12.48 -42.27 -58.28
N GLU B 501 -12.87 -43.05 -57.27
CA GLU B 501 -14.22 -43.54 -57.10
C GLU B 501 -14.57 -43.56 -55.62
N TYR B 502 -15.85 -43.32 -55.31
CA TYR B 502 -16.30 -43.14 -53.94
C TYR B 502 -17.43 -44.13 -53.60
N LYS B 503 -17.23 -44.91 -52.55
CA LYS B 503 -18.28 -45.66 -51.86
C LYS B 503 -18.72 -44.93 -50.61
N SER B 504 -20.00 -45.08 -50.28
CA SER B 504 -20.64 -44.33 -49.21
C SER B 504 -21.04 -45.25 -48.06
N VAL B 505 -21.32 -44.62 -46.91
CA VAL B 505 -21.83 -45.33 -45.76
C VAL B 505 -23.29 -45.72 -46.00
N VAL B 506 -23.77 -46.70 -45.23
CA VAL B 506 -25.07 -47.32 -45.47
C VAL B 506 -25.96 -47.11 -44.25
N TYR B 507 -27.21 -46.73 -44.50
CA TYR B 507 -28.28 -46.77 -43.50
C TYR B 507 -29.20 -47.93 -43.80
N TYR B 508 -29.82 -48.47 -42.74
CA TYR B 508 -30.50 -49.76 -42.81
C TYR B 508 -31.91 -49.58 -43.39
N GLN B 509 -31.94 -49.27 -44.68
CA GLN B 509 -33.18 -49.18 -45.45
C GLN B 509 -34.14 -48.18 -44.83
N VAL B 510 -33.67 -46.95 -44.67
CA VAL B 510 -34.53 -45.86 -44.22
C VAL B 510 -35.32 -45.37 -45.41
N LYS B 511 -36.63 -45.19 -45.22
CA LYS B 511 -37.48 -44.80 -46.35
C LYS B 511 -37.22 -43.36 -46.77
N GLN B 512 -36.74 -42.52 -45.86
CA GLN B 512 -36.28 -41.17 -46.19
C GLN B 512 -34.91 -40.98 -45.54
N PRO B 513 -33.88 -41.63 -46.07
CA PRO B 513 -32.58 -41.64 -45.40
C PRO B 513 -31.95 -40.26 -45.38
N CYS B 514 -31.22 -39.99 -44.31
CA CYS B 514 -30.47 -38.76 -44.14
C CYS B 514 -29.01 -39.12 -43.88
N TRP B 515 -28.10 -38.37 -44.52
CA TRP B 515 -26.67 -38.66 -44.45
C TRP B 515 -25.89 -37.59 -43.70
N TYR B 516 -26.21 -36.31 -43.88
CA TYR B 516 -25.33 -35.21 -43.45
C TYR B 516 -23.91 -35.44 -43.94
N GLU B 517 -23.80 -36.11 -45.09
CA GLU B 517 -22.52 -36.59 -45.59
C GLU B 517 -21.79 -35.47 -46.33
N THR B 518 -20.46 -35.46 -46.21
CA THR B 518 -19.65 -34.36 -46.72
C THR B 518 -18.37 -34.90 -47.34
N VAL B 519 -18.16 -34.57 -48.62
CA VAL B 519 -16.91 -34.88 -49.31
C VAL B 519 -16.45 -33.62 -50.03
N LYS B 520 -15.15 -33.59 -50.32
CA LYS B 520 -14.54 -32.44 -50.96
C LYS B 520 -13.83 -32.88 -52.23
N VAL B 521 -13.86 -32.00 -53.23
CA VAL B 521 -13.23 -32.25 -54.53
C VAL B 521 -12.43 -31.03 -54.93
N SER B 522 -11.47 -31.24 -55.83
CA SER B 522 -10.61 -30.17 -56.31
C SER B 522 -10.18 -30.51 -57.73
N ILE B 523 -10.54 -29.66 -58.68
CA ILE B 523 -10.34 -29.91 -60.10
C ILE B 523 -9.63 -28.72 -60.73
N ALA B 524 -8.89 -28.98 -61.80
CA ALA B 524 -8.28 -27.90 -62.56
C ALA B 524 -9.38 -26.97 -63.05
N ILE B 525 -9.15 -25.66 -62.88
CA ILE B 525 -10.23 -24.70 -63.06
C ILE B 525 -10.72 -24.70 -64.49
N GLU B 526 -9.94 -25.21 -65.43
CA GLU B 526 -10.36 -25.26 -66.83
C GLU B 526 -11.06 -26.57 -67.16
N GLU B 527 -10.47 -27.70 -66.74
CA GLU B 527 -11.07 -28.99 -67.03
C GLU B 527 -12.43 -29.14 -66.36
N VAL B 528 -12.56 -28.61 -65.15
CA VAL B 528 -13.86 -28.65 -64.47
C VAL B 528 -14.93 -27.94 -65.29
N THR B 529 -14.55 -26.99 -66.13
CA THR B 529 -15.52 -26.36 -67.02
C THR B 529 -16.06 -27.33 -68.06
N ARG B 530 -15.33 -28.41 -68.35
CA ARG B 530 -15.74 -29.40 -69.34
C ARG B 530 -15.88 -30.77 -68.68
N CYS B 531 -16.33 -30.78 -67.44
CA CYS B 531 -16.53 -32.00 -66.67
C CYS B 531 -17.99 -32.12 -66.25
N HIS B 532 -18.56 -33.31 -66.43
CA HIS B 532 -19.80 -33.68 -65.77
C HIS B 532 -19.46 -34.74 -64.74
N ILE B 533 -20.23 -34.80 -63.67
CA ILE B 533 -19.97 -35.73 -62.58
C ILE B 533 -21.21 -36.58 -62.38
N ARG B 534 -21.07 -37.88 -62.61
CA ARG B 534 -22.20 -38.81 -62.61
C ARG B 534 -22.30 -39.54 -61.29
N PHE B 535 -23.53 -39.76 -60.84
CA PHE B 535 -23.81 -40.30 -59.51
C PHE B 535 -24.64 -41.57 -59.69
N THR B 536 -24.05 -42.71 -59.36
CA THR B 536 -24.67 -44.01 -59.55
C THR B 536 -25.01 -44.61 -58.19
N PHE B 537 -26.24 -45.10 -58.05
CA PHE B 537 -26.73 -45.66 -56.79
C PHE B 537 -26.93 -47.16 -56.96
N ARG B 538 -26.03 -47.92 -56.36
CA ARG B 538 -26.01 -49.36 -56.51
C ARG B 538 -26.76 -50.02 -55.35
N HIS B 539 -27.47 -51.11 -55.65
CA HIS B 539 -28.25 -51.83 -54.65
C HIS B 539 -27.39 -52.90 -54.02
N ARG B 540 -27.38 -52.96 -52.69
CA ARG B 540 -26.49 -53.82 -51.94
C ARG B 540 -27.33 -54.84 -51.17
N SER B 541 -27.29 -56.08 -51.64
CA SER B 541 -27.89 -57.16 -50.87
C SER B 541 -27.02 -57.48 -49.66
N SER B 542 -27.54 -58.32 -48.77
CA SER B 542 -26.81 -58.65 -47.55
C SER B 542 -25.50 -59.38 -47.87
N GLN B 543 -25.54 -60.30 -48.82
CA GLN B 543 -24.38 -61.14 -49.11
C GLN B 543 -23.39 -60.41 -50.01
N GLU B 544 -22.12 -60.82 -49.89
CA GLU B 544 -21.04 -60.21 -50.66
C GLU B 544 -21.22 -60.38 -52.16
N THR B 545 -21.47 -61.62 -52.60
CA THR B 545 -21.42 -61.93 -54.02
C THR B 545 -22.55 -61.24 -54.78
N ARG B 546 -23.77 -61.32 -54.26
CA ARG B 546 -24.88 -60.63 -54.92
C ARG B 546 -24.74 -59.13 -54.80
N ASP B 547 -24.08 -58.65 -53.75
CA ASP B 547 -23.72 -57.23 -53.66
C ASP B 547 -22.77 -56.84 -54.80
N LYS B 548 -21.83 -57.72 -55.14
CA LYS B 548 -20.85 -57.43 -56.17
C LYS B 548 -21.44 -57.57 -57.58
N SER B 549 -22.39 -58.49 -57.76
CA SER B 549 -23.00 -58.70 -59.07
C SER B 549 -24.01 -57.62 -59.42
N GLU B 550 -24.78 -57.15 -58.43
CA GLU B 550 -25.77 -56.11 -58.69
C GLU B 550 -25.10 -54.78 -58.99
N ARG B 551 -25.67 -54.07 -59.96
CA ARG B 551 -25.12 -52.82 -60.46
C ARG B 551 -26.06 -51.66 -60.06
N ALA B 552 -25.72 -50.47 -60.55
CA ALA B 552 -26.45 -49.25 -60.16
C ALA B 552 -27.87 -49.28 -60.70
N PHE B 553 -28.84 -49.47 -59.81
CA PHE B 553 -30.24 -49.44 -60.21
C PHE B 553 -30.70 -48.04 -60.60
N GLY B 554 -30.00 -47.01 -60.13
CA GLY B 554 -30.33 -45.64 -60.47
C GLY B 554 -29.07 -44.81 -60.68
N VAL B 555 -29.08 -43.95 -61.69
CA VAL B 555 -27.90 -43.18 -62.06
C VAL B 555 -28.29 -41.72 -62.17
N ALA B 556 -27.68 -40.88 -61.36
CA ALA B 556 -27.86 -39.43 -61.42
C ALA B 556 -26.52 -38.78 -61.73
N PHE B 557 -26.52 -37.45 -61.78
CA PHE B 557 -25.32 -36.68 -62.09
C PHE B 557 -25.57 -35.19 -61.93
N VAL B 558 -24.56 -34.38 -62.23
CA VAL B 558 -24.76 -32.95 -62.42
C VAL B 558 -23.60 -32.43 -63.26
N LYS B 559 -23.86 -31.36 -64.01
CA LYS B 559 -22.80 -30.65 -64.69
C LYS B 559 -22.02 -29.83 -63.67
N LEU B 560 -21.05 -29.05 -64.17
CA LEU B 560 -20.20 -28.21 -63.33
C LEU B 560 -20.09 -26.83 -63.93
N MET B 561 -21.21 -26.32 -64.43
CA MET B 561 -21.23 -25.07 -65.19
C MET B 561 -22.68 -24.72 -65.49
N ASN B 562 -22.86 -23.58 -66.14
CA ASN B 562 -24.13 -23.19 -66.72
C ASN B 562 -23.91 -22.74 -68.16
N PRO B 563 -24.87 -22.97 -69.05
CA PRO B 563 -24.67 -22.64 -70.48
C PRO B 563 -24.27 -21.19 -70.67
N ASP B 564 -24.68 -20.34 -69.72
CA ASP B 564 -24.24 -18.96 -69.69
C ASP B 564 -22.77 -18.83 -69.30
N GLY B 565 -22.13 -19.92 -68.88
CA GLY B 565 -20.77 -19.86 -68.42
C GLY B 565 -20.60 -19.74 -66.92
N THR B 566 -21.68 -19.47 -66.19
CA THR B 566 -21.62 -19.48 -64.74
C THR B 566 -21.59 -20.92 -64.25
N THR B 567 -21.36 -21.08 -62.95
CA THR B 567 -21.45 -22.39 -62.32
C THR B 567 -22.78 -22.50 -61.60
N LEU B 568 -23.19 -23.75 -61.34
CA LEU B 568 -24.45 -23.98 -60.68
C LEU B 568 -24.50 -23.24 -59.35
N GLN B 569 -25.60 -22.52 -59.13
CA GLN B 569 -25.74 -21.71 -57.92
C GLN B 569 -25.64 -22.59 -56.68
N ASP B 570 -25.26 -21.98 -55.57
CA ASP B 570 -25.10 -22.70 -54.31
C ASP B 570 -26.45 -22.82 -53.60
N GLY B 571 -26.45 -23.57 -52.50
CA GLY B 571 -27.64 -23.77 -51.71
C GLY B 571 -28.18 -25.19 -51.79
N ARG B 572 -29.25 -25.40 -51.04
CA ARG B 572 -29.90 -26.70 -50.97
C ARG B 572 -30.51 -27.04 -52.33
N HIS B 573 -29.89 -27.97 -53.05
CA HIS B 573 -30.41 -28.44 -54.33
C HIS B 573 -30.91 -29.86 -54.16
N ASP B 574 -32.22 -30.03 -54.12
CA ASP B 574 -32.78 -31.37 -54.26
C ASP B 574 -32.38 -31.92 -55.62
N LEU B 575 -32.07 -33.22 -55.65
CA LEU B 575 -31.47 -33.84 -56.81
C LEU B 575 -32.49 -34.71 -57.55
N VAL B 576 -32.15 -35.04 -58.78
CA VAL B 576 -33.02 -35.82 -59.65
C VAL B 576 -32.30 -37.10 -60.02
N VAL B 577 -32.97 -38.23 -59.79
CA VAL B 577 -32.44 -39.54 -60.11
C VAL B 577 -33.55 -40.32 -60.80
N TYR B 578 -33.16 -41.34 -61.56
CA TYR B 578 -34.12 -42.20 -62.22
C TYR B 578 -33.65 -43.64 -62.19
N LYS B 579 -34.60 -44.54 -62.36
CA LYS B 579 -34.38 -45.97 -62.56
C LYS B 579 -34.75 -46.34 -63.99
N GLY B 580 -34.76 -47.64 -64.26
CA GLY B 580 -35.20 -48.10 -65.56
C GLY B 580 -34.08 -48.34 -66.55
N ASP B 581 -33.84 -47.37 -67.43
CA ASP B 581 -32.79 -47.52 -68.43
C ASP B 581 -31.41 -47.61 -67.76
N ASN B 582 -30.48 -48.23 -68.47
CA ASN B 582 -29.13 -48.37 -67.96
C ASN B 582 -28.14 -48.05 -69.07
N LYS B 583 -28.64 -47.93 -70.29
CA LYS B 583 -27.79 -47.51 -71.41
C LYS B 583 -27.91 -46.00 -71.65
N LYS B 584 -29.11 -45.44 -71.47
CA LYS B 584 -29.27 -43.99 -71.50
C LYS B 584 -28.70 -43.34 -70.24
N MET B 585 -28.39 -44.13 -69.22
CA MET B 585 -27.75 -43.63 -68.01
C MET B 585 -26.25 -43.84 -68.03
N GLU B 586 -25.70 -44.30 -69.15
CA GLU B 586 -24.26 -44.45 -69.29
C GLU B 586 -23.75 -43.97 -70.64
N ASP B 587 -24.61 -43.73 -71.63
CA ASP B 587 -24.16 -43.22 -72.92
C ASP B 587 -23.66 -41.80 -72.70
N ALA B 588 -22.34 -41.68 -72.57
CA ALA B 588 -21.73 -40.48 -72.01
C ALA B 588 -22.10 -39.24 -72.81
N LYS B 589 -22.06 -39.33 -74.14
CA LYS B 589 -22.35 -38.17 -74.95
C LYS B 589 -23.81 -37.77 -74.87
N PHE B 590 -24.70 -38.69 -74.49
CA PHE B 590 -26.10 -38.32 -74.37
C PHE B 590 -26.41 -37.69 -73.02
N TYR B 591 -26.20 -38.44 -71.93
CA TYR B 591 -26.75 -37.98 -70.66
C TYR B 591 -26.03 -36.77 -70.11
N LEU B 592 -25.16 -36.15 -70.91
CA LEU B 592 -24.93 -34.72 -70.77
C LEU B 592 -26.25 -33.97 -70.80
N THR B 593 -27.19 -34.42 -71.63
CA THR B 593 -28.46 -33.76 -71.87
C THR B 593 -29.59 -34.30 -70.99
N LEU B 594 -29.30 -34.76 -69.78
CA LEU B 594 -30.34 -35.24 -68.88
C LEU B 594 -30.42 -34.36 -67.63
N PRO B 595 -31.56 -34.39 -66.93
CA PRO B 595 -31.66 -33.66 -65.66
C PRO B 595 -31.07 -34.40 -64.48
N GLY B 596 -30.54 -33.63 -63.53
CA GLY B 596 -30.00 -34.18 -62.29
C GLY B 596 -30.37 -33.43 -61.03
N THR B 597 -30.96 -32.24 -61.16
CA THR B 597 -31.20 -31.35 -60.04
C THR B 597 -32.52 -30.60 -60.29
N LYS B 598 -33.02 -29.90 -59.28
CA LYS B 598 -34.33 -29.30 -59.41
C LYS B 598 -34.33 -28.14 -60.42
N MET B 599 -33.66 -27.04 -60.10
CA MET B 599 -33.68 -25.84 -60.93
C MET B 599 -33.62 -26.21 -62.40
N GLU B 600 -32.73 -27.14 -62.71
CA GLU B 600 -32.57 -27.58 -64.09
C GLU B 600 -33.70 -28.51 -64.54
N MET B 601 -34.27 -29.33 -63.67
CA MET B 601 -35.36 -30.17 -64.16
C MET B 601 -36.58 -29.32 -64.49
N GLU B 602 -36.88 -28.31 -63.66
CA GLU B 602 -38.01 -27.46 -64.01
C GLU B 602 -37.69 -26.49 -65.15
N GLU B 603 -36.43 -26.10 -65.38
CA GLU B 603 -36.20 -25.35 -66.60
C GLU B 603 -36.39 -26.25 -67.83
N LYS B 604 -35.97 -27.52 -67.73
CA LYS B 604 -36.23 -28.46 -68.80
C LYS B 604 -37.71 -28.61 -69.07
N GLU B 605 -38.51 -28.76 -68.02
CA GLU B 605 -39.95 -28.96 -68.20
C GLU B 605 -40.66 -27.68 -68.62
N LEU B 606 -40.15 -26.51 -68.23
CA LEU B 606 -40.74 -25.25 -68.66
C LEU B 606 -40.48 -25.01 -70.14
N GLN B 607 -39.22 -25.18 -70.57
CA GLN B 607 -38.94 -25.14 -72.00
C GLN B 607 -39.65 -26.28 -72.73
N ALA B 608 -40.03 -27.33 -72.01
CA ALA B 608 -40.96 -28.32 -72.52
C ALA B 608 -42.42 -27.89 -72.35
N SER B 609 -42.70 -27.11 -71.31
CA SER B 609 -44.05 -26.59 -71.11
C SER B 609 -44.44 -25.58 -72.18
N LYS B 610 -43.45 -24.97 -72.84
CA LYS B 610 -43.69 -24.04 -73.92
C LYS B 610 -43.46 -24.64 -75.30
N ASN B 611 -42.80 -25.79 -75.38
CA ASN B 611 -42.66 -26.52 -76.64
C ASN B 611 -42.57 -28.01 -76.33
N LEU B 612 -43.46 -28.79 -76.94
CA LEU B 612 -43.42 -30.25 -76.80
C LEU B 612 -42.60 -30.89 -77.91
N VAL B 613 -41.39 -30.38 -78.12
CA VAL B 613 -40.47 -30.90 -79.13
C VAL B 613 -39.06 -30.90 -78.55
N THR B 614 -38.34 -32.00 -78.78
CA THR B 614 -36.95 -32.25 -78.39
C THR B 614 -36.76 -32.42 -76.89
N PHE B 615 -37.80 -32.21 -76.06
CA PHE B 615 -37.71 -32.48 -74.63
C PHE B 615 -39.10 -32.83 -74.11
N THR B 616 -39.20 -34.00 -73.48
CA THR B 616 -40.41 -34.50 -72.84
C THR B 616 -40.00 -35.25 -71.58
N PRO B 617 -40.54 -34.89 -70.41
CA PRO B 617 -40.28 -35.69 -69.21
C PRO B 617 -40.64 -37.15 -69.44
N SER B 618 -39.75 -38.04 -69.02
CA SER B 618 -39.79 -39.43 -69.45
C SER B 618 -40.62 -40.27 -68.48
N LYS B 619 -40.56 -41.59 -68.67
CA LYS B 619 -41.19 -42.57 -67.78
C LYS B 619 -40.14 -43.50 -67.18
N ASP B 620 -38.94 -42.98 -66.97
CA ASP B 620 -37.89 -43.70 -66.26
C ASP B 620 -37.75 -43.22 -64.82
N SER B 621 -38.67 -42.40 -64.34
CA SER B 621 -38.56 -41.78 -63.03
C SER B 621 -39.10 -42.73 -61.97
N THR B 622 -38.29 -42.95 -60.93
CA THR B 622 -38.72 -43.67 -59.75
C THR B 622 -39.05 -42.69 -58.63
N LYS B 623 -39.70 -43.21 -57.58
CA LYS B 623 -40.13 -42.37 -56.48
C LYS B 623 -39.00 -42.09 -55.48
N ASP B 624 -37.75 -42.26 -55.92
CA ASP B 624 -36.60 -41.96 -55.11
C ASP B 624 -36.14 -40.51 -55.32
N SER B 625 -35.28 -40.02 -54.42
CA SER B 625 -34.75 -38.67 -54.55
C SER B 625 -33.45 -38.54 -53.77
N PHE B 626 -32.82 -37.38 -53.92
CA PHE B 626 -31.69 -36.99 -53.09
C PHE B 626 -31.57 -35.47 -53.15
N GLN B 627 -30.73 -34.93 -52.27
CA GLN B 627 -30.51 -33.49 -52.23
C GLN B 627 -29.08 -33.22 -51.77
N ILE B 628 -28.46 -32.22 -52.40
CA ILE B 628 -27.17 -31.71 -51.96
C ILE B 628 -27.28 -30.21 -51.75
N ALA B 629 -26.81 -29.75 -50.60
CA ALA B 629 -26.69 -28.33 -50.32
C ALA B 629 -25.27 -27.91 -50.65
N THR B 630 -25.07 -27.30 -51.81
CA THR B 630 -23.74 -26.98 -52.30
C THR B 630 -23.33 -25.60 -51.82
N LEU B 631 -22.10 -25.50 -51.34
CA LEU B 631 -21.47 -24.23 -51.00
C LEU B 631 -20.00 -24.36 -51.31
N ILE B 632 -19.56 -23.76 -52.41
CA ILE B 632 -18.20 -23.93 -52.91
C ILE B 632 -17.43 -22.65 -52.65
N CYS B 633 -16.34 -22.78 -51.90
CA CYS B 633 -15.46 -21.67 -51.55
C CYS B 633 -14.25 -21.76 -52.47
N SER B 634 -14.40 -21.25 -53.70
CA SER B 634 -13.30 -21.19 -54.64
C SER B 634 -13.30 -19.83 -55.32
N THR B 635 -12.12 -19.42 -55.78
CA THR B 635 -11.93 -18.11 -56.39
C THR B 635 -12.45 -18.00 -57.81
N LYS B 636 -12.49 -19.10 -58.55
CA LYS B 636 -12.68 -19.02 -59.99
C LYS B 636 -14.10 -19.29 -60.46
N LEU B 637 -14.89 -20.07 -59.72
CA LEU B 637 -16.27 -20.28 -60.16
C LEU B 637 -17.06 -19.01 -59.92
N THR B 638 -18.13 -18.83 -60.69
CA THR B 638 -18.88 -17.59 -60.67
C THR B 638 -20.38 -17.88 -60.69
N GLN B 639 -20.98 -17.88 -59.51
CA GLN B 639 -22.42 -18.09 -59.38
C GLN B 639 -23.16 -16.76 -59.36
N ASN B 640 -22.86 -15.90 -60.33
CA ASN B 640 -23.52 -14.60 -60.45
C ASN B 640 -23.95 -14.45 -61.90
N VAL B 641 -25.25 -14.62 -62.13
CA VAL B 641 -25.79 -14.52 -63.50
C VAL B 641 -25.59 -13.10 -64.04
N ASP B 642 -25.81 -12.10 -63.19
CA ASP B 642 -25.62 -10.72 -63.62
C ASP B 642 -24.16 -10.46 -63.99
N LEU B 643 -23.23 -11.04 -63.22
CA LEU B 643 -21.82 -10.82 -63.50
C LEU B 643 -21.44 -11.32 -64.88
N LEU B 644 -21.77 -12.58 -65.19
CA LEU B 644 -21.45 -13.11 -66.51
C LEU B 644 -22.29 -12.51 -67.61
N GLY B 645 -23.44 -11.93 -67.30
CA GLY B 645 -24.07 -11.04 -68.27
C GLY B 645 -23.20 -9.84 -68.55
N LEU B 646 -22.58 -9.29 -67.51
CA LEU B 646 -21.69 -8.14 -67.68
C LEU B 646 -20.49 -8.50 -68.53
N LEU B 647 -19.88 -9.66 -68.27
CA LEU B 647 -18.56 -9.93 -68.82
C LEU B 647 -18.62 -10.05 -70.35
N ASN B 648 -19.57 -10.82 -70.86
CA ASN B 648 -19.71 -11.03 -72.29
C ASN B 648 -20.63 -10.00 -72.93
N TRP B 649 -20.67 -8.79 -72.38
CA TRP B 649 -21.76 -7.87 -72.65
C TRP B 649 -21.95 -7.63 -74.14
N ARG B 650 -20.89 -7.73 -74.93
CA ARG B 650 -21.01 -7.55 -76.37
C ARG B 650 -22.13 -8.42 -76.92
N SER B 651 -22.24 -9.64 -76.43
CA SER B 651 -23.34 -10.51 -76.83
C SER B 651 -24.67 -9.96 -76.36
N ASN B 652 -24.75 -9.53 -75.10
CA ASN B 652 -26.04 -9.24 -74.46
C ASN B 652 -26.00 -7.90 -73.75
N SER B 653 -25.56 -6.86 -74.45
CA SER B 653 -25.50 -5.51 -73.90
C SER B 653 -26.88 -4.90 -73.70
N GLN B 654 -27.93 -5.66 -73.97
CA GLN B 654 -29.28 -5.13 -73.82
C GLN B 654 -29.66 -5.03 -72.34
N ASN B 655 -29.33 -6.06 -71.56
CA ASN B 655 -29.69 -6.13 -70.16
C ASN B 655 -28.90 -5.17 -69.30
N ILE B 656 -27.92 -4.48 -69.89
CA ILE B 656 -27.07 -3.56 -69.15
C ILE B 656 -27.90 -2.62 -68.29
N LYS B 657 -29.08 -2.25 -68.77
CA LYS B 657 -30.05 -1.60 -67.89
C LYS B 657 -30.23 -2.40 -66.60
N HIS B 658 -30.70 -3.64 -66.72
CA HIS B 658 -30.96 -4.43 -65.52
C HIS B 658 -29.68 -4.91 -64.89
N ASN B 659 -28.65 -5.14 -65.70
CA ASN B 659 -27.37 -5.51 -65.13
C ASN B 659 -26.90 -4.46 -64.14
N LEU B 660 -26.84 -3.20 -64.59
CA LEU B 660 -26.48 -2.10 -63.71
C LEU B 660 -27.45 -1.96 -62.55
N LYS B 661 -28.75 -2.07 -62.82
CA LYS B 661 -29.73 -1.96 -61.75
C LYS B 661 -29.42 -2.95 -60.62
N LYS B 662 -28.99 -4.16 -60.98
CA LYS B 662 -28.81 -5.21 -59.98
C LYS B 662 -27.37 -5.40 -59.54
N LEU B 663 -26.44 -4.61 -60.07
CA LEU B 663 -25.05 -4.70 -59.60
C LEU B 663 -24.95 -4.41 -58.10
N MET B 664 -25.55 -3.32 -57.67
CA MET B 664 -25.40 -2.87 -56.28
C MET B 664 -26.12 -3.80 -55.32
N GLU B 665 -26.65 -4.91 -55.86
CA GLU B 665 -27.23 -5.98 -55.06
C GLU B 665 -26.37 -7.23 -55.05
N VAL B 666 -25.11 -7.12 -55.47
CA VAL B 666 -24.22 -8.27 -55.58
C VAL B 666 -23.43 -8.43 -54.28
N ASP B 667 -23.18 -9.67 -53.88
CA ASP B 667 -22.29 -9.94 -52.77
C ASP B 667 -20.89 -9.44 -53.07
N GLY B 668 -20.21 -8.96 -52.04
CA GLY B 668 -18.87 -8.43 -52.22
C GLY B 668 -17.86 -9.49 -52.64
N GLY B 669 -18.02 -10.72 -52.14
CA GLY B 669 -17.02 -11.73 -52.40
C GLY B 669 -16.90 -12.07 -53.87
N GLU B 670 -18.04 -12.29 -54.53
CA GLU B 670 -18.02 -12.58 -55.96
C GLU B 670 -17.38 -11.43 -56.72
N ILE B 671 -17.67 -10.19 -56.31
CA ILE B 671 -17.06 -9.03 -56.93
C ILE B 671 -15.54 -9.10 -56.80
N VAL B 672 -15.06 -9.08 -55.56
CA VAL B 672 -13.62 -9.01 -55.31
C VAL B 672 -12.89 -10.18 -55.93
N LYS B 673 -13.59 -11.29 -56.19
CA LYS B 673 -12.97 -12.42 -56.86
C LYS B 673 -12.37 -12.01 -58.20
N PHE B 674 -13.12 -11.27 -59.00
CA PHE B 674 -12.70 -10.91 -60.35
C PHE B 674 -12.81 -9.41 -60.57
N LEU B 675 -12.57 -8.65 -59.50
CA LEU B 675 -12.77 -7.21 -59.52
C LEU B 675 -12.08 -6.54 -60.69
N GLN B 676 -10.81 -6.86 -60.94
CA GLN B 676 -10.09 -6.10 -61.95
C GLN B 676 -10.65 -6.37 -63.35
N ASP B 677 -10.98 -7.62 -63.63
CA ASP B 677 -11.58 -7.94 -64.91
C ASP B 677 -12.94 -7.28 -65.06
N THR B 678 -13.71 -7.24 -63.98
CA THR B 678 -15.00 -6.55 -64.03
C THR B 678 -14.80 -5.05 -64.25
N LEU B 679 -13.79 -4.47 -63.59
CA LEU B 679 -13.45 -3.07 -63.82
C LEU B 679 -13.23 -2.83 -65.30
N ASP B 680 -12.35 -3.63 -65.90
CA ASP B 680 -12.00 -3.41 -67.29
C ASP B 680 -13.20 -3.62 -68.20
N ALA B 681 -14.04 -4.61 -67.89
CA ALA B 681 -15.28 -4.76 -68.64
C ALA B 681 -16.09 -3.49 -68.58
N LEU B 682 -16.29 -2.96 -67.37
CA LEU B 682 -17.06 -1.73 -67.20
C LEU B 682 -16.46 -0.60 -68.00
N PHE B 683 -15.13 -0.51 -68.03
CA PHE B 683 -14.50 0.52 -68.83
C PHE B 683 -14.75 0.30 -70.31
N ASN B 684 -14.85 -0.96 -70.73
CA ASN B 684 -15.23 -1.22 -72.11
C ASN B 684 -16.64 -0.72 -72.40
N ILE B 685 -17.59 -0.98 -71.50
CA ILE B 685 -18.92 -0.40 -71.67
C ILE B 685 -18.84 1.11 -71.80
N MET B 686 -18.12 1.76 -70.89
CA MET B 686 -18.17 3.21 -70.89
C MET B 686 -17.38 3.83 -72.05
N MET B 687 -16.37 3.13 -72.56
CA MET B 687 -15.62 3.63 -73.72
C MET B 687 -16.37 3.35 -75.01
N GLU B 688 -16.59 2.07 -75.31
CA GLU B 688 -17.18 1.67 -76.58
C GLU B 688 -18.59 2.23 -76.71
N MET B 689 -19.44 1.98 -75.73
CA MET B 689 -20.79 2.52 -75.74
C MET B 689 -20.73 3.91 -75.12
N SER B 690 -20.65 4.93 -75.97
CA SER B 690 -20.68 6.32 -75.53
C SER B 690 -22.06 6.94 -75.69
N ASP B 691 -23.04 6.17 -76.15
CA ASP B 691 -24.33 6.75 -76.52
C ASP B 691 -25.15 7.15 -75.30
N SER B 692 -25.51 6.18 -74.48
CA SER B 692 -26.38 6.44 -73.34
C SER B 692 -25.55 6.98 -72.19
N GLU B 693 -25.45 8.30 -72.10
CA GLU B 693 -24.77 8.93 -70.98
C GLU B 693 -25.40 8.53 -69.66
N THR B 694 -26.72 8.34 -69.63
CA THR B 694 -27.37 7.93 -68.40
C THR B 694 -26.97 6.52 -68.01
N TYR B 695 -26.83 5.63 -68.99
CA TYR B 695 -26.21 4.34 -68.73
C TYR B 695 -24.85 4.53 -68.08
N ASP B 696 -24.11 5.54 -68.53
CA ASP B 696 -22.79 5.79 -67.96
C ASP B 696 -22.90 6.37 -66.56
N PHE B 697 -24.01 7.06 -66.26
CA PHE B 697 -24.28 7.45 -64.89
C PHE B 697 -24.43 6.21 -64.02
N LEU B 698 -25.13 5.22 -64.55
CA LEU B 698 -25.31 3.96 -63.85
C LEU B 698 -23.97 3.26 -63.67
N VAL B 699 -23.12 3.33 -64.70
CA VAL B 699 -21.75 2.84 -64.62
C VAL B 699 -21.01 3.49 -63.45
N PHE B 700 -21.12 4.81 -63.39
CA PHE B 700 -20.49 5.56 -62.31
C PHE B 700 -20.97 5.06 -60.96
N ASP B 701 -22.28 4.89 -60.82
CA ASP B 701 -22.82 4.44 -59.54
C ASP B 701 -22.31 3.05 -59.21
N ALA B 702 -22.23 2.17 -60.20
CA ALA B 702 -21.76 0.81 -59.95
C ALA B 702 -20.33 0.82 -59.47
N LEU B 703 -19.46 1.58 -60.14
CA LEU B 703 -18.07 1.62 -59.70
C LEU B 703 -17.93 2.29 -58.35
N VAL B 704 -18.83 3.22 -58.04
CA VAL B 704 -18.86 3.79 -56.70
C VAL B 704 -19.14 2.71 -55.67
N PHE B 705 -20.13 1.86 -55.96
CA PHE B 705 -20.43 0.72 -55.09
C PHE B 705 -19.22 -0.17 -54.94
N ILE B 706 -18.53 -0.43 -56.05
CA ILE B 706 -17.35 -1.28 -56.03
C ILE B 706 -16.31 -0.71 -55.09
N ILE B 707 -15.99 0.57 -55.26
CA ILE B 707 -14.91 1.16 -54.51
C ILE B 707 -15.28 1.30 -53.05
N SER B 708 -16.56 1.53 -52.76
CA SER B 708 -17.02 1.55 -51.38
C SER B 708 -16.81 0.19 -50.74
N LEU B 709 -17.10 -0.88 -51.47
CA LEU B 709 -16.77 -2.21 -50.96
C LEU B 709 -15.28 -2.35 -50.71
N ILE B 710 -14.47 -1.84 -51.64
CA ILE B 710 -13.02 -2.01 -51.53
C ILE B 710 -12.49 -1.33 -50.29
N GLY B 711 -13.02 -0.15 -49.96
CA GLY B 711 -12.48 0.62 -48.86
C GLY B 711 -12.60 -0.04 -47.51
N ASP B 712 -13.40 -1.08 -47.37
CA ASP B 712 -13.66 -1.66 -46.07
C ASP B 712 -12.46 -2.46 -45.56
N ILE B 713 -12.44 -2.64 -44.24
CA ILE B 713 -11.50 -3.55 -43.59
C ILE B 713 -11.88 -5.00 -43.81
N LYS B 714 -13.04 -5.25 -44.42
CA LYS B 714 -13.35 -6.60 -44.86
C LYS B 714 -12.55 -6.95 -46.11
N PHE B 715 -12.21 -5.96 -46.93
CA PHE B 715 -11.43 -6.19 -48.15
C PHE B 715 -10.34 -5.16 -48.30
N GLN B 716 -9.60 -4.85 -47.23
CA GLN B 716 -8.56 -3.84 -47.35
C GLN B 716 -7.36 -4.33 -48.13
N HIS B 717 -7.23 -5.65 -48.30
CA HIS B 717 -6.03 -6.22 -48.89
C HIS B 717 -5.95 -6.01 -50.39
N PHE B 718 -7.05 -5.64 -51.03
CA PHE B 718 -7.03 -5.56 -52.48
C PHE B 718 -6.59 -4.21 -52.99
N ASN B 719 -6.51 -3.20 -52.14
CA ASN B 719 -5.97 -1.91 -52.57
C ASN B 719 -4.61 -2.04 -53.23
N PRO B 720 -3.66 -2.84 -52.72
CA PRO B 720 -2.45 -3.08 -53.52
C PRO B 720 -2.77 -3.62 -54.90
N VAL B 721 -3.76 -4.50 -55.00
CA VAL B 721 -4.14 -5.02 -56.32
C VAL B 721 -4.71 -3.89 -57.17
N LEU B 722 -5.47 -2.99 -56.55
CA LEU B 722 -6.00 -1.85 -57.31
C LEU B 722 -4.89 -0.95 -57.82
N GLU B 723 -3.90 -0.66 -56.99
CA GLU B 723 -2.76 0.13 -57.46
C GLU B 723 -2.04 -0.61 -58.56
N THR B 724 -1.92 -1.94 -58.44
CA THR B 724 -1.29 -2.72 -59.48
C THR B 724 -2.03 -2.56 -60.79
N TYR B 725 -3.35 -2.72 -60.76
CA TYR B 725 -4.12 -2.55 -61.98
C TYR B 725 -3.97 -1.15 -62.54
N ILE B 726 -4.03 -0.14 -61.68
CA ILE B 726 -4.00 1.23 -62.15
C ILE B 726 -2.67 1.54 -62.80
N TYR B 727 -1.59 1.43 -62.03
CA TYR B 727 -0.29 1.80 -62.57
C TYR B 727 0.21 0.82 -63.61
N LYS B 728 -0.46 -0.32 -63.79
CA LYS B 728 -0.08 -1.30 -64.79
C LYS B 728 -1.12 -1.45 -65.90
N HIS B 729 -2.37 -1.78 -65.56
CA HIS B 729 -3.35 -2.12 -66.57
C HIS B 729 -4.43 -1.06 -66.78
N PHE B 730 -4.36 0.07 -66.08
CA PHE B 730 -5.36 1.10 -66.35
C PHE B 730 -5.14 1.59 -67.77
N SER B 731 -5.98 1.14 -68.69
CA SER B 731 -5.82 1.38 -70.12
C SER B 731 -6.80 2.40 -70.67
N ALA B 732 -7.60 3.01 -69.81
CA ALA B 732 -8.54 4.03 -70.26
C ALA B 732 -7.82 5.35 -70.52
N THR B 733 -8.32 6.10 -71.48
CA THR B 733 -7.76 7.40 -71.86
C THR B 733 -8.78 8.53 -71.82
N LEU B 734 -10.02 8.25 -72.19
CA LEU B 734 -11.12 9.22 -72.18
C LEU B 734 -11.80 9.31 -70.83
N ALA B 735 -11.46 8.41 -69.91
CA ALA B 735 -12.23 8.25 -68.68
C ALA B 735 -12.26 9.53 -67.86
N TYR B 736 -11.12 10.20 -67.72
CA TYR B 736 -11.06 11.34 -66.82
C TYR B 736 -12.03 12.43 -67.27
N VAL B 737 -12.05 12.75 -68.56
CA VAL B 737 -12.93 13.81 -69.06
C VAL B 737 -14.38 13.49 -68.73
N LYS B 738 -14.85 12.35 -69.23
CA LYS B 738 -16.26 12.02 -69.10
C LYS B 738 -16.66 11.87 -67.65
N LEU B 739 -15.82 11.24 -66.84
CA LEU B 739 -16.19 10.96 -65.46
C LEU B 739 -16.13 12.22 -64.60
N SER B 740 -15.18 13.12 -64.88
CA SER B 740 -15.21 14.41 -64.22
C SER B 740 -16.48 15.16 -64.56
N LYS B 741 -16.89 15.12 -65.83
CA LYS B 741 -18.17 15.71 -66.21
C LYS B 741 -19.31 15.09 -65.43
N VAL B 742 -19.32 13.77 -65.34
CA VAL B 742 -20.42 13.07 -64.67
C VAL B 742 -20.48 13.46 -63.19
N LEU B 743 -19.33 13.39 -62.52
CA LEU B 743 -19.31 13.70 -61.11
C LEU B 743 -19.64 15.16 -60.86
N ASN B 744 -19.21 16.05 -61.76
CA ASN B 744 -19.54 17.45 -61.59
C ASN B 744 -21.02 17.69 -61.72
N PHE B 745 -21.65 17.04 -62.71
CA PHE B 745 -23.11 17.12 -62.83
C PHE B 745 -23.76 16.61 -61.55
N TYR B 746 -23.33 15.45 -61.08
CA TYR B 746 -23.79 14.91 -59.81
C TYR B 746 -23.72 15.96 -58.72
N VAL B 747 -22.52 16.41 -58.41
CA VAL B 747 -22.29 17.23 -57.23
C VAL B 747 -23.06 18.54 -57.33
N ALA B 748 -22.97 19.22 -58.47
CA ALA B 748 -23.66 20.49 -58.61
C ALA B 748 -25.18 20.31 -58.52
N ASN B 749 -25.70 19.24 -59.10
CA ASN B 749 -27.14 19.08 -59.27
C ASN B 749 -27.71 18.07 -58.28
N ALA B 750 -27.16 18.04 -57.07
CA ALA B 750 -27.52 17.06 -56.06
C ALA B 750 -28.69 17.49 -55.19
N ASP B 751 -29.35 18.60 -55.51
CA ASP B 751 -30.44 19.09 -54.65
C ASP B 751 -31.49 18.02 -54.41
N ASP B 752 -31.73 17.16 -55.40
CA ASP B 752 -32.65 16.04 -55.21
C ASP B 752 -32.20 15.17 -54.05
N SER B 753 -33.17 14.78 -53.22
CA SER B 753 -32.85 13.94 -52.07
C SER B 753 -32.51 12.52 -52.47
N SER B 754 -33.12 12.01 -53.55
CA SER B 754 -32.77 10.68 -54.03
C SER B 754 -31.39 10.68 -54.65
N LYS B 755 -30.99 11.79 -55.26
CA LYS B 755 -29.66 11.88 -55.82
C LYS B 755 -28.60 12.02 -54.73
N THR B 756 -29.00 12.34 -53.50
CA THR B 756 -28.02 12.58 -52.44
C THR B 756 -27.18 11.36 -52.15
N GLU B 757 -27.80 10.30 -51.62
CA GLU B 757 -27.02 9.19 -51.04
C GLU B 757 -26.03 8.61 -52.03
N LEU B 758 -26.36 8.64 -53.33
CA LEU B 758 -25.36 8.34 -54.35
C LEU B 758 -24.14 9.22 -54.16
N LEU B 759 -24.36 10.52 -53.99
CA LEU B 759 -23.25 11.43 -53.82
C LEU B 759 -22.64 11.33 -52.44
N PHE B 760 -23.40 10.92 -51.45
CA PHE B 760 -22.83 10.64 -50.14
C PHE B 760 -21.76 9.57 -50.26
N ALA B 761 -22.12 8.44 -50.88
CA ALA B 761 -21.16 7.37 -51.08
C ALA B 761 -20.04 7.81 -52.01
N ALA B 762 -20.34 8.67 -52.97
CA ALA B 762 -19.29 9.20 -53.84
C ALA B 762 -18.28 10.00 -53.02
N LEU B 763 -18.78 10.89 -52.17
CA LEU B 763 -17.92 11.68 -51.29
C LEU B 763 -17.13 10.79 -50.35
N LYS B 764 -17.69 9.65 -49.96
CA LYS B 764 -16.93 8.67 -49.22
C LYS B 764 -16.07 7.78 -50.12
N ALA B 765 -15.84 8.18 -51.37
CA ALA B 765 -15.06 7.38 -52.28
C ALA B 765 -14.17 8.22 -53.18
N LEU B 766 -13.91 9.47 -52.79
CA LEU B 766 -13.34 10.44 -53.71
C LEU B 766 -11.94 10.06 -54.16
N LYS B 767 -11.10 9.59 -53.24
CA LYS B 767 -9.68 9.46 -53.53
C LYS B 767 -9.43 8.49 -54.67
N TYR B 768 -10.04 7.32 -54.64
CA TYR B 768 -9.65 6.28 -55.58
C TYR B 768 -10.16 6.59 -56.98
N LEU B 769 -11.40 7.09 -57.08
CA LEU B 769 -11.87 7.52 -58.38
C LEU B 769 -11.05 8.68 -58.91
N PHE B 770 -10.57 9.54 -58.03
CA PHE B 770 -9.65 10.57 -58.50
C PHE B 770 -8.36 9.95 -59.03
N ARG B 771 -7.86 8.91 -58.37
CA ARG B 771 -6.71 8.19 -58.89
C ARG B 771 -6.99 7.70 -60.31
N PHE B 772 -8.17 7.12 -60.51
CA PHE B 772 -8.55 6.66 -61.84
C PHE B 772 -8.54 7.80 -62.83
N ILE B 773 -9.10 8.94 -62.44
CA ILE B 773 -9.14 10.10 -63.32
C ILE B 773 -7.74 10.52 -63.71
N ILE B 774 -6.83 10.55 -62.73
CA ILE B 774 -5.48 11.04 -63.00
C ILE B 774 -4.73 10.08 -63.91
N GLN B 775 -4.84 8.78 -63.65
CA GLN B 775 -4.19 7.81 -64.52
C GLN B 775 -4.76 7.90 -65.93
N SER B 776 -6.07 8.11 -66.05
CA SER B 776 -6.68 8.32 -67.35
C SER B 776 -6.03 9.50 -68.07
N ARG B 777 -5.92 10.64 -67.39
CA ARG B 777 -5.40 11.83 -68.03
C ARG B 777 -3.95 11.65 -68.44
N VAL B 778 -3.13 11.07 -67.56
CA VAL B 778 -1.73 10.95 -67.88
C VAL B 778 -1.52 9.94 -69.00
N LEU B 779 -2.32 8.87 -69.03
CA LEU B 779 -2.24 7.95 -70.15
C LEU B 779 -2.65 8.63 -71.44
N TYR B 780 -3.68 9.47 -71.40
CA TYR B 780 -4.08 10.20 -72.59
C TYR B 780 -2.94 11.09 -73.06
N LEU B 781 -2.26 11.77 -72.14
CA LEU B 781 -1.23 12.71 -72.54
C LEU B 781 -0.01 11.98 -73.08
N ARG B 782 0.36 10.85 -72.48
CA ARG B 782 1.47 10.09 -73.04
C ARG B 782 1.09 9.48 -74.39
N PHE B 783 -0.18 9.18 -74.59
CA PHE B 783 -0.65 8.71 -75.89
C PHE B 783 -0.65 9.84 -76.91
N TYR B 784 -0.82 11.07 -76.45
CA TYR B 784 -1.10 12.21 -77.31
C TYR B 784 -0.02 13.29 -77.24
N GLY B 785 1.05 13.07 -76.48
CA GLY B 785 2.15 14.01 -76.43
C GLY B 785 1.82 15.26 -75.63
N GLN B 786 0.77 15.98 -76.05
CA GLN B 786 0.34 17.17 -75.32
C GLN B 786 -1.19 17.21 -75.29
N SER B 787 -1.76 18.34 -74.90
CA SER B 787 -3.17 18.43 -74.55
C SER B 787 -3.90 19.39 -75.47
N LYS B 788 -5.01 18.90 -76.05
CA LYS B 788 -6.01 19.79 -76.64
C LYS B 788 -7.08 20.17 -75.65
N ASP B 789 -7.13 19.50 -74.49
CA ASP B 789 -8.21 19.68 -73.53
C ASP B 789 -7.73 20.10 -72.15
N GLY B 790 -6.44 20.36 -71.98
CA GLY B 790 -5.95 20.77 -70.67
C GLY B 790 -6.65 22.01 -70.16
N ASP B 791 -6.83 23.00 -71.04
CA ASP B 791 -7.59 24.20 -70.67
C ASP B 791 -8.95 23.80 -70.10
N GLU B 792 -9.77 23.14 -70.91
CA GLU B 792 -11.12 22.79 -70.48
C GLU B 792 -11.12 21.77 -69.36
N PHE B 793 -10.10 20.93 -69.28
CA PHE B 793 -10.07 19.97 -68.18
C PHE B 793 -9.86 20.66 -66.85
N ASN B 794 -8.83 21.50 -66.76
CA ASN B 794 -8.63 22.26 -65.54
C ASN B 794 -9.81 23.17 -65.28
N ASN B 795 -10.47 23.65 -66.32
CA ASN B 795 -11.74 24.34 -66.13
C ASN B 795 -12.70 23.43 -65.39
N SER B 796 -12.92 22.21 -65.92
CA SER B 796 -13.84 21.28 -65.30
C SER B 796 -13.53 21.10 -63.83
N ILE B 797 -12.25 21.08 -63.49
CA ILE B 797 -11.86 21.07 -62.08
C ILE B 797 -12.36 22.33 -61.38
N ARG B 798 -12.21 23.48 -62.03
CA ARG B 798 -12.58 24.73 -61.39
C ARG B 798 -14.09 24.80 -61.14
N GLN B 799 -14.90 24.49 -62.16
CA GLN B 799 -16.33 24.37 -61.91
C GLN B 799 -16.67 23.23 -60.97
N LEU B 800 -15.80 22.22 -60.86
CA LEU B 800 -16.02 21.20 -59.84
C LEU B 800 -15.99 21.82 -58.46
N PHE B 801 -14.92 22.56 -58.17
CA PHE B 801 -14.84 23.22 -56.87
C PHE B 801 -15.94 24.24 -56.71
N LEU B 802 -16.36 24.86 -57.82
CA LEU B 802 -17.48 25.78 -57.76
C LEU B 802 -18.74 25.04 -57.34
N ALA B 803 -18.92 23.82 -57.84
CA ALA B 803 -20.05 23.01 -57.43
C ALA B 803 -19.98 22.68 -55.95
N PHE B 804 -18.78 22.37 -55.45
CA PHE B 804 -18.64 22.16 -54.01
C PHE B 804 -19.05 23.39 -53.22
N ASN B 805 -18.59 24.56 -53.66
CA ASN B 805 -18.93 25.79 -52.97
C ASN B 805 -20.44 25.99 -52.96
N MET B 806 -21.06 25.83 -54.12
CA MET B 806 -22.49 26.05 -54.19
C MET B 806 -23.22 25.05 -53.31
N LEU B 807 -22.75 23.80 -53.28
CA LEU B 807 -23.22 22.81 -52.32
C LEU B 807 -23.24 23.38 -50.93
N MET B 808 -22.05 23.65 -50.43
CA MET B 808 -21.90 24.09 -49.06
C MET B 808 -22.49 25.47 -48.84
N ASP B 809 -23.11 26.04 -49.87
CA ASP B 809 -23.89 27.26 -49.73
C ASP B 809 -25.38 27.06 -49.99
N ARG B 810 -25.80 25.87 -50.40
CA ARG B 810 -27.23 25.58 -50.38
C ARG B 810 -27.69 25.45 -48.93
N PRO B 811 -28.99 25.52 -48.69
CA PRO B 811 -29.51 25.11 -47.38
C PRO B 811 -29.01 23.73 -47.02
N LEU B 812 -28.20 23.66 -45.97
CA LEU B 812 -27.58 22.41 -45.56
C LEU B 812 -28.59 21.43 -44.99
N GLU B 813 -29.81 21.90 -44.75
CA GLU B 813 -30.95 21.06 -44.38
C GLU B 813 -31.04 19.76 -45.18
N GLU B 814 -30.57 19.79 -46.42
CA GLU B 814 -30.65 18.59 -47.25
C GLU B 814 -29.47 17.65 -46.99
N ALA B 815 -28.27 18.20 -46.78
CA ALA B 815 -27.06 17.39 -46.81
C ALA B 815 -26.08 17.79 -45.70
N VAL B 816 -26.57 17.91 -44.47
CA VAL B 816 -25.69 18.22 -43.35
C VAL B 816 -24.53 17.22 -43.28
N LYS B 817 -24.86 15.94 -43.08
CA LYS B 817 -23.86 14.90 -43.03
C LYS B 817 -23.05 14.85 -44.31
N ILE B 818 -23.71 15.01 -45.45
CA ILE B 818 -23.04 14.82 -46.72
C ILE B 818 -21.97 15.87 -46.93
N LYS B 819 -22.26 17.12 -46.60
CA LYS B 819 -21.27 18.17 -46.82
C LYS B 819 -20.20 18.13 -45.74
N GLY B 820 -20.55 17.66 -44.54
CA GLY B 820 -19.50 17.33 -43.58
C GLY B 820 -18.53 16.31 -44.15
N ALA B 821 -19.06 15.26 -44.76
CA ALA B 821 -18.21 14.27 -45.41
C ALA B 821 -17.49 14.87 -46.60
N ALA B 822 -18.08 15.88 -47.23
CA ALA B 822 -17.41 16.56 -48.34
C ALA B 822 -16.13 17.20 -47.86
N LEU B 823 -16.23 18.00 -46.80
CA LEU B 823 -15.01 18.58 -46.24
C LEU B 823 -14.11 17.52 -45.63
N LYS B 824 -14.67 16.37 -45.28
CA LYS B 824 -13.86 15.25 -44.80
C LYS B 824 -12.93 14.73 -45.89
N TYR B 825 -13.52 14.25 -46.98
CA TYR B 825 -12.77 13.55 -48.01
C TYR B 825 -12.26 14.44 -49.13
N LEU B 826 -12.63 15.71 -49.16
CA LEU B 826 -12.12 16.58 -50.21
C LEU B 826 -10.61 16.74 -50.16
N PRO B 827 -9.97 17.00 -49.03
CA PRO B 827 -8.50 17.12 -49.03
C PRO B 827 -7.80 15.84 -49.43
N SER B 828 -8.47 14.69 -49.34
CA SER B 828 -7.82 13.40 -49.52
C SER B 828 -7.35 13.20 -50.95
N ILE B 829 -7.49 14.22 -51.78
CA ILE B 829 -7.10 14.14 -53.18
C ILE B 829 -5.93 15.05 -53.52
N ILE B 830 -5.57 15.98 -52.63
CA ILE B 830 -4.73 17.12 -53.02
C ILE B 830 -3.34 16.68 -53.44
N ASN B 831 -2.81 15.65 -52.78
CA ASN B 831 -1.45 15.20 -53.05
C ASN B 831 -1.32 14.75 -54.50
N ASP B 832 -2.32 14.06 -55.03
CA ASP B 832 -2.28 13.66 -56.42
C ASP B 832 -2.83 14.71 -57.36
N VAL B 833 -3.68 15.62 -56.87
CA VAL B 833 -4.08 16.75 -57.69
C VAL B 833 -2.84 17.52 -58.12
N LYS B 834 -1.94 17.78 -57.17
CA LYS B 834 -0.74 18.56 -57.45
C LYS B 834 0.05 17.98 -58.61
N LEU B 835 0.03 16.66 -58.77
CA LEU B 835 0.91 16.01 -59.73
C LEU B 835 0.48 16.29 -61.16
N VAL B 836 -0.72 16.80 -61.36
CA VAL B 836 -1.23 17.06 -62.70
C VAL B 836 -1.80 18.47 -62.78
N PHE B 837 -1.39 19.34 -61.87
CA PHE B 837 -2.06 20.61 -61.75
C PHE B 837 -1.11 21.66 -61.19
N ASP B 838 -1.48 22.91 -61.39
CA ASP B 838 -0.79 24.02 -60.76
C ASP B 838 -1.01 23.98 -59.26
N PRO B 839 0.00 23.68 -58.46
CA PRO B 839 -0.21 23.60 -57.01
C PRO B 839 -0.74 24.89 -56.43
N VAL B 840 -0.25 26.02 -56.92
CA VAL B 840 -0.74 27.31 -56.44
C VAL B 840 -2.22 27.43 -56.75
N GLU B 841 -2.63 27.04 -57.96
CA GLU B 841 -4.03 27.11 -58.33
C GLU B 841 -4.87 26.24 -57.41
N LEU B 842 -4.45 24.99 -57.17
CA LEU B 842 -5.18 24.14 -56.26
C LEU B 842 -5.31 24.77 -54.88
N SER B 843 -4.21 25.33 -54.40
CA SER B 843 -4.21 25.95 -53.09
C SER B 843 -5.25 27.05 -53.02
N VAL B 844 -5.21 27.98 -53.96
CA VAL B 844 -6.14 29.10 -53.91
C VAL B 844 -7.55 28.62 -54.14
N LEU B 845 -7.72 27.53 -54.87
CA LEU B 845 -9.06 26.98 -55.08
C LEU B 845 -9.62 26.47 -53.76
N PHE B 846 -8.82 25.73 -53.03
CA PHE B 846 -9.23 25.30 -51.70
C PHE B 846 -9.50 26.48 -50.80
N CYS B 847 -8.69 27.53 -50.92
CA CYS B 847 -8.91 28.74 -50.15
C CYS B 847 -10.29 29.32 -50.42
N LYS B 848 -10.59 29.53 -51.72
CA LYS B 848 -11.88 30.08 -52.12
C LYS B 848 -13.02 29.19 -51.63
N PHE B 849 -12.82 27.88 -51.67
CA PHE B 849 -13.82 26.97 -51.11
C PHE B 849 -14.03 27.21 -49.63
N ILE B 850 -12.98 26.98 -48.85
CA ILE B 850 -13.15 26.85 -47.41
C ILE B 850 -13.55 28.18 -46.80
N GLN B 851 -13.00 29.29 -47.32
CA GLN B 851 -13.30 30.58 -46.73
C GLN B 851 -14.79 30.85 -46.73
N SER B 852 -15.52 30.21 -47.64
CA SER B 852 -16.94 30.45 -47.81
C SER B 852 -17.81 29.73 -46.79
N ILE B 853 -17.21 29.06 -45.80
CA ILE B 853 -18.02 28.34 -44.82
C ILE B 853 -18.80 29.32 -43.95
N PRO B 854 -20.12 29.17 -43.82
CA PRO B 854 -20.86 30.00 -42.86
C PRO B 854 -20.46 29.61 -41.44
N ASP B 855 -19.82 30.55 -40.75
CA ASP B 855 -19.12 30.38 -39.47
C ASP B 855 -19.97 29.78 -38.40
N ASN B 856 -21.28 29.73 -38.61
CA ASN B 856 -22.20 29.12 -37.66
C ASN B 856 -22.37 27.62 -37.89
N GLN B 857 -21.38 26.98 -38.54
CA GLN B 857 -21.57 25.61 -39.00
C GLN B 857 -20.28 24.81 -38.94
N LEU B 858 -20.34 23.62 -38.35
CA LEU B 858 -19.38 22.54 -38.60
C LEU B 858 -17.94 22.95 -38.28
N VAL B 859 -17.76 23.57 -37.11
CA VAL B 859 -16.45 24.13 -36.80
C VAL B 859 -15.38 23.04 -36.71
N ARG B 860 -15.54 22.10 -35.79
CA ARG B 860 -14.47 21.13 -35.57
C ARG B 860 -14.19 20.32 -36.82
N GLN B 861 -15.23 20.05 -37.60
CA GLN B 861 -15.06 19.31 -38.85
C GLN B 861 -14.22 20.10 -39.83
N LYS B 862 -14.49 21.40 -39.97
CA LYS B 862 -13.67 22.19 -40.87
C LYS B 862 -12.24 22.29 -40.36
N LEU B 863 -12.06 22.27 -39.05
CA LEU B 863 -10.71 22.23 -38.52
C LEU B 863 -10.00 20.93 -38.90
N ASN B 864 -10.70 19.80 -38.79
CA ASN B 864 -10.13 18.54 -39.23
C ASN B 864 -9.78 18.60 -40.71
N CYS B 865 -10.64 19.20 -41.50
CA CYS B 865 -10.32 19.41 -42.91
C CYS B 865 -9.02 20.18 -43.06
N MET B 866 -8.86 21.26 -42.30
CA MET B 866 -7.65 22.05 -42.40
C MET B 866 -6.44 21.23 -42.01
N THR B 867 -6.59 20.34 -41.03
CA THR B 867 -5.49 19.46 -40.66
C THR B 867 -5.12 18.53 -41.81
N LYS B 868 -6.12 17.85 -42.37
CA LYS B 868 -5.85 16.92 -43.45
C LYS B 868 -5.24 17.63 -44.63
N ILE B 869 -5.54 18.92 -44.79
CA ILE B 869 -4.88 19.72 -45.81
C ILE B 869 -3.44 19.99 -45.41
N VAL B 870 -3.26 20.66 -44.28
CA VAL B 870 -1.95 21.15 -43.85
C VAL B 870 -0.94 20.03 -43.78
N GLU B 871 -1.40 18.79 -43.60
CA GLU B 871 -0.47 17.67 -43.66
C GLU B 871 0.17 17.55 -45.03
N SER B 872 -0.61 17.71 -46.09
CA SER B 872 -0.16 17.36 -47.42
C SER B 872 -0.26 18.54 -48.38
N THR B 873 0.70 18.60 -49.31
CA THR B 873 0.93 19.67 -50.26
C THR B 873 1.48 20.90 -49.55
N LEU B 874 1.46 20.88 -48.22
CA LEU B 874 2.25 21.84 -47.49
C LEU B 874 3.71 21.39 -47.40
N PHE B 875 3.96 20.09 -47.57
CA PHE B 875 5.30 19.69 -47.93
C PHE B 875 5.76 20.44 -49.18
N ARG B 876 4.83 20.71 -50.09
CA ARG B 876 5.08 21.65 -51.18
C ARG B 876 4.77 23.06 -50.68
N GLN B 877 5.64 23.52 -49.79
CA GLN B 877 5.39 24.75 -49.06
C GLN B 877 5.61 25.98 -49.92
N SER B 878 6.68 25.98 -50.72
CA SER B 878 7.21 27.21 -51.30
C SER B 878 6.21 27.97 -52.16
N GLU B 879 5.06 27.38 -52.45
CA GLU B 879 4.10 28.04 -53.32
C GLU B 879 2.74 28.24 -52.69
N CYS B 880 2.32 27.35 -51.79
CA CYS B 880 1.01 27.44 -51.18
C CYS B 880 1.06 27.99 -49.76
N ARG B 881 2.25 28.05 -49.17
CA ARG B 881 2.38 28.63 -47.84
C ARG B 881 1.83 30.04 -47.81
N GLU B 882 2.31 30.87 -48.73
CA GLU B 882 2.01 32.29 -48.76
C GLU B 882 0.54 32.59 -49.00
N VAL B 883 -0.24 31.58 -49.40
CA VAL B 883 -1.63 31.79 -49.69
C VAL B 883 -2.56 30.99 -48.77
N LEU B 884 -2.05 29.99 -48.08
CA LEU B 884 -2.84 29.27 -47.11
C LEU B 884 -2.62 29.79 -45.71
N LEU B 885 -1.37 29.83 -45.28
CA LEU B 885 -1.06 30.29 -43.93
C LEU B 885 -1.68 31.63 -43.61
N PRO B 886 -1.78 32.61 -44.52
CA PRO B 886 -2.68 33.73 -44.25
C PRO B 886 -4.06 33.25 -43.85
N LEU B 887 -4.70 32.46 -44.72
CA LEU B 887 -6.07 32.03 -44.48
C LEU B 887 -6.18 31.19 -43.20
N LEU B 888 -5.30 30.20 -43.06
CA LEU B 888 -5.36 29.34 -41.87
C LEU B 888 -5.15 30.16 -40.60
N THR B 889 -4.21 31.10 -40.65
CA THR B 889 -4.04 32.01 -39.53
C THR B 889 -5.33 32.73 -39.22
N ASP B 890 -6.03 33.17 -40.25
CA ASP B 890 -7.30 33.88 -40.03
C ASP B 890 -8.30 32.99 -39.32
N GLN B 891 -8.42 31.75 -39.76
CA GLN B 891 -9.41 30.88 -39.10
C GLN B 891 -9.04 30.60 -37.67
N LEU B 892 -7.76 30.34 -37.40
CA LEU B 892 -7.39 30.08 -36.00
C LEU B 892 -7.61 31.31 -35.15
N SER B 893 -7.23 32.49 -35.65
CA SER B 893 -7.45 33.71 -34.90
C SER B 893 -8.92 33.96 -34.66
N GLY B 894 -9.77 33.59 -35.62
CA GLY B 894 -11.21 33.65 -35.36
C GLY B 894 -11.62 32.66 -34.30
N GLN B 895 -11.01 31.48 -34.32
CA GLN B 895 -11.23 30.46 -33.30
C GLN B 895 -10.76 30.92 -31.93
N LEU B 896 -9.91 31.94 -31.88
CA LEU B 896 -9.31 32.40 -30.63
C LEU B 896 -10.32 32.63 -29.52
N ASP B 897 -11.23 33.60 -29.70
CA ASP B 897 -12.19 33.98 -28.66
C ASP B 897 -13.59 34.02 -29.26
N ASP B 898 -14.24 32.85 -29.32
CA ASP B 898 -15.66 32.79 -29.67
C ASP B 898 -16.51 32.33 -28.51
N ASN B 899 -15.93 32.23 -27.32
CA ASN B 899 -16.64 32.17 -26.05
C ASN B 899 -17.38 30.84 -25.85
N SER B 900 -17.30 29.94 -26.83
CA SER B 900 -17.90 28.60 -26.72
C SER B 900 -16.95 27.53 -27.22
N ASN B 901 -15.65 27.78 -27.16
CA ASN B 901 -14.65 27.05 -27.93
C ASN B 901 -14.04 25.88 -27.19
N LYS B 902 -14.59 25.50 -26.03
CA LYS B 902 -13.97 24.46 -25.24
C LYS B 902 -13.72 23.16 -26.00
N PRO B 903 -14.60 22.65 -26.90
CA PRO B 903 -14.23 21.47 -27.69
C PRO B 903 -13.37 21.86 -28.87
N ASP B 904 -13.54 23.11 -29.33
CA ASP B 904 -12.66 23.65 -30.35
C ASP B 904 -11.21 23.67 -29.89
N HIS B 905 -10.99 23.63 -28.58
CA HIS B 905 -9.64 23.74 -28.05
C HIS B 905 -8.77 22.59 -28.53
N GLU B 906 -9.24 21.36 -28.37
CA GLU B 906 -8.45 20.22 -28.79
C GLU B 906 -8.16 20.28 -30.29
N ALA B 907 -9.17 20.59 -31.11
CA ALA B 907 -8.95 20.60 -32.55
C ALA B 907 -8.00 21.71 -32.96
N SER B 908 -8.20 22.91 -32.43
CA SER B 908 -7.30 24.02 -32.74
C SER B 908 -5.88 23.70 -32.29
N SER B 909 -5.74 23.00 -31.17
CA SER B 909 -4.41 22.56 -30.75
C SER B 909 -3.83 21.59 -31.76
N GLN B 910 -4.65 20.69 -32.31
CA GLN B 910 -4.15 19.81 -33.36
C GLN B 910 -3.65 20.64 -34.54
N LEU B 911 -4.41 21.67 -34.92
CA LEU B 911 -3.99 22.49 -36.05
C LEU B 911 -2.66 23.17 -35.77
N LEU B 912 -2.53 23.80 -34.60
CA LEU B 912 -1.28 24.45 -34.26
C LEU B 912 -0.14 23.44 -34.24
N SER B 913 -0.37 22.32 -33.58
CA SER B 913 0.58 21.23 -33.55
C SER B 913 1.08 20.92 -34.95
N ASN B 914 0.17 20.65 -35.86
CA ASN B 914 0.57 20.13 -37.16
C ASN B 914 1.23 21.20 -38.01
N ILE B 915 0.73 22.44 -37.94
CA ILE B 915 1.37 23.49 -38.72
C ILE B 915 2.80 23.68 -38.25
N LEU B 916 3.01 23.72 -36.94
CA LEU B 916 4.36 23.93 -36.45
C LEU B 916 5.23 22.73 -36.74
N GLU B 917 4.66 21.54 -36.62
CA GLU B 917 5.44 20.33 -36.84
C GLU B 917 5.93 20.25 -38.27
N VAL B 918 5.10 20.66 -39.23
CA VAL B 918 5.56 20.66 -40.61
C VAL B 918 6.50 21.83 -40.85
N LEU B 919 6.28 22.96 -40.19
CA LEU B 919 7.15 24.11 -40.43
C LEU B 919 8.55 23.88 -39.89
N ASP B 920 8.69 23.02 -38.90
CA ASP B 920 10.01 22.80 -38.33
C ASP B 920 10.81 21.75 -39.07
N ARG B 921 10.20 20.93 -39.91
CA ARG B 921 10.97 19.94 -40.62
C ARG B 921 11.94 20.63 -41.57
N LYS B 922 13.10 20.03 -41.76
CA LYS B 922 14.20 20.72 -42.43
C LYS B 922 14.11 20.69 -43.95
N ASP B 923 13.11 20.03 -44.53
CA ASP B 923 13.00 19.86 -45.97
C ASP B 923 11.84 20.67 -46.55
N VAL B 924 11.68 21.90 -46.06
CA VAL B 924 10.47 22.67 -46.38
C VAL B 924 10.77 23.98 -47.08
N GLY B 925 11.97 24.54 -46.97
CA GLY B 925 12.28 25.81 -47.58
C GLY B 925 12.19 26.97 -46.59
N ALA B 926 12.53 28.14 -47.09
CA ALA B 926 12.59 29.33 -46.25
C ALA B 926 11.24 29.67 -45.66
N THR B 927 11.09 29.48 -44.35
CA THR B 927 9.81 29.67 -43.68
C THR B 927 9.85 30.72 -42.59
N ALA B 928 11.00 31.37 -42.39
CA ALA B 928 11.13 32.28 -41.27
C ALA B 928 10.06 33.36 -41.30
N VAL B 929 9.84 33.95 -42.47
CA VAL B 929 8.84 35.02 -42.57
C VAL B 929 7.45 34.48 -42.31
N HIS B 930 7.18 33.25 -42.72
CA HIS B 930 5.83 32.74 -42.56
C HIS B 930 5.53 32.45 -41.10
N ILE B 931 6.50 31.86 -40.40
CA ILE B 931 6.47 31.85 -38.95
C ILE B 931 6.18 33.24 -38.44
N GLN B 932 7.04 34.20 -38.81
CA GLN B 932 6.89 35.59 -38.42
C GLN B 932 5.43 36.04 -38.47
N LEU B 933 4.73 35.68 -39.53
CA LEU B 933 3.33 36.05 -39.60
C LEU B 933 2.49 35.27 -38.60
N ILE B 934 2.74 33.96 -38.47
CA ILE B 934 1.96 33.17 -37.51
C ILE B 934 2.14 33.72 -36.11
N MET B 935 3.40 33.94 -35.73
CA MET B 935 3.78 34.78 -34.61
C MET B 935 2.90 36.00 -34.49
N GLU B 936 2.93 36.84 -35.52
CA GLU B 936 2.37 38.17 -35.44
C GLU B 936 0.87 38.15 -35.25
N ARG B 937 0.22 37.05 -35.62
CA ARG B 937 -1.22 36.97 -35.39
C ARG B 937 -1.62 35.95 -34.34
N LEU B 938 -0.68 35.25 -33.71
CA LEU B 938 -1.10 34.31 -32.68
C LEU B 938 -0.30 34.28 -31.38
N LEU B 939 0.81 35.00 -31.23
CA LEU B 939 1.55 34.87 -29.98
C LEU B 939 0.70 35.15 -28.77
N ARG B 940 0.36 36.42 -28.58
CA ARG B 940 -0.45 36.83 -27.43
C ARG B 940 -1.79 36.15 -27.48
N ARG B 941 -2.19 35.71 -28.67
CA ARG B 941 -3.48 35.06 -28.85
C ARG B 941 -3.52 33.73 -28.11
N ILE B 942 -2.67 32.78 -28.51
CA ILE B 942 -2.66 31.50 -27.80
C ILE B 942 -2.18 31.70 -26.38
N ASN B 943 -1.36 32.73 -26.15
CA ASN B 943 -0.93 33.01 -24.79
C ASN B 943 -2.13 33.31 -23.91
N ARG B 944 -3.02 34.18 -24.39
CA ARG B 944 -4.24 34.46 -23.67
C ARG B 944 -5.10 33.22 -23.58
N THR B 945 -5.08 32.39 -24.62
CA THR B 945 -5.89 31.19 -24.62
C THR B 945 -5.53 30.29 -23.46
N VAL B 946 -4.23 30.03 -23.30
CA VAL B 946 -3.81 29.19 -22.19
C VAL B 946 -4.03 29.93 -20.88
N ILE B 947 -3.83 31.24 -20.86
CA ILE B 947 -4.21 32.06 -19.73
C ILE B 947 -5.68 31.87 -19.39
N GLY B 948 -6.47 31.36 -20.33
CA GLY B 948 -7.82 30.96 -20.01
C GLY B 948 -7.86 29.51 -19.58
N MET B 949 -6.98 28.69 -20.14
CA MET B 949 -7.02 27.26 -19.88
C MET B 949 -6.43 26.93 -18.53
N ASN B 950 -6.27 27.94 -17.67
CA ASN B 950 -5.61 27.75 -16.39
C ASN B 950 -6.22 26.63 -15.55
N ARG B 951 -7.51 26.35 -15.74
CA ARG B 951 -8.09 25.20 -15.05
C ARG B 951 -7.33 23.96 -15.46
N GLN B 952 -7.03 23.11 -14.48
CA GLN B 952 -6.19 21.95 -14.78
C GLN B 952 -6.98 20.76 -15.28
N SER B 953 -8.21 20.99 -15.74
CA SER B 953 -9.00 19.87 -16.28
C SER B 953 -8.64 19.54 -17.73
N PRO B 954 -8.54 20.50 -18.65
CA PRO B 954 -8.41 20.11 -20.06
C PRO B 954 -7.02 19.63 -20.45
N HIS B 955 -6.86 19.52 -21.77
CA HIS B 955 -5.58 19.36 -22.44
C HIS B 955 -4.79 20.67 -22.43
N ILE B 956 -4.26 21.01 -21.25
CA ILE B 956 -3.40 22.19 -21.17
C ILE B 956 -2.09 21.95 -21.89
N GLY B 957 -1.54 20.75 -21.74
CA GLY B 957 -0.20 20.49 -22.24
C GLY B 957 -0.07 20.72 -23.72
N SER B 958 -1.13 20.42 -24.47
CA SER B 958 -1.11 20.66 -25.90
C SER B 958 -0.80 22.12 -26.21
N PHE B 959 -1.54 23.03 -25.58
CA PHE B 959 -1.34 24.44 -25.87
C PHE B 959 -0.02 24.93 -25.30
N VAL B 960 0.39 24.39 -24.17
CA VAL B 960 1.71 24.75 -23.65
C VAL B 960 2.78 24.36 -24.64
N ALA B 961 2.67 23.16 -25.20
CA ALA B 961 3.55 22.73 -26.27
C ALA B 961 3.55 23.75 -27.40
N CYS B 962 2.38 23.99 -27.98
CA CYS B 962 2.30 24.91 -29.12
C CYS B 962 2.96 26.25 -28.79
N MET B 963 2.75 26.73 -27.56
CA MET B 963 3.40 27.95 -27.11
C MET B 963 4.91 27.84 -27.20
N ILE B 964 5.47 26.80 -26.57
CA ILE B 964 6.92 26.75 -26.48
C ILE B 964 7.52 26.53 -27.85
N ALA B 965 6.85 25.73 -28.68
CA ALA B 965 7.33 25.50 -30.03
C ALA B 965 7.31 26.79 -30.82
N LEU B 966 6.23 27.56 -30.72
CA LEU B 966 6.19 28.86 -31.37
C LEU B 966 7.38 29.71 -30.98
N LEU B 967 7.68 29.76 -29.69
CA LEU B 967 8.67 30.72 -29.25
C LEU B 967 10.11 30.21 -29.33
N GLN B 968 10.32 28.91 -29.52
CA GLN B 968 11.66 28.40 -29.77
C GLN B 968 11.95 28.24 -31.25
N GLN B 969 10.95 27.82 -32.01
CA GLN B 969 11.10 27.72 -33.46
C GLN B 969 11.44 29.07 -34.05
N MET B 970 10.84 30.12 -33.52
CA MET B 970 11.07 31.45 -34.03
C MET B 970 12.49 31.89 -33.69
N ASP B 971 12.79 33.13 -34.03
CA ASP B 971 14.14 33.66 -33.90
C ASP B 971 14.08 34.99 -33.17
N ASP B 972 15.19 35.30 -32.50
CA ASP B 972 15.34 36.62 -31.90
C ASP B 972 15.11 37.71 -32.92
N SER B 973 15.52 37.45 -34.17
CA SER B 973 15.27 38.40 -35.24
C SER B 973 13.81 38.81 -35.26
N HIS B 974 12.91 37.87 -35.01
CA HIS B 974 11.48 38.16 -35.09
C HIS B 974 11.02 39.04 -33.93
N TYR B 975 11.42 38.68 -32.70
CA TYR B 975 11.10 39.54 -31.56
C TYR B 975 11.53 40.96 -31.86
N SER B 976 12.84 41.14 -32.04
CA SER B 976 13.38 42.46 -32.34
C SER B 976 12.71 43.09 -33.54
N HIS B 977 12.33 42.27 -34.53
CA HIS B 977 11.76 42.75 -35.78
C HIS B 977 10.46 43.48 -35.53
N TYR B 978 9.46 42.76 -35.02
CA TYR B 978 8.23 43.47 -34.70
C TYR B 978 7.62 43.11 -33.36
N ILE B 979 7.93 41.97 -32.78
CA ILE B 979 7.27 41.66 -31.53
C ILE B 979 7.70 42.65 -30.47
N SER B 980 8.99 42.99 -30.45
CA SER B 980 9.44 44.17 -29.75
C SER B 980 8.81 45.44 -30.30
N THR B 981 8.44 45.45 -31.58
CA THR B 981 8.04 46.66 -32.27
C THR B 981 6.52 46.71 -32.44
N PHE B 982 5.80 46.29 -31.41
CA PHE B 982 4.34 46.39 -31.43
C PHE B 982 3.88 47.83 -31.26
N LYS B 983 2.61 48.02 -30.99
CA LYS B 983 2.03 49.35 -30.87
C LYS B 983 2.40 49.99 -29.54
N THR B 984 1.68 51.06 -29.17
CA THR B 984 2.08 52.02 -28.14
C THR B 984 2.70 51.43 -26.88
N ARG B 985 3.63 52.19 -26.31
CA ARG B 985 4.46 51.73 -25.20
C ARG B 985 3.63 51.14 -24.06
N GLN B 986 2.53 51.80 -23.72
CA GLN B 986 1.68 51.29 -22.66
C GLN B 986 1.12 49.92 -23.02
N ASP B 987 0.66 49.77 -24.26
CA ASP B 987 0.11 48.50 -24.71
C ASP B 987 1.16 47.39 -24.62
N ILE B 988 2.38 47.68 -25.07
CA ILE B 988 3.37 46.62 -25.03
C ILE B 988 3.71 46.28 -23.59
N ILE B 989 3.68 47.26 -22.69
CA ILE B 989 3.93 46.95 -21.30
C ILE B 989 2.83 46.07 -20.74
N ASP B 990 1.59 46.30 -21.17
CA ASP B 990 0.51 45.41 -20.75
C ASP B 990 0.73 44.00 -21.29
N PHE B 991 1.18 43.90 -22.53
CA PHE B 991 1.53 42.59 -23.07
C PHE B 991 2.57 41.91 -22.22
N LEU B 992 3.55 42.68 -21.73
CA LEU B 992 4.61 42.10 -20.92
C LEU B 992 4.08 41.66 -19.56
N MET B 993 3.20 42.47 -18.96
CA MET B 993 2.38 42.02 -17.84
C MET B 993 1.92 40.60 -18.08
N GLU B 994 1.21 40.44 -19.18
CA GLU B 994 0.57 39.18 -19.52
C GLU B 994 1.60 38.06 -19.55
N THR B 995 2.66 38.26 -20.32
CA THR B 995 3.63 37.19 -20.52
C THR B 995 4.28 36.77 -19.22
N PHE B 996 4.75 37.74 -18.44
CA PHE B 996 5.51 37.38 -17.26
C PHE B 996 4.62 36.76 -16.20
N ILE B 997 3.41 37.28 -16.02
CA ILE B 997 2.53 36.64 -15.04
C ILE B 997 2.24 35.21 -15.47
N MET B 998 1.98 34.99 -16.76
CA MET B 998 1.61 33.64 -17.15
C MET B 998 2.81 32.70 -17.04
N PHE B 999 4.00 33.17 -17.38
CA PHE B 999 5.19 32.38 -17.08
C PHE B 999 5.25 31.98 -15.62
N LYS B 1000 5.23 32.97 -14.73
CA LYS B 1000 5.34 32.67 -13.30
C LYS B 1000 4.27 31.68 -12.89
N ASP B 1001 3.12 31.70 -13.55
CA ASP B 1001 2.16 30.63 -13.36
C ASP B 1001 2.70 29.30 -13.86
N LEU B 1002 3.47 29.33 -14.95
CA LEU B 1002 3.99 28.08 -15.50
C LEU B 1002 5.05 27.44 -14.62
N ILE B 1003 6.00 28.23 -14.14
CA ILE B 1003 7.09 27.65 -13.34
C ILE B 1003 6.54 26.94 -12.11
N GLY B 1004 5.64 27.58 -11.40
CA GLY B 1004 4.91 26.86 -10.37
C GLY B 1004 3.86 25.96 -10.99
N LYS B 1005 3.52 24.90 -10.28
CA LYS B 1005 2.45 23.99 -10.69
C LYS B 1005 2.62 23.59 -12.16
N ASN B 1006 3.72 22.90 -12.42
CA ASN B 1006 4.04 22.47 -13.77
C ASN B 1006 2.89 21.65 -14.36
N VAL B 1007 2.55 21.94 -15.61
CA VAL B 1007 1.46 21.25 -16.27
C VAL B 1007 1.85 19.84 -16.69
N TYR B 1008 3.11 19.47 -16.57
CA TYR B 1008 3.61 18.15 -16.91
C TYR B 1008 3.91 17.37 -15.65
N ALA B 1009 3.75 16.06 -15.71
CA ALA B 1009 3.66 15.26 -14.50
C ALA B 1009 5.01 15.08 -13.82
N LYS B 1010 6.00 15.88 -14.21
CA LYS B 1010 7.29 15.95 -13.52
C LYS B 1010 8.10 14.68 -13.77
N ASP B 1011 7.44 13.69 -14.36
CA ASP B 1011 8.12 12.50 -14.84
C ASP B 1011 8.70 12.72 -16.22
N TRP B 1012 8.28 13.78 -16.89
CA TRP B 1012 8.71 14.09 -18.24
C TRP B 1012 9.93 15.00 -18.21
N MET B 1013 10.95 14.54 -17.49
CA MET B 1013 12.13 15.35 -17.25
C MET B 1013 12.69 15.91 -18.55
N VAL B 1014 12.72 15.08 -19.60
CA VAL B 1014 13.09 15.58 -20.92
C VAL B 1014 12.26 16.83 -21.23
N MET B 1015 10.94 16.64 -21.29
CA MET B 1015 10.06 17.71 -21.70
C MET B 1015 10.14 18.89 -20.75
N ASN B 1016 10.21 18.61 -19.46
CA ASN B 1016 10.24 19.69 -18.48
C ASN B 1016 11.46 20.57 -18.69
N MET B 1017 12.62 19.96 -18.85
CA MET B 1017 13.81 20.79 -19.05
C MET B 1017 13.80 21.46 -20.41
N THR B 1018 13.22 20.83 -21.42
CA THR B 1018 13.06 21.53 -22.69
C THR B 1018 12.27 22.81 -22.49
N GLN B 1019 11.17 22.71 -21.76
CA GLN B 1019 10.35 23.87 -21.48
C GLN B 1019 11.14 24.92 -20.72
N ASN B 1020 11.96 24.47 -19.76
CA ASN B 1020 12.80 25.42 -19.05
C ASN B 1020 13.75 26.11 -20.00
N ARG B 1021 14.31 25.35 -20.94
CA ARG B 1021 15.25 25.89 -21.90
C ARG B 1021 14.60 27.00 -22.72
N VAL B 1022 13.44 26.69 -23.30
CA VAL B 1022 12.81 27.63 -24.20
C VAL B 1022 12.34 28.86 -23.43
N PHE B 1023 11.80 28.66 -22.22
CA PHE B 1023 11.40 29.78 -21.41
C PHE B 1023 12.59 30.65 -21.07
N LEU B 1024 13.72 30.02 -20.77
CA LEU B 1024 14.91 30.77 -20.47
C LEU B 1024 15.30 31.64 -21.66
N ARG B 1025 15.27 31.08 -22.86
CA ARG B 1025 15.65 31.86 -24.03
C ARG B 1025 14.70 33.03 -24.22
N ALA B 1026 13.40 32.78 -24.12
CA ALA B 1026 12.44 33.87 -24.25
C ALA B 1026 12.69 34.95 -23.23
N ILE B 1027 13.00 34.55 -21.99
CA ILE B 1027 13.24 35.52 -20.94
C ILE B 1027 14.50 36.32 -21.24
N ASN B 1028 15.50 35.68 -21.83
CA ASN B 1028 16.67 36.44 -22.27
C ASN B 1028 16.25 37.53 -23.24
N GLN B 1029 15.52 37.16 -24.29
CA GLN B 1029 15.11 38.15 -25.27
C GLN B 1029 14.35 39.28 -24.62
N PHE B 1030 13.48 38.95 -23.67
CA PHE B 1030 12.76 40.00 -22.98
C PHE B 1030 13.70 40.83 -22.11
N ALA B 1031 14.78 40.24 -21.62
CA ALA B 1031 15.76 41.03 -20.91
C ALA B 1031 16.35 42.08 -21.84
N GLU B 1032 16.71 41.70 -23.05
CA GLU B 1032 17.21 42.72 -23.98
C GLU B 1032 16.16 43.78 -24.27
N VAL B 1033 14.89 43.40 -24.42
CA VAL B 1033 13.92 44.43 -24.79
C VAL B 1033 13.69 45.38 -23.62
N LEU B 1034 13.64 44.84 -22.39
CA LEU B 1034 13.55 45.70 -21.21
C LEU B 1034 14.72 46.65 -21.14
N THR B 1035 15.94 46.13 -21.30
CA THR B 1035 17.10 47.00 -21.28
C THR B 1035 16.96 48.08 -22.34
N ARG B 1036 16.52 47.70 -23.53
CA ARG B 1036 16.52 48.62 -24.64
C ARG B 1036 15.56 49.78 -24.39
N PHE B 1037 14.35 49.48 -23.90
CA PHE B 1037 13.31 50.50 -23.87
C PHE B 1037 12.88 50.93 -22.48
N PHE B 1038 13.57 50.53 -21.42
CA PHE B 1038 13.04 50.83 -20.09
C PHE B 1038 14.13 51.16 -19.08
N MET B 1039 15.21 51.81 -19.50
CA MET B 1039 16.20 52.27 -18.55
C MET B 1039 15.80 53.66 -18.05
N ASP B 1040 16.72 54.35 -17.38
CA ASP B 1040 16.44 55.73 -16.95
C ASP B 1040 16.10 56.61 -18.13
N GLN B 1041 16.62 56.29 -19.31
CA GLN B 1041 16.14 56.91 -20.54
C GLN B 1041 14.62 56.83 -20.64
N ALA B 1042 14.05 55.68 -20.34
CA ALA B 1042 12.62 55.57 -20.12
C ALA B 1042 12.33 55.62 -18.63
N SER B 1043 12.78 56.72 -18.00
CA SER B 1043 12.58 56.90 -16.56
C SER B 1043 11.14 56.61 -16.15
N PHE B 1044 10.21 56.87 -17.06
CA PHE B 1044 8.80 56.59 -16.81
C PHE B 1044 8.57 55.11 -16.56
N GLU B 1045 7.55 54.81 -15.75
CA GLU B 1045 6.89 53.49 -15.71
C GLU B 1045 7.90 52.34 -15.62
N LEU B 1046 8.61 52.28 -14.50
CA LEU B 1046 9.69 51.33 -14.37
C LEU B 1046 9.49 50.33 -13.23
N GLN B 1047 8.32 49.70 -13.13
CA GLN B 1047 8.13 48.70 -12.10
C GLN B 1047 8.42 47.28 -12.56
N LEU B 1048 8.18 46.98 -13.84
CA LEU B 1048 8.14 45.62 -14.36
C LEU B 1048 9.22 44.69 -13.82
N TRP B 1049 10.38 45.25 -13.45
CA TRP B 1049 11.43 44.43 -12.89
C TRP B 1049 10.96 43.63 -11.69
N ASN B 1050 9.98 44.14 -10.94
CA ASN B 1050 9.34 43.32 -9.94
C ASN B 1050 8.99 41.97 -10.54
N ASN B 1051 8.14 42.00 -11.55
CA ASN B 1051 7.69 40.79 -12.21
C ASN B 1051 8.86 40.03 -12.79
N TYR B 1052 9.78 40.74 -13.43
CA TYR B 1052 10.90 40.07 -14.09
C TYR B 1052 11.72 39.27 -13.08
N PHE B 1053 12.30 39.96 -12.10
CA PHE B 1053 13.15 39.30 -11.13
C PHE B 1053 12.41 38.19 -10.41
N HIS B 1054 11.14 38.41 -10.07
CA HIS B 1054 10.40 37.35 -9.44
C HIS B 1054 10.31 36.13 -10.35
N LEU B 1055 10.07 36.37 -11.64
CA LEU B 1055 10.05 35.27 -12.58
C LEU B 1055 11.39 34.56 -12.59
N ALA B 1056 12.47 35.34 -12.65
CA ALA B 1056 13.80 34.76 -12.74
C ALA B 1056 14.07 33.87 -11.54
N VAL B 1057 13.73 34.35 -10.36
CA VAL B 1057 14.02 33.60 -9.15
C VAL B 1057 13.17 32.33 -9.10
N ALA B 1058 11.87 32.46 -9.35
CA ALA B 1058 11.01 31.28 -9.29
C ALA B 1058 11.46 30.23 -10.29
N PHE B 1059 11.91 30.68 -11.46
CA PHE B 1059 12.51 29.77 -12.41
C PHE B 1059 13.74 29.12 -11.82
N LEU B 1060 14.59 29.93 -11.19
CA LEU B 1060 15.88 29.48 -10.70
C LEU B 1060 15.76 28.47 -9.58
N THR B 1061 14.57 28.33 -9.00
CA THR B 1061 14.38 27.65 -7.73
C THR B 1061 13.87 26.23 -7.92
N HIS B 1062 14.33 25.56 -8.96
CA HIS B 1062 14.25 24.12 -9.01
C HIS B 1062 15.44 23.59 -9.79
N GLU B 1063 15.48 22.28 -9.99
CA GLU B 1063 16.60 21.62 -10.67
C GLU B 1063 17.91 21.93 -9.95
N SER B 1064 17.98 21.45 -8.72
CA SER B 1064 19.04 21.79 -7.79
C SER B 1064 19.90 20.56 -7.55
N LEU B 1065 21.10 20.80 -6.97
CA LEU B 1065 22.19 19.83 -7.05
C LEU B 1065 21.78 18.44 -6.57
N GLN B 1066 20.84 18.35 -5.63
CA GLN B 1066 20.36 17.03 -5.25
C GLN B 1066 19.74 16.33 -6.45
N LEU B 1067 18.92 17.04 -7.22
CA LEU B 1067 18.22 16.40 -8.33
C LEU B 1067 19.21 15.86 -9.34
N GLU B 1068 20.23 16.63 -9.67
CA GLU B 1068 21.25 16.14 -10.57
C GLU B 1068 22.14 15.09 -9.90
N THR B 1069 22.15 15.05 -8.57
CA THR B 1069 22.95 14.07 -7.85
C THR B 1069 22.41 12.66 -8.00
N PHE B 1070 21.12 12.51 -8.31
CA PHE B 1070 20.44 11.25 -8.10
C PHE B 1070 21.03 10.13 -8.94
N SER B 1071 21.84 10.47 -9.93
CA SER B 1071 22.94 9.63 -10.36
C SER B 1071 24.15 10.53 -10.52
N GLN B 1072 25.34 9.93 -10.40
CA GLN B 1072 26.54 10.65 -10.78
C GLN B 1072 26.40 11.25 -12.17
N ALA B 1073 25.94 10.44 -13.12
CA ALA B 1073 25.75 10.92 -14.49
C ALA B 1073 24.52 11.78 -14.65
N LYS B 1074 23.55 11.69 -13.74
CA LYS B 1074 22.39 12.58 -13.80
C LYS B 1074 22.82 14.03 -13.82
N ARG B 1075 23.67 14.41 -12.85
CA ARG B 1075 24.43 15.64 -12.94
C ARG B 1075 25.02 15.80 -14.32
N ASN B 1076 25.87 14.85 -14.71
CA ASN B 1076 26.54 14.93 -15.99
C ASN B 1076 25.54 14.98 -17.13
N LYS B 1077 24.39 14.30 -16.98
CA LYS B 1077 23.37 14.32 -18.04
C LYS B 1077 22.87 15.74 -18.28
N ILE B 1078 22.31 16.35 -17.25
CA ILE B 1078 21.75 17.68 -17.42
C ILE B 1078 22.83 18.66 -17.82
N VAL B 1079 24.08 18.39 -17.43
CA VAL B 1079 25.17 19.26 -17.85
C VAL B 1079 25.41 19.12 -19.34
N LYS B 1080 25.67 17.90 -19.80
CA LYS B 1080 26.06 17.71 -21.19
C LYS B 1080 24.95 18.16 -22.13
N LYS B 1081 23.73 17.65 -21.93
CA LYS B 1081 22.68 17.98 -22.88
C LYS B 1081 22.16 19.40 -22.70
N TYR B 1082 22.38 20.00 -21.54
CA TYR B 1082 21.86 21.35 -21.31
C TYR B 1082 22.83 22.30 -20.64
N GLY B 1083 23.84 21.83 -19.93
CA GLY B 1083 24.55 22.70 -19.03
C GLY B 1083 23.71 22.93 -17.80
N ASP B 1084 24.25 23.70 -16.87
CA ASP B 1084 23.49 24.06 -15.68
C ASP B 1084 22.93 25.47 -15.89
N MET B 1085 21.60 25.56 -15.94
CA MET B 1085 20.95 26.80 -16.34
C MET B 1085 21.22 27.89 -15.34
N ARG B 1086 21.31 27.51 -14.06
CA ARG B 1086 21.33 28.48 -12.98
C ARG B 1086 22.42 29.52 -13.19
N LYS B 1087 23.57 29.09 -13.70
CA LYS B 1087 24.69 30.01 -13.89
C LYS B 1087 24.29 31.18 -14.76
N GLU B 1088 23.87 30.89 -15.99
CA GLU B 1088 23.51 31.96 -16.91
C GLU B 1088 22.29 32.73 -16.44
N ILE B 1089 21.32 32.05 -15.82
CA ILE B 1089 20.18 32.80 -15.28
C ILE B 1089 20.66 33.85 -14.31
N GLY B 1090 21.50 33.44 -13.35
CA GLY B 1090 22.00 34.39 -12.38
C GLY B 1090 22.84 35.48 -13.02
N PHE B 1091 23.62 35.12 -14.04
CA PHE B 1091 24.44 36.12 -14.69
C PHE B 1091 23.58 37.19 -15.33
N ARG B 1092 22.54 36.77 -16.05
CA ARG B 1092 21.59 37.72 -16.59
C ARG B 1092 20.99 38.56 -15.48
N ILE B 1093 20.66 37.93 -14.36
CA ILE B 1093 20.08 38.68 -13.26
C ILE B 1093 21.03 39.76 -12.79
N ARG B 1094 22.29 39.39 -12.58
CA ARG B 1094 23.24 40.31 -11.98
C ARG B 1094 23.55 41.47 -12.91
N ASP B 1095 23.72 41.20 -14.20
CA ASP B 1095 24.10 42.32 -15.05
C ASP B 1095 22.89 43.14 -15.45
N MET B 1096 21.71 42.50 -15.50
CA MET B 1096 20.47 43.25 -15.58
C MET B 1096 20.38 44.25 -14.44
N TRP B 1097 20.64 43.78 -13.22
CA TRP B 1097 20.56 44.62 -12.05
C TRP B 1097 21.63 45.71 -12.06
N TYR B 1098 22.84 45.36 -12.46
CA TYR B 1098 23.89 46.37 -12.63
C TYR B 1098 23.46 47.46 -13.60
N ASN B 1099 22.90 47.05 -14.74
CA ASN B 1099 22.46 48.04 -15.71
C ASN B 1099 21.30 48.87 -15.18
N LEU B 1100 20.58 48.35 -14.18
CA LEU B 1100 19.50 49.14 -13.59
C LEU B 1100 20.01 50.43 -12.98
N GLY B 1101 21.21 50.42 -12.42
CA GLY B 1101 21.87 51.63 -12.01
C GLY B 1101 21.22 52.41 -10.88
N PRO B 1102 20.89 53.66 -11.15
CA PRO B 1102 20.68 54.63 -10.06
C PRO B 1102 19.37 54.46 -9.33
N HIS B 1103 18.70 53.33 -9.51
CA HIS B 1103 17.36 53.15 -8.99
C HIS B 1103 17.21 51.91 -8.14
N LYS B 1104 18.32 51.21 -7.88
CA LYS B 1104 18.26 49.99 -7.08
C LYS B 1104 17.66 50.25 -5.71
N ILE B 1105 17.75 51.49 -5.23
CA ILE B 1105 17.20 51.82 -3.91
C ILE B 1105 15.72 51.49 -3.84
N LYS B 1106 15.05 51.53 -4.97
CA LYS B 1106 13.67 51.10 -5.01
C LYS B 1106 13.51 49.63 -4.88
N PHE B 1107 14.52 48.85 -4.52
CA PHE B 1107 14.34 47.41 -4.64
C PHE B 1107 14.77 46.66 -3.38
N ILE B 1108 15.72 47.20 -2.63
CA ILE B 1108 16.34 46.48 -1.52
C ILE B 1108 15.30 45.78 -0.65
N PRO B 1109 14.45 46.51 0.08
CA PRO B 1109 13.59 45.83 1.03
C PRO B 1109 12.72 44.77 0.38
N SER B 1110 12.42 44.95 -0.90
CA SER B 1110 11.69 43.93 -1.64
C SER B 1110 12.60 42.77 -2.00
N MET B 1111 13.62 43.04 -2.80
CA MET B 1111 14.26 41.97 -3.55
C MET B 1111 15.41 41.31 -2.81
N VAL B 1112 15.76 41.74 -1.60
CA VAL B 1112 16.72 40.96 -0.83
C VAL B 1112 16.21 39.54 -0.63
N GLY B 1113 14.92 39.38 -0.38
CA GLY B 1113 14.34 38.10 -0.09
C GLY B 1113 14.53 37.09 -1.20
N PRO B 1114 14.25 37.49 -2.44
CA PRO B 1114 14.47 36.56 -3.56
C PRO B 1114 15.91 36.11 -3.71
N ILE B 1115 16.87 37.02 -3.61
CA ILE B 1115 18.22 36.74 -4.13
C ILE B 1115 19.02 35.85 -3.19
N LEU B 1116 18.43 35.46 -2.07
CA LEU B 1116 19.16 34.49 -1.25
C LEU B 1116 19.01 33.08 -1.78
N GLU B 1117 17.82 32.72 -2.26
CA GLU B 1117 17.62 31.38 -2.79
C GLU B 1117 18.53 31.12 -3.98
N VAL B 1118 18.94 32.16 -4.69
CA VAL B 1118 20.02 32.01 -5.65
C VAL B 1118 21.37 32.04 -4.96
N THR B 1119 21.54 32.95 -3.99
CA THR B 1119 22.77 32.98 -3.24
C THR B 1119 23.05 31.65 -2.57
N LEU B 1120 22.01 30.91 -2.19
CA LEU B 1120 22.17 29.69 -1.41
C LEU B 1120 22.16 28.44 -2.25
N THR B 1121 22.24 28.54 -3.57
CA THR B 1121 22.31 27.33 -4.37
C THR B 1121 23.62 26.61 -4.11
N PRO B 1122 23.61 25.29 -4.02
CA PRO B 1122 24.79 24.58 -3.48
C PRO B 1122 26.03 24.69 -4.36
N GLU B 1123 25.94 25.34 -5.52
CA GLU B 1123 27.08 25.42 -6.41
C GLU B 1123 28.08 26.42 -5.85
N VAL B 1124 29.19 26.63 -6.57
CA VAL B 1124 30.21 27.58 -6.15
C VAL B 1124 30.30 28.78 -7.08
N GLU B 1125 30.21 28.56 -8.39
CA GLU B 1125 30.55 29.60 -9.36
C GLU B 1125 29.62 30.81 -9.24
N LEU B 1126 28.33 30.62 -9.51
CA LEU B 1126 27.43 31.77 -9.48
C LEU B 1126 27.29 32.31 -8.09
N ARG B 1127 27.46 31.46 -7.07
CA ARG B 1127 27.46 31.96 -5.70
C ARG B 1127 28.57 32.97 -5.52
N LYS B 1128 29.77 32.64 -6.01
CA LYS B 1128 30.90 33.55 -5.95
C LYS B 1128 30.63 34.81 -6.76
N ALA B 1129 29.98 34.63 -7.91
CA ALA B 1129 29.66 35.78 -8.77
C ALA B 1129 28.58 36.65 -8.16
N THR B 1130 27.74 36.07 -7.31
CA THR B 1130 26.52 36.67 -6.81
C THR B 1130 26.74 37.46 -5.54
N ILE B 1131 27.43 36.86 -4.57
CA ILE B 1131 27.68 37.45 -3.27
C ILE B 1131 27.91 38.96 -3.35
N PRO B 1132 28.74 39.46 -4.28
CA PRO B 1132 28.94 40.92 -4.33
C PRO B 1132 27.67 41.73 -4.52
N ILE B 1133 26.56 41.12 -4.95
CA ILE B 1133 25.38 41.93 -5.23
C ILE B 1133 24.82 42.52 -3.94
N PHE B 1134 24.89 41.77 -2.84
CA PHE B 1134 24.47 42.33 -1.56
C PHE B 1134 25.29 43.56 -1.22
N PHE B 1135 26.60 43.46 -1.41
CA PHE B 1135 27.45 44.61 -1.13
C PHE B 1135 27.09 45.77 -2.03
N ASP B 1136 26.83 45.51 -3.29
CA ASP B 1136 26.51 46.59 -4.21
C ASP B 1136 25.23 47.29 -3.79
N MET B 1137 24.21 46.53 -3.41
CA MET B 1137 22.96 47.17 -3.03
C MET B 1137 23.12 47.92 -1.70
N MET B 1138 23.88 47.37 -0.76
CA MET B 1138 24.04 48.08 0.50
C MET B 1138 24.87 49.35 0.32
N GLN B 1139 25.87 49.34 -0.56
CA GLN B 1139 26.61 50.57 -0.74
C GLN B 1139 25.84 51.59 -1.58
N CYS B 1140 24.97 51.13 -2.48
CA CYS B 1140 24.05 52.06 -3.11
C CYS B 1140 23.16 52.69 -2.06
N GLU B 1141 22.70 51.89 -1.10
CA GLU B 1141 22.00 52.42 0.04
C GLU B 1141 22.88 53.32 0.88
N PHE B 1142 24.20 53.16 0.79
CA PHE B 1142 25.10 54.14 1.41
C PHE B 1142 25.02 55.47 0.68
N ASN B 1143 24.88 55.44 -0.64
CA ASN B 1143 24.55 56.67 -1.34
C ASN B 1143 23.28 57.29 -0.76
N PHE B 1144 22.39 56.45 -0.23
CA PHE B 1144 21.29 56.93 0.58
C PHE B 1144 21.50 56.72 2.08
N SER B 1145 22.69 56.24 2.48
CA SER B 1145 23.08 56.33 3.88
C SER B 1145 23.99 57.51 4.13
N GLY B 1146 24.15 58.40 3.16
CA GLY B 1146 24.60 59.74 3.48
C GLY B 1146 23.66 60.39 4.47
N ASN B 1147 22.36 60.17 4.29
CA ASN B 1147 21.35 60.40 5.31
C ASN B 1147 21.07 59.05 5.96
N GLY B 1148 21.71 58.82 7.11
CA GLY B 1148 21.37 57.72 7.98
C GLY B 1148 22.25 56.50 7.74
N ASN B 1149 21.64 55.34 7.86
CA ASN B 1149 22.36 54.07 7.86
C ASN B 1149 21.85 53.19 6.74
N PHE B 1150 22.28 51.93 6.72
CA PHE B 1150 21.72 50.94 5.82
C PHE B 1150 20.93 49.89 6.58
N HIS B 1151 20.58 50.17 7.84
CA HIS B 1151 19.87 49.18 8.65
C HIS B 1151 18.56 48.78 8.00
N MET B 1152 17.88 49.75 7.40
CA MET B 1152 16.64 49.49 6.67
C MET B 1152 16.87 48.58 5.47
N PHE B 1153 18.11 48.10 5.31
CA PHE B 1153 18.38 46.89 4.55
C PHE B 1153 18.67 45.69 5.44
N GLU B 1154 19.61 45.84 6.37
CA GLU B 1154 20.17 44.67 7.02
C GLU B 1154 19.14 43.99 7.91
N ASN B 1155 18.16 44.74 8.42
CA ASN B 1155 17.12 44.11 9.23
C ASN B 1155 16.44 43.01 8.44
N GLU B 1156 15.80 43.36 7.33
CA GLU B 1156 15.14 42.36 6.52
C GLU B 1156 16.12 41.37 5.92
N LEU B 1157 17.34 41.82 5.60
CA LEU B 1157 18.35 40.88 5.18
C LEU B 1157 18.46 39.75 6.19
N ILE B 1158 18.75 40.12 7.43
CA ILE B 1158 18.92 39.16 8.52
C ILE B 1158 17.69 38.29 8.62
N THR B 1159 16.52 38.91 8.64
CA THR B 1159 15.27 38.17 8.74
C THR B 1159 15.22 37.06 7.71
N LYS B 1160 15.48 37.41 6.45
CA LYS B 1160 15.41 36.44 5.38
C LYS B 1160 16.43 35.33 5.59
N LEU B 1161 17.65 35.70 5.98
CA LEU B 1161 18.64 34.68 6.26
C LEU B 1161 18.11 33.73 7.33
N ASP B 1162 17.44 34.28 8.34
CA ASP B 1162 16.94 33.46 9.41
C ASP B 1162 15.97 32.43 8.88
N GLN B 1163 14.95 32.88 8.15
CA GLN B 1163 13.96 31.95 7.62
C GLN B 1163 14.62 30.89 6.76
N GLU B 1164 15.45 31.31 5.83
CA GLU B 1164 15.92 30.35 4.84
C GLU B 1164 16.91 29.38 5.45
N VAL B 1165 17.88 29.89 6.23
CA VAL B 1165 18.88 29.00 6.80
C VAL B 1165 18.27 28.08 7.83
N GLU B 1166 17.21 28.50 8.53
CA GLU B 1166 16.52 27.53 9.35
C GLU B 1166 15.71 26.56 8.52
N GLY B 1167 15.35 26.94 7.30
CA GLY B 1167 14.66 26.00 6.43
C GLY B 1167 15.50 24.79 6.08
N GLY B 1168 16.81 24.92 6.17
CA GLY B 1168 17.67 23.78 5.90
C GLY B 1168 18.32 23.85 4.54
N ARG B 1169 18.82 25.03 4.17
CA ARG B 1169 19.39 25.23 2.85
C ARG B 1169 20.74 25.91 2.85
N GLY B 1170 21.34 26.18 4.01
CA GLY B 1170 22.61 26.85 4.06
C GLY B 1170 23.78 25.90 3.89
N ASP B 1171 24.98 26.45 4.10
CA ASP B 1171 26.21 25.69 4.08
C ASP B 1171 27.25 26.43 4.91
N GLU B 1172 28.16 25.67 5.52
CA GLU B 1172 29.26 26.33 6.22
C GLU B 1172 30.25 26.94 5.24
N GLN B 1173 30.61 26.20 4.19
CA GLN B 1173 31.44 26.78 3.15
C GLN B 1173 30.74 27.95 2.50
N TYR B 1174 29.40 27.95 2.53
CA TYR B 1174 28.69 29.15 2.13
C TYR B 1174 29.18 30.34 2.92
N LYS B 1175 29.20 30.22 4.24
CA LYS B 1175 29.63 31.37 5.03
C LYS B 1175 31.11 31.62 4.86
N VAL B 1176 31.89 30.58 4.57
CA VAL B 1176 33.31 30.79 4.35
C VAL B 1176 33.53 31.70 3.15
N LEU B 1177 32.92 31.34 2.02
CA LEU B 1177 33.03 32.13 0.81
C LEU B 1177 32.42 33.50 1.03
N LEU B 1178 31.31 33.55 1.75
CA LEU B 1178 30.78 34.79 2.26
C LEU B 1178 31.88 35.62 2.88
N GLU B 1179 32.51 35.10 3.93
CA GLU B 1179 33.55 35.83 4.65
C GLU B 1179 34.59 36.37 3.69
N LYS B 1180 35.07 35.52 2.79
CA LYS B 1180 36.09 35.98 1.85
C LYS B 1180 35.61 37.19 1.06
N LEU B 1181 34.41 37.09 0.49
CA LEU B 1181 33.93 38.17 -0.38
C LEU B 1181 33.60 39.42 0.41
N LEU B 1182 32.84 39.28 1.50
CA LEU B 1182 32.54 40.43 2.32
C LEU B 1182 33.80 41.12 2.80
N LEU B 1183 34.84 40.34 3.11
CA LEU B 1183 36.08 40.94 3.55
C LEU B 1183 36.77 41.66 2.42
N GLU B 1184 36.69 41.12 1.21
CA GLU B 1184 37.15 41.87 0.05
C GLU B 1184 36.46 43.22 -0.01
N HIS B 1185 35.13 43.20 0.12
CA HIS B 1185 34.36 44.44 0.00
C HIS B 1185 34.77 45.43 1.08
N CYS B 1186 34.96 44.94 2.30
CA CYS B 1186 35.34 45.81 3.40
C CYS B 1186 36.74 46.38 3.19
N ARG B 1187 37.68 45.52 2.82
CA ARG B 1187 39.05 45.95 2.63
C ARG B 1187 39.24 46.68 1.32
N LYS B 1188 38.16 46.92 0.58
CA LYS B 1188 38.19 47.90 -0.50
C LYS B 1188 37.84 49.29 0.01
N HIS B 1189 36.66 49.44 0.60
CA HIS B 1189 36.07 50.74 0.86
C HIS B 1189 36.44 51.22 2.27
N LYS B 1190 36.15 52.50 2.53
CA LYS B 1190 36.52 53.18 3.77
C LYS B 1190 35.53 52.86 4.89
N TYR B 1191 35.55 53.70 5.93
CA TYR B 1191 34.89 53.57 7.23
C TYR B 1191 33.56 52.81 7.26
N LEU B 1192 32.69 53.07 6.28
CA LEU B 1192 31.49 52.26 6.18
C LEU B 1192 31.87 50.78 6.07
N SER B 1193 33.04 50.48 5.51
CA SER B 1193 33.55 49.12 5.54
C SER B 1193 33.83 48.64 6.95
N SER B 1194 34.32 49.49 7.84
CA SER B 1194 34.47 49.05 9.23
C SER B 1194 33.12 48.71 9.85
N SER B 1195 32.13 49.57 9.60
CA SER B 1195 30.79 49.24 10.05
C SER B 1195 30.37 47.89 9.50
N GLY B 1196 30.46 47.74 8.18
CA GLY B 1196 30.10 46.49 7.56
C GLY B 1196 30.90 45.32 8.08
N GLU B 1197 32.12 45.58 8.53
CA GLU B 1197 32.93 44.51 9.11
C GLU B 1197 32.26 43.99 10.37
N VAL B 1198 31.89 44.90 11.27
CA VAL B 1198 31.28 44.40 12.50
C VAL B 1198 29.95 43.73 12.18
N PHE B 1199 29.25 44.23 11.17
CA PHE B 1199 27.99 43.58 10.77
C PHE B 1199 28.25 42.23 10.14
N ALA B 1200 29.35 42.09 9.42
CA ALA B 1200 29.73 40.79 8.88
C ALA B 1200 30.02 39.81 10.00
N LEU B 1201 30.61 40.31 11.08
CA LEU B 1201 30.79 39.46 12.25
C LEU B 1201 29.44 39.01 12.79
N LEU B 1202 28.48 39.94 12.86
CA LEU B 1202 27.13 39.56 13.25
C LEU B 1202 26.62 38.43 12.38
N VAL B 1203 26.77 38.60 11.06
CA VAL B 1203 26.26 37.61 10.13
C VAL B 1203 26.93 36.27 10.37
N SER B 1204 28.24 36.29 10.57
CA SER B 1204 28.97 35.06 10.84
C SER B 1204 28.34 34.33 12.01
N SER B 1205 28.36 34.99 13.17
CA SER B 1205 27.77 34.45 14.39
C SER B 1205 26.42 33.82 14.09
N LEU B 1206 25.54 34.61 13.50
CA LEU B 1206 24.24 34.13 13.06
C LEU B 1206 24.33 32.79 12.36
N LEU B 1207 25.17 32.74 11.32
CA LEU B 1207 25.29 31.51 10.55
C LEU B 1207 25.67 30.35 11.44
N GLU B 1208 26.87 30.40 12.04
CA GLU B 1208 27.33 29.20 12.73
C GLU B 1208 26.34 28.77 13.81
N ASN B 1209 25.65 29.72 14.41
CA ASN B 1209 24.59 29.36 15.34
C ASN B 1209 23.53 28.52 14.64
N LEU B 1210 23.01 29.02 13.51
CA LEU B 1210 21.99 28.28 12.81
C LEU B 1210 22.51 26.93 12.33
N LEU B 1211 23.78 26.89 11.94
CA LEU B 1211 24.37 25.66 11.44
C LEU B 1211 24.39 24.59 12.51
N ASP B 1212 24.91 24.92 13.69
CA ASP B 1212 24.94 23.95 14.77
C ASP B 1212 23.53 23.56 15.19
N TYR B 1213 22.67 24.57 15.32
CA TYR B 1213 21.27 24.34 15.59
C TYR B 1213 20.74 23.23 14.69
N ARG B 1214 20.76 23.49 13.38
CA ARG B 1214 20.19 22.57 12.41
C ARG B 1214 20.83 21.20 12.51
N THR B 1215 22.16 21.14 12.47
CA THR B 1215 22.81 19.84 12.45
C THR B 1215 22.41 19.01 13.64
N ILE B 1216 22.09 19.64 14.77
CA ILE B 1216 21.62 18.86 15.91
C ILE B 1216 20.14 18.54 15.77
N ILE B 1217 19.37 19.40 15.10
CA ILE B 1217 17.91 19.34 15.20
C ILE B 1217 17.37 17.94 14.95
N MET B 1218 17.62 17.41 13.75
CA MET B 1218 16.84 16.28 13.27
C MET B 1218 17.57 14.94 13.42
N GLN B 1219 18.58 14.85 14.26
CA GLN B 1219 19.27 13.58 14.36
C GLN B 1219 19.09 12.87 15.70
N ASP B 1220 19.47 13.50 16.80
CA ASP B 1220 19.44 12.83 18.10
C ASP B 1220 18.04 12.64 18.64
N GLU B 1221 17.14 13.59 18.37
CA GLU B 1221 15.82 13.70 18.99
C GLU B 1221 15.91 13.87 20.50
N SER B 1222 17.11 14.10 21.02
CA SER B 1222 17.28 14.31 22.46
C SER B 1222 16.71 15.65 22.86
N LYS B 1223 15.43 15.66 23.22
CA LYS B 1223 14.69 16.87 23.56
C LYS B 1223 15.49 17.77 24.48
N GLU B 1224 16.33 17.18 25.33
CA GLU B 1224 17.23 17.98 26.15
C GLU B 1224 18.14 18.83 25.28
N ASN B 1225 18.84 18.19 24.33
CA ASN B 1225 19.71 18.94 23.44
C ASN B 1225 18.93 19.91 22.58
N ARG B 1226 17.76 19.50 22.11
CA ARG B 1226 16.95 20.38 21.28
C ARG B 1226 16.60 21.65 22.03
N MET B 1227 16.13 21.50 23.27
CA MET B 1227 15.83 22.66 24.10
C MET B 1227 17.08 23.49 24.34
N SER B 1228 18.19 22.82 24.65
CA SER B 1228 19.41 23.53 24.96
C SER B 1228 19.84 24.42 23.80
N CYS B 1229 19.90 23.84 22.60
CA CYS B 1229 20.36 24.62 21.46
C CYS B 1229 19.40 25.73 21.11
N THR B 1230 18.09 25.43 21.11
CA THR B 1230 17.17 26.48 20.73
C THR B 1230 17.19 27.62 21.73
N VAL B 1231 17.42 27.33 23.01
CA VAL B 1231 17.48 28.44 23.95
C VAL B 1231 18.83 29.13 23.85
N ASN B 1232 19.87 28.42 23.44
CA ASN B 1232 21.12 29.10 23.13
C ASN B 1232 20.89 30.18 22.10
N VAL B 1233 20.23 29.80 21.00
CA VAL B 1233 20.05 30.78 19.94
C VAL B 1233 19.04 31.84 20.36
N LEU B 1234 18.06 31.48 21.19
CA LEU B 1234 17.14 32.47 21.71
C LEU B 1234 17.88 33.51 22.54
N ASN B 1235 18.79 33.07 23.40
CA ASN B 1235 19.61 33.99 24.17
C ASN B 1235 20.43 34.86 23.25
N PHE B 1236 21.03 34.27 22.22
CA PHE B 1236 21.82 35.08 21.30
C PHE B 1236 20.97 36.16 20.68
N TYR B 1237 19.76 35.79 20.23
CA TYR B 1237 18.89 36.77 19.60
C TYR B 1237 18.49 37.85 20.58
N LYS B 1238 18.17 37.45 21.81
CA LYS B 1238 17.91 38.41 22.88
C LYS B 1238 19.03 39.42 22.98
N GLU B 1239 20.27 38.93 22.94
CA GLU B 1239 21.42 39.83 22.94
C GLU B 1239 21.40 40.73 21.72
N LYS B 1240 21.05 40.18 20.56
CA LYS B 1240 20.90 40.95 19.34
C LYS B 1240 19.48 41.45 19.14
N LYS B 1241 18.65 41.40 20.19
CA LYS B 1241 17.38 42.15 20.29
C LYS B 1241 16.51 42.02 19.05
N ARG B 1242 16.62 40.91 18.34
CA ARG B 1242 15.74 40.63 17.21
C ARG B 1242 14.51 39.94 17.77
N GLU B 1243 13.55 40.76 18.20
CA GLU B 1243 12.41 40.27 18.94
C GLU B 1243 11.56 39.31 18.11
N ASP B 1244 11.62 39.39 16.79
CA ASP B 1244 10.66 38.69 15.97
C ASP B 1244 10.93 37.19 15.93
N ILE B 1245 12.09 36.81 15.41
CA ILE B 1245 12.47 35.40 15.45
C ILE B 1245 12.63 34.95 16.88
N TYR B 1246 12.94 35.88 17.79
CA TYR B 1246 12.82 35.61 19.20
C TYR B 1246 11.48 34.96 19.51
N ILE B 1247 10.40 35.67 19.18
CA ILE B 1247 9.04 35.16 19.42
C ILE B 1247 8.83 33.85 18.72
N ARG B 1248 9.31 33.78 17.48
CA ARG B 1248 9.16 32.56 16.70
C ARG B 1248 9.68 31.36 17.49
N TYR B 1249 10.90 31.48 17.98
CA TYR B 1249 11.48 30.38 18.71
C TYR B 1249 10.83 30.20 20.07
N LEU B 1250 10.34 31.27 20.68
CA LEU B 1250 9.62 31.10 21.94
C LEU B 1250 8.43 30.19 21.75
N TYR B 1251 7.74 30.33 20.63
CA TYR B 1251 6.61 29.46 20.37
C TYR B 1251 7.07 28.07 19.98
N LYS B 1252 8.16 27.98 19.22
CA LYS B 1252 8.79 26.67 19.03
C LYS B 1252 9.03 26.00 20.37
N LEU B 1253 9.51 26.77 21.34
CA LEU B 1253 9.80 26.24 22.67
C LEU B 1253 8.53 25.79 23.37
N ARG B 1254 7.46 26.57 23.28
CA ARG B 1254 6.26 26.12 23.98
C ARG B 1254 5.79 24.80 23.39
N ASP B 1255 5.92 24.64 22.07
CA ASP B 1255 5.57 23.36 21.47
C ASP B 1255 6.54 22.26 21.90
N LEU B 1256 7.82 22.59 22.00
CA LEU B 1256 8.82 21.61 22.41
C LEU B 1256 8.56 21.13 23.83
N HIS B 1257 8.24 22.05 24.73
CA HIS B 1257 7.92 21.66 26.09
C HIS B 1257 6.62 20.87 26.13
N ARG B 1258 5.63 21.28 25.33
CA ARG B 1258 4.39 20.52 25.27
C ARG B 1258 4.69 19.08 24.91
N ASP B 1259 5.47 18.87 23.86
CA ASP B 1259 5.86 17.52 23.47
C ASP B 1259 6.71 16.86 24.56
N CYS B 1260 7.41 17.66 25.36
CA CYS B 1260 8.06 17.14 26.55
C CYS B 1260 7.11 17.06 27.73
N GLU B 1261 5.90 17.63 27.59
CA GLU B 1261 4.93 17.68 28.68
C GLU B 1261 5.51 18.30 29.93
N ASN B 1262 6.27 19.36 29.75
CA ASN B 1262 6.77 20.16 30.86
C ASN B 1262 6.02 21.47 30.85
N TYR B 1263 5.51 21.87 32.01
CA TYR B 1263 4.50 22.92 32.08
C TYR B 1263 4.99 24.17 32.77
N THR B 1264 5.78 24.03 33.84
CA THR B 1264 6.31 25.22 34.51
C THR B 1264 7.19 26.01 33.56
N GLU B 1265 8.13 25.34 32.90
CA GLU B 1265 9.05 26.04 32.01
C GLU B 1265 8.32 26.59 30.81
N ALA B 1266 7.33 25.85 30.30
CA ALA B 1266 6.56 26.36 29.17
C ALA B 1266 5.84 27.64 29.56
N ALA B 1267 5.24 27.65 30.75
CA ALA B 1267 4.65 28.87 31.25
C ALA B 1267 5.70 29.96 31.36
N TYR B 1268 6.89 29.63 31.85
CA TYR B 1268 7.91 30.63 32.05
C TYR B 1268 8.31 31.29 30.73
N THR B 1269 8.47 30.49 29.69
CA THR B 1269 8.73 31.02 28.36
C THR B 1269 7.58 31.93 27.92
N LEU B 1270 6.36 31.47 28.12
CA LEU B 1270 5.21 32.28 27.73
C LEU B 1270 5.24 33.63 28.43
N LEU B 1271 5.55 33.64 29.72
CA LEU B 1271 5.73 34.92 30.41
C LEU B 1271 6.77 35.78 29.74
N LEU B 1272 8.01 35.28 29.65
CA LEU B 1272 9.04 36.19 29.17
C LEU B 1272 8.71 36.69 27.78
N HIS B 1273 7.89 35.95 27.02
CA HIS B 1273 7.31 36.52 25.82
C HIS B 1273 6.36 37.66 26.18
N ALA B 1274 5.44 37.40 27.10
CA ALA B 1274 4.38 38.35 27.41
C ALA B 1274 4.95 39.64 27.99
N GLU B 1275 5.96 39.53 28.85
CA GLU B 1275 6.47 40.71 29.53
C GLU B 1275 7.03 41.76 28.57
N LEU B 1276 7.25 41.40 27.31
CA LEU B 1276 7.51 42.44 26.31
C LEU B 1276 6.32 43.37 26.19
N LEU B 1277 5.11 42.82 26.25
CA LEU B 1277 3.89 43.57 26.01
C LEU B 1277 3.53 44.42 27.23
N GLN B 1278 2.82 45.52 26.99
CA GLN B 1278 2.45 46.44 28.06
C GLN B 1278 0.93 46.63 28.10
N TRP B 1279 0.48 47.33 29.13
CA TRP B 1279 -0.94 47.50 29.43
C TRP B 1279 -1.50 48.78 28.81
N SER B 1280 -0.98 49.19 27.67
CA SER B 1280 -1.45 50.38 26.98
C SER B 1280 -2.62 50.02 26.07
N ASP B 1281 -3.68 50.84 26.10
CA ASP B 1281 -4.85 50.52 25.27
C ASP B 1281 -4.60 50.75 23.78
N LYS B 1282 -3.34 50.96 23.37
CA LYS B 1282 -3.01 51.21 21.99
C LYS B 1282 -2.44 49.96 21.36
N PRO B 1283 -3.10 49.39 20.35
CA PRO B 1283 -2.47 48.30 19.58
C PRO B 1283 -1.29 48.83 18.77
N CYS B 1284 -0.17 49.05 19.46
CA CYS B 1284 0.96 49.74 18.87
C CYS B 1284 1.53 48.97 17.67
N VAL B 1285 1.69 47.66 17.80
CA VAL B 1285 2.42 46.88 16.80
C VAL B 1285 1.69 45.58 16.45
N PRO B 1286 1.50 45.30 15.16
CA PRO B 1286 1.13 43.95 14.74
C PRO B 1286 2.31 43.04 14.53
N HIS B 1287 3.52 43.59 14.48
CA HIS B 1287 4.71 42.80 14.21
C HIS B 1287 4.95 41.79 15.31
N LEU B 1288 4.54 42.12 16.53
CA LEU B 1288 4.71 41.22 17.67
C LEU B 1288 3.76 40.03 17.62
N LEU B 1289 2.68 40.13 16.87
CA LEU B 1289 1.78 39.01 16.71
C LEU B 1289 2.46 37.86 15.98
N GLN B 1290 2.24 36.64 16.47
CA GLN B 1290 2.39 35.50 15.60
C GLN B 1290 1.27 35.54 14.56
N ARG B 1291 1.58 35.04 13.37
CA ARG B 1291 0.71 35.22 12.22
C ARG B 1291 -0.48 34.27 12.24
N ASP B 1292 -0.79 33.71 13.40
CA ASP B 1292 -1.88 32.75 13.52
C ASP B 1292 -3.23 33.46 13.49
N SER B 1293 -3.48 34.33 14.47
CA SER B 1293 -4.77 35.02 14.56
C SER B 1293 -4.53 36.49 14.89
N TYR B 1294 -5.17 37.38 14.13
CA TYR B 1294 -5.16 38.79 14.45
C TYR B 1294 -6.45 39.45 13.99
N TYR B 1295 -7.10 40.14 14.93
CA TYR B 1295 -7.92 41.30 14.62
C TYR B 1295 -7.34 42.43 15.47
N VAL B 1296 -8.07 43.54 15.59
CA VAL B 1296 -7.52 44.82 16.04
C VAL B 1296 -6.54 44.69 17.21
N TYR B 1297 -6.87 43.86 18.22
CA TYR B 1297 -5.92 43.45 19.26
C TYR B 1297 -5.14 44.62 19.86
N THR B 1298 -5.86 45.43 20.62
CA THR B 1298 -5.19 46.15 21.68
C THR B 1298 -4.38 45.16 22.50
N GLN B 1299 -3.18 45.60 22.90
CA GLN B 1299 -2.20 44.68 23.47
C GLN B 1299 -2.77 43.92 24.66
N GLN B 1300 -3.71 44.53 25.38
CA GLN B 1300 -4.24 43.92 26.58
C GLN B 1300 -5.03 42.66 26.27
N GLU B 1301 -5.72 42.62 25.12
CA GLU B 1301 -6.41 41.40 24.74
C GLU B 1301 -5.43 40.25 24.62
N LEU B 1302 -4.30 40.49 23.95
CA LEU B 1302 -3.31 39.44 23.80
C LEU B 1302 -2.68 39.08 25.13
N LYS B 1303 -2.40 40.09 25.96
CA LYS B 1303 -1.81 39.82 27.27
C LYS B 1303 -2.73 38.94 28.10
N GLU B 1304 -4.04 39.24 28.09
CA GLU B 1304 -4.93 38.45 28.91
C GLU B 1304 -5.15 37.07 28.32
N LYS B 1305 -5.11 36.95 26.99
CA LYS B 1305 -5.17 35.61 26.41
C LYS B 1305 -3.99 34.78 26.86
N LEU B 1306 -2.79 35.34 26.69
CA LEU B 1306 -1.57 34.73 27.17
C LEU B 1306 -1.73 34.28 28.61
N TYR B 1307 -2.16 35.19 29.47
CA TYR B 1307 -2.39 34.83 30.86
C TYR B 1307 -3.37 33.69 30.99
N GLN B 1308 -4.39 33.60 30.15
CA GLN B 1308 -5.32 32.49 30.29
C GLN B 1308 -4.57 31.17 30.14
N GLU B 1309 -3.84 31.01 29.04
CA GLU B 1309 -3.16 29.71 28.95
C GLU B 1309 -2.01 29.60 29.95
N ILE B 1310 -1.40 30.71 30.35
CA ILE B 1310 -0.31 30.65 31.31
C ILE B 1310 -0.79 30.14 32.65
N ILE B 1311 -1.90 30.70 33.15
CA ILE B 1311 -2.46 30.22 34.39
C ILE B 1311 -2.95 28.81 34.22
N SER B 1312 -3.40 28.45 33.01
CA SER B 1312 -3.75 27.05 32.76
C SER B 1312 -2.54 26.15 32.97
N TYR B 1313 -1.38 26.58 32.46
CA TYR B 1313 -0.16 25.81 32.63
C TYR B 1313 0.21 25.71 34.09
N PHE B 1314 0.23 26.86 34.78
CA PHE B 1314 0.63 26.87 36.18
C PHE B 1314 -0.29 25.98 37.01
N ASP B 1315 -1.57 25.95 36.66
CA ASP B 1315 -2.47 24.96 37.22
C ASP B 1315 -1.93 23.57 36.93
N LYS B 1316 -1.91 23.18 35.66
CA LYS B 1316 -1.46 21.83 35.35
C LYS B 1316 -0.01 21.62 35.73
N GLY B 1317 0.74 22.71 35.94
CA GLY B 1317 2.07 22.60 36.50
C GLY B 1317 2.12 22.33 37.98
N LYS B 1318 0.97 22.39 38.66
CA LYS B 1318 0.90 22.12 40.09
C LYS B 1318 1.90 22.96 40.88
N MET B 1319 2.11 24.18 40.43
CA MET B 1319 2.84 25.18 41.19
C MET B 1319 2.04 26.46 41.11
N TRP B 1320 1.92 27.17 42.23
CA TRP B 1320 0.80 28.08 42.39
C TRP B 1320 1.15 29.53 42.72
N GLU B 1321 2.21 29.79 43.49
CA GLU B 1321 2.44 31.15 43.95
C GLU B 1321 2.49 32.14 42.80
N LYS B 1322 3.27 31.83 41.78
CA LYS B 1322 3.31 32.70 40.62
C LYS B 1322 1.94 32.81 39.97
N ALA B 1323 1.18 31.71 40.00
CA ALA B 1323 -0.15 31.73 39.40
C ALA B 1323 -1.04 32.73 40.10
N ILE B 1324 -1.06 32.70 41.43
CA ILE B 1324 -1.94 33.61 42.15
C ILE B 1324 -1.43 35.03 42.00
N LYS B 1325 -0.13 35.22 41.85
CA LYS B 1325 0.37 36.56 41.57
C LYS B 1325 -0.17 37.07 40.23
N LEU B 1326 0.01 36.26 39.19
CA LEU B 1326 -0.51 36.64 37.88
C LEU B 1326 -2.01 36.88 37.94
N SER B 1327 -2.70 36.13 38.80
CA SER B 1327 -4.11 36.39 39.04
C SER B 1327 -4.30 37.77 39.63
N LYS B 1328 -3.43 38.17 40.55
CA LYS B 1328 -3.53 39.51 41.12
C LYS B 1328 -3.50 40.57 40.04
N GLU B 1329 -2.46 40.54 39.20
CA GLU B 1329 -2.41 41.61 38.21
C GLU B 1329 -3.46 41.47 37.12
N LEU B 1330 -3.82 40.25 36.73
CA LEU B 1330 -4.88 40.12 35.74
C LEU B 1330 -6.19 40.68 36.29
N ALA B 1331 -6.48 40.39 37.56
CA ALA B 1331 -7.70 40.87 38.18
C ALA B 1331 -7.71 42.38 38.25
N GLU B 1332 -6.60 43.00 38.66
CA GLU B 1332 -6.63 44.45 38.76
C GLU B 1332 -6.78 45.08 37.38
N THR B 1333 -6.15 44.49 36.37
CA THR B 1333 -6.27 45.02 35.01
C THR B 1333 -7.71 44.96 34.54
N TYR B 1334 -8.35 43.79 34.66
CA TYR B 1334 -9.80 43.74 34.46
C TYR B 1334 -10.53 44.86 35.20
N GLU B 1335 -10.42 44.90 36.52
CA GLU B 1335 -11.34 45.71 37.29
C GLU B 1335 -11.19 47.20 36.97
N SER B 1336 -9.96 47.69 36.82
CA SER B 1336 -9.76 49.11 36.60
C SER B 1336 -9.45 49.47 35.15
N LYS B 1337 -9.52 48.53 34.24
CA LYS B 1337 -9.18 48.86 32.86
C LYS B 1337 -10.25 48.44 31.87
N VAL B 1338 -10.87 47.29 32.05
CA VAL B 1338 -11.86 46.81 31.09
C VAL B 1338 -13.21 46.49 31.70
N PHE B 1339 -13.29 46.31 33.02
CA PHE B 1339 -14.58 46.14 33.71
C PHE B 1339 -15.37 44.97 33.14
N ASP B 1340 -14.68 43.84 32.94
CA ASP B 1340 -15.32 42.62 32.45
C ASP B 1340 -15.55 41.72 33.66
N TYR B 1341 -16.56 42.06 34.45
CA TYR B 1341 -16.70 41.50 35.78
C TYR B 1341 -16.93 40.00 35.79
N GLU B 1342 -17.50 39.43 34.72
CA GLU B 1342 -17.60 37.97 34.67
C GLU B 1342 -16.21 37.35 34.73
N GLY B 1343 -15.27 37.92 33.98
CA GLY B 1343 -13.91 37.41 34.01
C GLY B 1343 -13.25 37.64 35.35
N LEU B 1344 -13.46 38.83 35.93
CA LEU B 1344 -13.05 39.08 37.30
C LEU B 1344 -13.42 37.91 38.16
N GLY B 1345 -14.70 37.61 38.22
CA GLY B 1345 -15.19 36.57 39.11
C GLY B 1345 -14.59 35.21 38.79
N ASN B 1346 -14.54 34.87 37.50
CA ASN B 1346 -14.03 33.56 37.13
C ASN B 1346 -12.61 33.37 37.62
N LEU B 1347 -11.73 34.31 37.29
CA LEU B 1347 -10.34 34.15 37.66
C LEU B 1347 -10.14 34.24 39.17
N LEU B 1348 -10.90 35.08 39.87
CA LEU B 1348 -10.67 35.20 41.30
C LEU B 1348 -11.16 33.95 42.03
N LYS B 1349 -12.30 33.40 41.62
CA LYS B 1349 -12.73 32.18 42.28
C LYS B 1349 -11.79 31.02 41.95
N LYS B 1350 -11.23 31.00 40.75
CA LYS B 1350 -10.19 30.02 40.48
C LYS B 1350 -8.97 30.26 41.34
N ARG B 1351 -8.65 31.52 41.62
CA ARG B 1351 -7.52 31.82 42.50
C ARG B 1351 -7.77 31.28 43.90
N ALA B 1352 -9.00 31.40 44.37
CA ALA B 1352 -9.36 30.82 45.66
C ALA B 1352 -9.20 29.30 45.63
N SER B 1353 -9.67 28.66 44.57
CA SER B 1353 -9.48 27.23 44.43
C SER B 1353 -8.00 26.89 44.50
N PHE B 1354 -7.18 27.71 43.86
CA PHE B 1354 -5.73 27.44 43.89
C PHE B 1354 -5.21 27.58 45.31
N TYR B 1355 -5.71 28.56 46.06
CA TYR B 1355 -5.30 28.69 47.46
C TYR B 1355 -5.56 27.40 48.22
N GLU B 1356 -6.78 26.87 48.09
CA GLU B 1356 -7.12 25.66 48.83
C GLU B 1356 -6.26 24.49 48.36
N ASN B 1357 -5.96 24.44 47.06
CA ASN B 1357 -5.04 23.40 46.59
C ASN B 1357 -3.68 23.56 47.24
N ILE B 1358 -3.21 24.80 47.38
CA ILE B 1358 -1.91 25.04 48.02
C ILE B 1358 -1.89 24.39 49.38
N ILE B 1359 -2.93 24.63 50.16
CA ILE B 1359 -2.98 24.01 51.48
C ILE B 1359 -3.20 22.50 51.37
N LYS B 1360 -4.27 22.10 50.69
CA LYS B 1360 -4.65 20.69 50.71
C LYS B 1360 -3.68 19.80 49.94
N ALA B 1361 -3.19 20.25 48.80
CA ALA B 1361 -2.38 19.37 47.97
C ALA B 1361 -0.96 19.23 48.52
N MET B 1362 -0.34 18.10 48.21
CA MET B 1362 1.03 17.83 48.57
C MET B 1362 1.98 18.36 47.51
N ARG B 1363 3.13 18.86 47.95
CA ARG B 1363 4.18 19.36 47.06
C ARG B 1363 5.42 18.50 47.24
N PRO B 1364 5.72 17.57 46.34
CA PRO B 1364 6.99 16.86 46.41
C PRO B 1364 8.14 17.81 46.14
N GLN B 1365 9.27 17.55 46.78
CA GLN B 1365 10.41 18.42 46.61
C GLN B 1365 11.37 17.77 45.65
N PRO B 1366 11.49 18.25 44.41
CA PRO B 1366 12.51 17.70 43.51
C PRO B 1366 13.90 17.95 44.04
N GLU B 1367 14.77 16.98 43.84
CA GLU B 1367 16.14 17.04 44.32
C GLU B 1367 17.06 17.50 43.21
N TYR B 1368 18.13 18.16 43.60
CA TYR B 1368 18.98 18.88 42.67
C TYR B 1368 20.34 18.22 42.63
N PHE B 1369 20.67 17.63 41.49
CA PHE B 1369 21.92 16.92 41.30
C PHE B 1369 22.85 17.79 40.47
N ALA B 1370 24.11 17.87 40.88
CA ALA B 1370 25.09 18.70 40.17
C ALA B 1370 25.81 17.83 39.16
N VAL B 1371 25.80 18.26 37.92
CA VAL B 1371 26.35 17.48 36.82
C VAL B 1371 27.48 18.28 36.19
N GLY B 1372 28.71 17.91 36.48
CA GLY B 1372 29.82 18.46 35.78
C GLY B 1372 30.00 17.82 34.42
N TYR B 1373 30.59 18.57 33.50
CA TYR B 1373 30.94 18.05 32.18
C TYR B 1373 32.45 18.16 32.01
N TYR B 1374 33.08 17.04 31.71
CA TYR B 1374 34.52 17.06 31.47
C TYR B 1374 34.84 16.02 30.41
N GLY B 1375 35.77 16.38 29.53
CA GLY B 1375 36.03 15.59 28.34
C GLY B 1375 36.06 16.44 27.09
N GLN B 1376 36.67 15.90 26.05
CA GLN B 1376 36.92 16.67 24.84
C GLN B 1376 35.67 16.81 23.97
N GLY B 1377 34.99 15.71 23.68
CA GLY B 1377 34.12 15.65 22.52
C GLY B 1377 32.77 16.33 22.60
N PHE B 1378 32.48 17.04 23.68
CA PHE B 1378 31.13 17.58 23.89
C PHE B 1378 30.79 18.60 22.82
N PRO B 1379 29.52 19.00 22.74
CA PRO B 1379 29.21 20.31 22.17
C PRO B 1379 29.94 21.37 22.98
N SER B 1380 30.44 22.39 22.28
CA SER B 1380 31.34 23.35 22.91
C SER B 1380 30.73 23.93 24.18
N PHE B 1381 29.47 24.31 24.13
CA PHE B 1381 28.80 24.85 25.31
C PHE B 1381 28.46 23.79 26.33
N LEU B 1382 28.96 22.57 26.22
CA LEU B 1382 28.81 21.56 27.26
C LEU B 1382 30.14 21.05 27.78
N ARG B 1383 31.17 21.89 27.83
CA ARG B 1383 32.51 21.45 28.15
C ARG B 1383 33.02 22.19 29.38
N ASN B 1384 33.41 21.45 30.40
CA ASN B 1384 34.00 22.02 31.62
C ASN B 1384 33.02 22.94 32.33
N LYS B 1385 31.79 22.44 32.50
CA LYS B 1385 30.72 23.22 33.07
C LYS B 1385 29.88 22.36 34.01
N ILE B 1386 29.16 23.02 34.91
CA ILE B 1386 28.33 22.35 35.89
C ILE B 1386 26.88 22.70 35.64
N PHE B 1387 26.07 21.70 35.34
CA PHE B 1387 24.65 21.87 35.10
C PHE B 1387 23.89 21.16 36.20
N ILE B 1388 23.15 21.92 37.00
CA ILE B 1388 22.38 21.34 38.10
C ILE B 1388 20.93 21.31 37.66
N TYR B 1389 20.32 20.13 37.75
CA TYR B 1389 19.04 19.87 37.13
C TYR B 1389 17.98 19.71 38.20
N ARG B 1390 16.87 20.42 38.03
CA ARG B 1390 15.73 20.11 38.86
C ARG B 1390 15.15 18.80 38.36
N GLY B 1391 15.61 17.69 38.90
CA GLY B 1391 15.15 16.40 38.45
C GLY B 1391 13.69 16.17 38.71
N LYS B 1392 13.22 14.95 38.46
CA LYS B 1392 11.82 14.64 38.71
C LYS B 1392 11.53 14.65 40.21
N GLU B 1393 10.24 14.71 40.51
CA GLU B 1393 9.81 14.96 41.89
C GLU B 1393 10.16 13.79 42.79
N TYR B 1394 10.03 12.57 42.30
CA TYR B 1394 10.33 11.38 43.08
C TYR B 1394 11.52 10.61 42.53
N GLU B 1395 12.51 11.34 42.04
CA GLU B 1395 13.61 10.76 41.28
C GLU B 1395 14.92 10.94 42.03
N ARG B 1396 15.66 9.85 42.19
CA ARG B 1396 16.90 9.82 42.97
C ARG B 1396 18.11 9.85 42.05
N ARG B 1397 19.24 10.25 42.62
CA ARG B 1397 20.42 10.58 41.82
C ARG B 1397 20.79 9.47 40.85
N GLU B 1398 20.65 8.22 41.28
CA GLU B 1398 21.00 7.10 40.41
C GLU B 1398 20.09 7.05 39.17
N ASP B 1399 18.80 7.35 39.35
CA ASP B 1399 17.89 7.35 38.22
C ASP B 1399 18.24 8.47 37.24
N PHE B 1400 18.66 9.61 37.78
CA PHE B 1400 19.16 10.69 36.93
C PHE B 1400 20.42 10.25 36.21
N SER B 1401 21.28 9.50 36.88
CA SER B 1401 22.43 8.91 36.22
C SER B 1401 21.98 8.05 35.06
N LEU B 1402 20.93 7.27 35.27
CA LEU B 1402 20.38 6.47 34.17
C LEU B 1402 19.99 7.37 33.01
N ARG B 1403 19.27 8.44 33.29
CA ARG B 1403 18.87 9.36 32.22
C ARG B 1403 20.07 9.89 31.46
N LEU B 1404 21.01 10.48 32.19
CA LEU B 1404 22.16 11.12 31.54
C LEU B 1404 23.02 10.11 30.79
N LEU B 1405 23.22 8.94 31.36
CA LEU B 1405 24.25 8.03 30.88
C LEU B 1405 23.72 7.07 29.83
N THR B 1406 22.48 6.60 29.95
CA THR B 1406 21.82 6.02 28.79
C THR B 1406 21.68 7.05 27.68
N GLN B 1407 21.51 8.32 28.06
CA GLN B 1407 21.60 9.41 27.10
C GLN B 1407 23.00 9.54 26.53
N PHE B 1408 24.00 8.93 27.16
CA PHE B 1408 25.39 9.07 26.74
C PHE B 1408 26.16 7.76 26.79
N PRO B 1409 26.14 6.99 25.71
CA PRO B 1409 27.19 5.98 25.53
C PRO B 1409 28.53 6.69 25.47
N ASN B 1410 29.58 5.98 25.89
CA ASN B 1410 30.84 6.49 26.45
C ASN B 1410 30.61 6.90 27.90
N ALA B 1411 29.65 6.23 28.53
CA ALA B 1411 29.28 6.51 29.92
C ALA B 1411 30.48 6.39 30.85
N GLU B 1412 30.62 7.36 31.75
CA GLU B 1412 31.68 7.37 32.76
C GLU B 1412 31.17 7.93 34.07
N LYS B 1413 31.33 7.14 35.12
CA LYS B 1413 30.95 7.52 36.49
C LYS B 1413 32.17 7.98 37.27
N MET B 1414 32.84 9.03 36.78
CA MET B 1414 34.10 9.45 37.38
C MET B 1414 33.84 9.90 38.81
N THR B 1415 34.30 9.12 39.77
CA THR B 1415 33.81 9.20 41.15
C THR B 1415 34.34 10.39 41.93
N SER B 1416 35.51 10.91 41.60
CA SER B 1416 36.04 12.03 42.38
C SER B 1416 35.18 13.24 42.08
N THR B 1417 34.15 13.45 42.91
CA THR B 1417 33.16 14.48 42.63
C THR B 1417 33.80 15.86 42.57
N THR B 1418 34.84 16.09 43.35
CA THR B 1418 35.36 17.45 43.48
C THR B 1418 36.17 17.90 42.26
N PRO B 1419 37.23 17.21 41.86
CA PRO B 1419 38.19 17.82 40.96
C PRO B 1419 37.85 17.58 39.51
N PRO B 1420 38.11 18.56 38.65
CA PRO B 1420 38.11 18.32 37.22
C PRO B 1420 39.29 17.44 36.81
N GLY B 1421 39.40 17.24 35.50
CA GLY B 1421 40.53 16.51 34.97
C GLY B 1421 41.33 17.29 33.94
N GLU B 1422 42.56 17.67 34.28
CA GLU B 1422 43.39 18.39 33.31
C GLU B 1422 43.67 17.55 32.08
N ASP B 1423 43.99 16.27 32.28
CA ASP B 1423 44.17 15.36 31.15
C ASP B 1423 42.92 15.35 30.29
N ILE B 1424 41.75 15.26 30.92
CA ILE B 1424 40.49 15.05 30.21
C ILE B 1424 39.94 16.36 29.67
N LYS B 1425 40.47 17.51 30.12
CA LYS B 1425 39.97 18.80 29.65
C LYS B 1425 40.08 18.92 28.14
N SER B 1426 41.01 18.18 27.54
CA SER B 1426 41.03 17.97 26.11
C SER B 1426 41.19 16.49 25.75
N SER B 1427 41.05 15.60 26.72
CA SER B 1427 40.97 14.23 26.28
C SER B 1427 39.53 13.84 25.99
N PRO B 1428 39.32 13.03 24.96
CA PRO B 1428 37.98 12.50 24.69
C PRO B 1428 37.58 11.45 25.71
N LYS B 1429 36.51 10.72 25.45
CA LYS B 1429 35.99 9.71 26.37
C LYS B 1429 35.57 10.37 27.70
N GLN B 1430 34.52 11.18 27.54
CA GLN B 1430 34.03 12.24 28.42
C GLN B 1430 33.77 11.85 29.88
N TYR B 1431 34.41 12.55 30.82
CA TYR B 1431 34.18 12.35 32.26
C TYR B 1431 32.91 13.07 32.70
N MET B 1432 31.99 12.33 33.32
CA MET B 1432 30.90 12.87 34.11
C MET B 1432 31.18 12.74 35.60
N GLN B 1433 30.42 13.53 36.37
CA GLN B 1433 30.30 13.37 37.80
C GLN B 1433 28.96 13.94 38.19
N CYS B 1434 28.26 13.26 39.09
CA CYS B 1434 26.92 13.68 39.47
C CYS B 1434 26.72 13.41 40.95
N PHE B 1435 26.04 14.32 41.62
CA PHE B 1435 25.77 14.17 43.04
C PHE B 1435 24.68 15.17 43.43
N THR B 1436 23.84 14.77 44.36
CA THR B 1436 22.79 15.67 44.82
C THR B 1436 23.41 16.87 45.52
N VAL B 1437 22.77 18.03 45.37
CA VAL B 1437 23.15 19.23 46.10
C VAL B 1437 21.89 19.83 46.71
N LYS B 1438 22.09 20.65 47.74
CA LYS B 1438 20.93 20.99 48.52
C LYS B 1438 20.60 22.47 48.41
N PRO B 1439 19.32 22.82 48.20
CA PRO B 1439 18.98 24.20 47.83
C PRO B 1439 19.13 25.18 48.97
N VAL B 1440 19.62 26.37 48.64
CA VAL B 1440 19.58 27.50 49.56
C VAL B 1440 18.17 28.11 49.51
N MET B 1441 17.53 28.19 50.66
CA MET B 1441 16.12 28.57 50.73
C MET B 1441 15.90 29.97 50.18
N SER B 1442 14.71 30.18 49.60
CA SER B 1442 14.30 31.48 49.09
C SER B 1442 13.63 32.25 50.22
N LEU B 1443 14.45 32.80 51.10
CA LEU B 1443 13.95 33.51 52.28
C LEU B 1443 13.11 34.72 51.86
N PRO B 1444 11.80 34.65 52.03
CA PRO B 1444 10.94 35.76 51.66
C PRO B 1444 10.87 36.78 52.76
N PRO B 1445 11.25 38.02 52.50
CA PRO B 1445 11.28 39.02 53.58
C PRO B 1445 9.90 39.20 54.19
N SER B 1446 9.89 39.45 55.49
CA SER B 1446 8.73 39.73 56.33
C SER B 1446 7.90 38.49 56.63
N TYR B 1447 8.33 37.29 56.22
CA TYR B 1447 7.58 36.09 56.53
C TYR B 1447 8.19 35.30 57.67
N LYS B 1448 9.36 35.71 58.16
CA LYS B 1448 10.02 35.02 59.26
C LYS B 1448 9.26 35.18 60.57
N ASP B 1449 8.55 36.29 60.72
CA ASP B 1449 7.92 36.68 61.98
C ASP B 1449 6.42 36.43 61.97
N LYS B 1450 5.98 35.33 61.40
CA LYS B 1450 4.57 35.10 61.15
C LYS B 1450 4.19 33.68 61.56
N PRO B 1451 2.88 33.42 61.70
CA PRO B 1451 2.38 32.05 61.94
C PRO B 1451 2.40 31.20 60.69
N VAL B 1452 3.51 31.25 59.95
CA VAL B 1452 3.63 30.58 58.67
C VAL B 1452 3.46 29.08 58.89
N PRO B 1453 2.51 28.45 58.23
CA PRO B 1453 2.43 27.00 58.28
C PRO B 1453 3.54 26.35 57.49
N GLU B 1454 3.64 25.02 57.59
CA GLU B 1454 4.67 24.29 56.84
C GLU B 1454 4.53 24.48 55.33
N GLN B 1455 3.33 24.81 54.85
CA GLN B 1455 3.10 24.91 53.42
C GLN B 1455 4.03 25.94 52.79
N ILE B 1456 4.05 27.15 53.36
CA ILE B 1456 4.90 28.21 52.84
C ILE B 1456 6.36 27.79 52.89
N LEU B 1457 6.74 27.15 53.99
CA LEU B 1457 8.14 26.77 54.19
C LEU B 1457 8.60 25.76 53.15
N ASN B 1458 7.78 24.76 52.86
CA ASN B 1458 8.20 23.81 51.83
C ASN B 1458 8.22 24.46 50.45
N TYR B 1459 7.15 25.21 50.13
CA TYR B 1459 7.06 25.85 48.82
C TYR B 1459 8.30 26.69 48.55
N TYR B 1460 8.82 27.36 49.57
CA TYR B 1460 10.00 28.15 49.32
C TYR B 1460 11.30 27.42 49.60
N ARG B 1461 11.25 26.25 50.23
CA ARG B 1461 12.49 25.52 50.37
C ARG B 1461 12.83 24.73 49.12
N ALA B 1462 11.85 24.51 48.25
CA ALA B 1462 12.12 23.72 47.05
C ALA B 1462 12.02 24.47 45.73
N ASN B 1463 11.68 25.75 45.73
CA ASN B 1463 11.42 26.45 44.48
C ASN B 1463 11.93 27.88 44.57
N GLU B 1464 11.93 28.55 43.41
CA GLU B 1464 12.56 29.86 43.24
C GLU B 1464 13.83 30.00 44.06
N VAL B 1465 14.77 29.11 43.78
CA VAL B 1465 16.07 29.08 44.44
C VAL B 1465 17.15 29.35 43.41
N GLN B 1466 18.33 29.72 43.91
CA GLN B 1466 19.47 29.98 43.03
C GLN B 1466 20.73 29.26 43.51
N GLN B 1467 20.88 29.11 44.82
CA GLN B 1467 22.09 28.55 45.39
C GLN B 1467 21.83 27.17 45.97
N PHE B 1468 22.83 26.31 45.87
CA PHE B 1468 22.67 24.90 46.22
C PHE B 1468 23.92 24.43 46.93
N ARG B 1469 23.77 24.01 48.18
CA ARG B 1469 24.91 23.55 48.97
C ARG B 1469 25.18 22.06 48.73
N TYR B 1470 26.41 21.66 49.04
CA TYR B 1470 26.83 20.27 49.00
C TYR B 1470 27.98 20.09 49.97
N SER B 1471 27.82 19.22 50.97
CA SER B 1471 28.79 19.08 52.04
C SER B 1471 29.48 17.73 51.98
N ARG B 1472 30.77 17.73 52.31
CA ARG B 1472 31.56 16.52 52.43
C ARG B 1472 32.42 16.61 53.69
N PRO B 1473 32.79 15.47 54.26
CA PRO B 1473 33.53 15.48 55.52
C PRO B 1473 35.04 15.44 55.38
N PHE B 1474 35.71 15.88 56.45
CA PHE B 1474 37.15 15.76 56.62
C PHE B 1474 37.44 15.17 57.99
N ARG B 1475 38.42 14.28 58.06
CA ARG B 1475 38.83 13.67 59.33
C ARG B 1475 40.28 13.22 59.21
N LYS B 1476 41.20 14.01 59.77
CA LYS B 1476 42.61 13.68 59.70
C LYS B 1476 43.32 14.25 60.93
N GLY B 1477 44.32 13.53 61.42
CA GLY B 1477 45.13 14.01 62.52
C GLY B 1477 44.85 13.41 63.88
N GLU B 1478 44.14 14.14 64.72
CA GLU B 1478 43.83 13.69 66.08
C GLU B 1478 42.71 12.65 66.00
N LYS B 1479 43.08 11.38 66.14
CA LYS B 1479 42.26 10.24 65.75
C LYS B 1479 41.46 9.61 66.89
N ASP B 1480 40.97 10.40 67.82
CA ASP B 1480 40.22 9.81 68.94
C ASP B 1480 38.90 9.23 68.43
N PRO B 1481 38.69 7.90 68.55
CA PRO B 1481 37.43 7.32 68.07
C PRO B 1481 36.25 7.60 68.98
N ASP B 1482 36.49 8.05 70.21
CA ASP B 1482 35.40 8.40 71.11
C ASP B 1482 34.54 9.50 70.52
N ASN B 1483 35.15 10.66 70.28
CA ASN B 1483 34.45 11.76 69.63
C ASN B 1483 35.46 12.64 68.89
N GLU B 1484 35.49 12.50 67.57
CA GLU B 1484 36.47 13.10 66.68
C GLU B 1484 36.21 14.58 66.43
N PHE B 1485 35.34 15.20 67.21
CA PHE B 1485 34.75 16.48 66.85
C PHE B 1485 35.70 17.66 67.02
N ALA B 1486 37.00 17.40 67.14
CA ALA B 1486 38.01 18.43 67.00
C ALA B 1486 38.65 18.46 65.62
N THR B 1487 38.54 17.38 64.85
CA THR B 1487 39.06 17.34 63.49
C THR B 1487 38.05 16.80 62.48
N MET B 1488 36.77 16.70 62.87
CA MET B 1488 35.69 16.39 61.93
C MET B 1488 35.30 17.61 61.11
N TRP B 1489 36.28 18.19 60.43
CA TRP B 1489 35.98 19.27 59.51
C TRP B 1489 35.03 18.76 58.42
N ILE B 1490 34.14 19.62 57.97
CA ILE B 1490 33.31 19.28 56.82
C ILE B 1490 33.49 20.36 55.77
N GLU B 1491 33.24 19.97 54.51
CA GLU B 1491 33.50 20.81 53.36
C GLU B 1491 32.18 20.93 52.60
N ARG B 1492 31.38 21.93 52.97
CA ARG B 1492 30.23 22.26 52.18
C ARG B 1492 30.66 22.92 50.87
N THR B 1493 29.81 22.79 49.86
CA THR B 1493 30.07 23.37 48.56
C THR B 1493 28.77 23.91 48.01
N THR B 1494 28.70 25.22 47.81
CA THR B 1494 27.52 25.85 47.25
C THR B 1494 27.88 26.49 45.92
N TYR B 1495 26.85 26.79 45.14
CA TYR B 1495 27.02 27.33 43.80
C TYR B 1495 26.01 28.44 43.58
N THR B 1496 26.34 29.34 42.68
CA THR B 1496 25.43 30.40 42.28
C THR B 1496 25.28 30.35 40.78
N THR B 1497 24.05 30.46 40.32
CA THR B 1497 23.74 30.38 38.90
C THR B 1497 23.15 31.70 38.43
N ALA B 1498 23.20 31.90 37.12
CA ALA B 1498 22.84 33.20 36.55
C ALA B 1498 21.39 33.56 36.83
N TYR B 1499 20.47 32.62 36.63
CA TYR B 1499 19.05 32.88 36.86
C TYR B 1499 18.50 31.86 37.85
N THR B 1500 17.19 31.93 38.05
CA THR B 1500 16.55 31.31 39.20
C THR B 1500 15.59 30.22 38.76
N PHE B 1501 15.71 29.05 39.38
CA PHE B 1501 14.74 28.00 39.20
C PHE B 1501 13.39 28.46 39.74
N PRO B 1502 12.29 27.87 39.28
CA PRO B 1502 12.28 27.12 38.04
C PRO B 1502 12.31 28.16 36.96
N GLY B 1503 12.85 27.84 35.79
CA GLY B 1503 12.96 28.79 34.71
C GLY B 1503 12.32 28.27 33.44
N ILE B 1504 12.62 28.95 32.34
CA ILE B 1504 12.19 28.49 31.04
C ILE B 1504 12.82 27.17 30.69
N LEU B 1505 13.86 26.78 31.39
CA LEU B 1505 14.52 25.51 31.14
C LEU B 1505 14.95 24.91 32.46
N LYS B 1506 14.90 23.58 32.54
CA LYS B 1506 15.07 22.85 33.80
C LYS B 1506 16.50 22.46 34.06
N TRP B 1507 17.45 23.28 33.64
CA TRP B 1507 18.83 23.17 34.10
C TRP B 1507 19.53 24.48 33.84
N PHE B 1508 20.78 24.53 34.25
CA PHE B 1508 21.59 25.73 34.11
C PHE B 1508 23.04 25.38 34.38
N GLU B 1509 23.90 25.86 33.49
CA GLU B 1509 25.30 26.09 33.82
C GLU B 1509 25.45 26.83 35.14
N VAL B 1510 26.53 26.56 35.87
CA VAL B 1510 26.82 27.25 37.11
C VAL B 1510 27.54 28.55 36.78
N LYS B 1511 27.09 29.65 37.38
CA LYS B 1511 27.70 30.94 37.13
C LYS B 1511 28.58 31.44 38.27
N GLN B 1512 28.54 30.75 39.42
CA GLN B 1512 29.43 31.10 40.53
C GLN B 1512 29.42 29.95 41.52
N ILE B 1513 30.53 29.81 42.25
CA ILE B 1513 30.77 28.67 43.12
C ILE B 1513 31.07 29.17 44.52
N SER B 1514 30.54 28.46 45.52
CA SER B 1514 30.88 28.68 46.92
C SER B 1514 31.69 27.49 47.41
N THR B 1515 33.02 27.63 47.38
CA THR B 1515 33.93 26.64 47.93
C THR B 1515 34.15 26.98 49.40
N GLU B 1516 33.87 26.04 50.29
CA GLU B 1516 33.91 26.37 51.71
C GLU B 1516 34.15 25.12 52.53
N GLU B 1517 34.52 25.35 53.79
CA GLU B 1517 34.74 24.30 54.78
C GLU B 1517 34.96 24.97 56.12
N ILE B 1518 34.70 24.23 57.20
CA ILE B 1518 34.76 24.76 58.56
C ILE B 1518 35.29 23.67 59.48
N SER B 1519 35.92 24.10 60.57
CA SER B 1519 36.35 23.20 61.62
C SER B 1519 35.14 22.58 62.33
N PRO B 1520 35.26 21.34 62.80
CA PRO B 1520 34.09 20.65 63.37
C PRO B 1520 33.46 21.36 64.54
N LEU B 1521 34.23 22.19 65.24
CA LEU B 1521 33.69 22.88 66.40
C LEU B 1521 32.48 23.72 65.98
N GLU B 1522 32.74 24.73 65.16
CA GLU B 1522 31.67 25.59 64.66
C GLU B 1522 30.64 24.79 63.88
N ASN B 1523 31.07 23.71 63.23
CA ASN B 1523 30.14 22.87 62.49
C ASN B 1523 29.07 22.28 63.40
N ALA B 1524 29.48 21.49 64.38
CA ALA B 1524 28.53 20.90 65.32
C ALA B 1524 27.76 21.97 66.08
N ILE B 1525 28.39 23.11 66.35
CA ILE B 1525 27.66 24.21 66.99
C ILE B 1525 26.49 24.64 66.11
N GLU B 1526 26.75 24.80 64.81
CA GLU B 1526 25.66 25.17 63.92
C GLU B 1526 24.64 24.06 63.77
N THR B 1527 25.08 22.80 63.87
CA THR B 1527 24.11 21.71 63.87
C THR B 1527 23.14 21.86 65.04
N MET B 1528 23.68 22.11 66.23
CA MET B 1528 22.81 22.33 67.38
C MET B 1528 21.92 23.54 67.16
N GLU B 1529 22.49 24.62 66.63
CA GLU B 1529 21.73 25.84 66.43
C GLU B 1529 20.56 25.61 65.48
N LEU B 1530 20.82 24.94 64.36
CA LEU B 1530 19.75 24.64 63.42
C LEU B 1530 18.76 23.65 64.00
N THR B 1531 19.20 22.77 64.90
CA THR B 1531 18.26 21.88 65.58
C THR B 1531 17.31 22.69 66.47
N ASN B 1532 17.86 23.67 67.17
CA ASN B 1532 17.03 24.56 67.97
C ASN B 1532 16.04 25.29 67.08
N GLU B 1533 16.49 25.74 65.91
CA GLU B 1533 15.58 26.33 64.95
C GLU B 1533 14.50 25.33 64.52
N ARG B 1534 14.90 24.08 64.31
CA ARG B 1534 13.96 23.02 63.92
C ARG B 1534 12.80 22.95 64.90
N ILE B 1535 13.12 22.66 66.17
CA ILE B 1535 12.05 22.46 67.12
C ILE B 1535 11.36 23.77 67.49
N SER B 1536 12.06 24.91 67.36
CA SER B 1536 11.38 26.19 67.54
C SER B 1536 10.28 26.36 66.50
N ASN B 1537 10.61 26.10 65.24
CA ASN B 1537 9.59 26.16 64.20
C ASN B 1537 8.50 25.13 64.48
N CYS B 1538 8.88 23.95 64.96
CA CYS B 1538 7.90 22.91 65.25
C CYS B 1538 6.88 23.40 66.27
N VAL B 1539 7.35 23.99 67.35
CA VAL B 1539 6.43 24.44 68.39
C VAL B 1539 5.60 25.63 67.91
N GLN B 1540 6.21 26.55 67.16
CA GLN B 1540 5.42 27.69 66.68
C GLN B 1540 4.34 27.25 65.70
N GLN B 1541 4.67 26.46 64.69
CA GLN B 1541 3.60 25.94 63.84
C GLN B 1541 2.63 25.09 64.64
N HIS B 1542 3.11 24.51 65.73
CA HIS B 1542 2.27 23.71 66.61
C HIS B 1542 1.51 24.54 67.64
N ALA B 1543 1.92 25.78 67.85
CA ALA B 1543 1.28 26.62 68.84
C ALA B 1543 -0.10 27.10 68.41
N TRP B 1544 -0.63 26.60 67.29
CA TRP B 1544 -1.94 27.05 66.83
C TRP B 1544 -2.85 25.93 66.32
N ASP B 1545 -2.35 24.71 66.14
CA ASP B 1545 -3.18 23.59 65.70
C ASP B 1545 -3.23 22.55 66.80
N ARG B 1546 -4.45 22.16 67.18
CA ARG B 1546 -4.62 21.16 68.23
C ARG B 1546 -4.31 19.76 67.71
N SER B 1547 -5.08 19.29 66.74
CA SER B 1547 -4.85 17.98 66.14
C SER B 1547 -3.82 18.04 65.02
N LEU B 1548 -2.69 18.66 65.32
CA LEU B 1548 -1.57 18.71 64.39
C LEU B 1548 -0.85 17.36 64.40
N SER B 1549 0.02 17.16 63.42
CA SER B 1549 0.84 15.95 63.35
C SER B 1549 1.54 15.73 64.68
N VAL B 1550 1.21 14.61 65.33
CA VAL B 1550 1.62 14.38 66.71
C VAL B 1550 2.86 13.49 66.75
N HIS B 1551 2.72 12.29 66.20
CA HIS B 1551 3.75 11.27 66.41
C HIS B 1551 5.12 11.67 65.86
N PRO B 1552 5.28 12.22 64.66
CA PRO B 1552 6.63 12.63 64.24
C PRO B 1552 7.25 13.67 65.14
N LEU B 1553 6.45 14.60 65.68
CA LEU B 1553 7.00 15.57 66.63
C LEU B 1553 7.47 14.87 67.91
N SER B 1554 6.66 13.94 68.41
CA SER B 1554 7.11 13.12 69.52
C SER B 1554 8.38 12.36 69.16
N MET B 1555 8.51 11.96 67.91
CA MET B 1555 9.72 11.25 67.47
C MET B 1555 10.93 12.18 67.46
N LEU B 1556 10.72 13.44 67.11
CA LEU B 1556 11.79 14.43 67.25
C LEU B 1556 12.23 14.53 68.70
N LEU B 1557 11.26 14.54 69.62
CA LEU B 1557 11.61 14.51 71.04
C LEU B 1557 12.37 13.23 71.39
N SER B 1558 11.95 12.11 70.82
CA SER B 1558 12.59 10.83 71.10
C SER B 1558 14.05 10.85 70.64
N GLY B 1559 14.28 11.38 69.45
CA GLY B 1559 15.64 11.58 68.99
C GLY B 1559 16.41 12.53 69.89
N ILE B 1560 15.71 13.52 70.45
CA ILE B 1560 16.35 14.40 71.42
C ILE B 1560 16.81 13.60 72.64
N VAL B 1561 16.04 12.60 73.03
CA VAL B 1561 16.37 11.85 74.24
C VAL B 1561 17.16 10.58 73.94
N ASP B 1562 16.60 9.67 73.15
CA ASP B 1562 17.16 8.32 73.08
C ASP B 1562 18.59 8.28 72.54
N PRO B 1563 18.90 8.82 71.34
CA PRO B 1563 20.29 8.81 70.89
C PRO B 1563 21.10 10.00 71.40
N ALA B 1564 20.44 11.14 71.60
CA ALA B 1564 21.17 12.39 71.80
C ALA B 1564 21.56 12.62 73.25
N VAL B 1565 20.85 12.05 74.22
CA VAL B 1565 21.21 12.28 75.62
C VAL B 1565 22.61 11.77 75.89
N MET B 1566 22.93 10.57 75.42
CA MET B 1566 24.23 9.99 75.67
C MET B 1566 25.25 10.44 74.63
N GLY B 1567 25.03 10.07 73.37
CA GLY B 1567 25.99 10.35 72.32
C GLY B 1567 26.06 11.80 71.91
N GLY B 1568 24.89 12.39 71.64
CA GLY B 1568 24.82 13.76 71.17
C GLY B 1568 25.32 14.78 72.17
N PHE B 1569 25.53 14.37 73.43
CA PHE B 1569 26.05 15.27 74.46
C PHE B 1569 27.39 14.80 75.02
N SER B 1570 27.73 13.52 74.87
CA SER B 1570 29.05 13.05 75.26
C SER B 1570 30.12 13.94 74.65
N ASN B 1571 29.92 14.33 73.39
CA ASN B 1571 30.78 15.34 72.79
C ASN B 1571 30.66 16.66 73.53
N TYR B 1572 29.46 17.01 74.01
CA TYR B 1572 29.30 18.28 74.70
C TYR B 1572 30.23 18.38 75.89
N GLU B 1573 30.43 17.27 76.61
CA GLU B 1573 31.37 17.35 77.73
C GLU B 1573 32.81 17.07 77.28
N LYS B 1574 33.05 15.94 76.63
CA LYS B 1574 34.43 15.59 76.29
C LYS B 1574 34.97 16.53 75.21
N ALA B 1575 34.36 16.50 74.04
CA ALA B 1575 34.84 17.30 72.91
C ALA B 1575 34.78 18.79 73.19
N PHE B 1576 33.90 19.23 74.10
CA PHE B 1576 33.76 20.65 74.39
C PHE B 1576 34.18 21.01 75.81
N PHE B 1577 33.56 20.43 76.84
CA PHE B 1577 33.77 20.96 78.18
C PHE B 1577 35.14 20.57 78.76
N THR B 1578 36.08 20.21 77.92
CA THR B 1578 37.45 19.91 78.31
C THR B 1578 38.39 21.05 77.95
N GLU B 1579 39.55 21.05 78.62
CA GLU B 1579 40.59 22.03 78.39
C GLU B 1579 41.20 21.94 77.00
N LYS B 1580 41.25 20.74 76.43
CA LYS B 1580 41.78 20.61 75.07
C LYS B 1580 40.98 21.45 74.09
N TYR B 1581 39.71 21.72 74.39
CA TYR B 1581 38.86 22.42 73.44
C TYR B 1581 39.24 23.90 73.40
N LEU B 1582 40.00 24.36 74.40
CA LEU B 1582 40.60 25.68 74.40
C LEU B 1582 42.04 25.67 73.92
N GLN B 1583 42.82 24.65 74.26
CA GLN B 1583 44.15 24.54 73.64
C GLN B 1583 44.11 24.31 72.14
N GLU B 1584 42.95 23.95 71.58
CA GLU B 1584 42.81 24.04 70.13
C GLU B 1584 43.02 25.47 69.67
N HIS B 1585 42.36 26.43 70.31
CA HIS B 1585 42.49 27.82 69.88
C HIS B 1585 42.20 28.77 71.03
N PRO B 1586 43.17 29.61 71.42
CA PRO B 1586 42.86 30.73 72.30
C PRO B 1586 42.20 31.89 71.56
N GLU B 1587 41.98 31.77 70.25
CA GLU B 1587 41.48 32.91 69.47
C GLU B 1587 40.06 33.27 69.85
N ASP B 1588 39.17 32.29 69.91
CA ASP B 1588 37.78 32.55 70.26
C ASP B 1588 37.36 31.67 71.43
N GLN B 1589 36.44 32.22 72.23
CA GLN B 1589 36.00 31.58 73.46
C GLN B 1589 34.48 31.56 73.60
N GLU B 1590 33.75 32.47 72.94
CA GLU B 1590 32.29 32.43 72.95
C GLU B 1590 31.76 31.10 72.44
N LYS B 1591 32.63 30.25 71.89
CA LYS B 1591 32.25 28.91 71.46
C LYS B 1591 31.47 28.13 72.52
N VAL B 1592 32.10 27.88 73.66
CA VAL B 1592 31.54 26.92 74.61
C VAL B 1592 30.42 27.54 75.42
N GLU B 1593 30.56 28.81 75.83
CA GLU B 1593 29.44 29.48 76.47
C GLU B 1593 28.30 29.66 75.49
N LEU B 1594 28.60 29.76 74.21
CA LEU B 1594 27.56 29.87 73.19
C LEU B 1594 26.76 28.58 73.10
N LEU B 1595 27.46 27.43 73.04
CA LEU B 1595 26.72 26.17 73.02
C LEU B 1595 25.99 25.93 74.34
N LYS B 1596 26.55 26.42 75.46
CA LYS B 1596 25.88 26.30 76.74
C LYS B 1596 24.58 27.10 76.77
N ARG B 1597 24.61 28.35 76.30
CA ARG B 1597 23.37 29.12 76.24
C ARG B 1597 22.41 28.53 75.21
N LEU B 1598 22.95 27.90 74.17
CA LEU B 1598 22.07 27.22 73.21
C LEU B 1598 21.32 26.07 73.86
N ILE B 1599 22.00 25.25 74.65
CA ILE B 1599 21.31 24.15 75.32
C ILE B 1599 20.40 24.68 76.41
N ALA B 1600 20.77 25.81 77.02
CA ALA B 1600 19.91 26.46 77.99
C ALA B 1600 18.59 26.88 77.35
N LEU B 1601 18.65 27.44 76.13
CA LEU B 1601 17.44 27.70 75.36
C LEU B 1601 16.75 26.40 74.98
N GLN B 1602 17.55 25.36 74.69
CA GLN B 1602 17.02 24.10 74.19
C GLN B 1602 16.04 23.48 75.16
N MET B 1603 16.38 23.47 76.45
CA MET B 1603 15.54 22.73 77.39
C MET B 1603 14.12 23.29 77.52
N PRO B 1604 13.89 24.61 77.65
CA PRO B 1604 12.50 25.10 77.67
C PRO B 1604 11.72 24.79 76.41
N LEU B 1605 12.39 24.72 75.26
CA LEU B 1605 11.71 24.23 74.07
C LEU B 1605 11.16 22.84 74.32
N LEU B 1606 11.92 22.00 75.02
CA LEU B 1606 11.43 20.67 75.35
C LEU B 1606 10.33 20.73 76.40
N THR B 1607 10.35 21.72 77.30
CA THR B 1607 9.19 21.91 78.18
C THR B 1607 7.94 22.17 77.37
N GLU B 1608 8.06 23.05 76.37
CA GLU B 1608 6.95 23.38 75.50
C GLU B 1608 6.42 22.13 74.81
N GLY B 1609 7.33 21.38 74.18
CA GLY B 1609 6.93 20.15 73.52
C GLY B 1609 6.34 19.14 74.48
N ILE B 1610 6.89 19.07 75.68
CA ILE B 1610 6.41 18.12 76.69
C ILE B 1610 4.97 18.40 77.04
N ARG B 1611 4.65 19.67 77.30
CA ARG B 1611 3.28 19.96 77.73
C ARG B 1611 2.30 19.89 76.57
N ILE B 1612 2.73 20.31 75.37
CA ILE B 1612 1.81 20.20 74.25
C ILE B 1612 1.56 18.74 73.91
N HIS B 1613 2.56 17.87 74.12
CA HIS B 1613 2.31 16.43 74.07
C HIS B 1613 1.38 16.01 75.18
N GLY B 1614 1.53 16.60 76.37
CA GLY B 1614 0.58 16.36 77.43
C GLY B 1614 -0.84 16.63 77.00
N GLU B 1615 -1.03 17.53 76.04
CA GLU B 1615 -2.31 17.57 75.35
C GLU B 1615 -2.45 16.47 74.31
N LYS B 1616 -1.36 16.08 73.65
CA LYS B 1616 -1.41 15.14 72.53
C LYS B 1616 -1.35 13.68 72.96
N LEU B 1617 -1.29 13.39 74.26
CA LEU B 1617 -0.97 12.03 74.69
C LEU B 1617 -2.00 11.04 74.19
N THR B 1618 -1.54 9.85 73.81
CA THR B 1618 -2.41 8.74 73.49
C THR B 1618 -2.26 7.66 74.56
N GLU B 1619 -3.03 6.59 74.40
CA GLU B 1619 -3.08 5.54 75.40
C GLU B 1619 -1.69 4.97 75.70
N GLN B 1620 -0.83 4.94 74.70
CA GLN B 1620 0.54 4.44 74.89
C GLN B 1620 1.55 5.56 75.10
N LEU B 1621 1.16 6.82 74.93
CA LEU B 1621 2.14 7.90 74.96
C LEU B 1621 2.39 8.48 76.34
N LYS B 1622 1.53 8.17 77.32
CA LYS B 1622 1.83 8.58 78.69
C LYS B 1622 3.11 7.93 79.24
N PRO B 1623 3.35 6.63 79.09
CA PRO B 1623 4.61 6.08 79.63
C PRO B 1623 5.85 6.57 78.89
N LEU B 1624 5.76 6.72 77.57
CA LEU B 1624 6.87 7.32 76.84
C LEU B 1624 7.11 8.73 77.33
N HIS B 1625 6.03 9.48 77.53
CA HIS B 1625 6.16 10.83 78.08
C HIS B 1625 6.83 10.83 79.44
N GLU B 1626 6.42 9.92 80.32
CA GLU B 1626 6.98 9.93 81.66
C GLU B 1626 8.47 9.56 81.64
N ARG B 1627 8.85 8.60 80.80
CA ARG B 1627 10.27 8.23 80.74
C ARG B 1627 11.11 9.34 80.14
N LEU B 1628 10.61 9.99 79.08
CA LEU B 1628 11.37 11.10 78.52
C LEU B 1628 11.40 12.28 79.48
N SER B 1629 10.37 12.43 80.33
CA SER B 1629 10.41 13.51 81.31
C SER B 1629 11.35 13.19 82.46
N SER B 1630 11.51 11.92 82.80
CA SER B 1630 12.55 11.54 83.75
C SER B 1630 13.93 11.89 83.21
N CYS B 1631 14.18 11.50 81.96
CA CYS B 1631 15.41 11.93 81.30
C CYS B 1631 15.51 13.45 81.23
N PHE B 1632 14.38 14.11 81.05
CA PHE B 1632 14.33 15.57 81.00
C PHE B 1632 14.80 16.19 82.31
N ARG B 1633 14.32 15.65 83.43
CA ARG B 1633 14.76 16.14 84.74
C ARG B 1633 16.25 15.89 84.95
N GLU B 1634 16.71 14.66 84.70
CA GLU B 1634 18.12 14.41 84.92
C GLU B 1634 18.97 15.30 84.03
N LEU B 1635 18.49 15.62 82.83
CA LEU B 1635 19.19 16.58 81.99
C LEU B 1635 19.11 18.00 82.54
N LYS B 1636 18.02 18.33 83.25
CA LYS B 1636 18.01 19.60 83.96
C LYS B 1636 19.22 19.70 84.87
N GLU B 1637 19.44 18.68 85.69
CA GLU B 1637 20.60 18.76 86.58
C GLU B 1637 21.92 18.64 85.80
N LYS B 1638 21.94 17.87 84.72
CA LYS B 1638 23.16 17.79 83.92
C LYS B 1638 23.56 19.15 83.35
N VAL B 1639 22.59 19.91 82.84
CA VAL B 1639 22.92 21.21 82.30
C VAL B 1639 23.24 22.19 83.42
N GLU B 1640 22.52 22.11 84.54
CA GLU B 1640 22.64 23.18 85.51
C GLU B 1640 23.82 23.01 86.45
N LYS B 1641 24.06 21.78 86.94
CA LYS B 1641 25.18 21.55 87.83
C LYS B 1641 26.31 20.80 87.15
N HIS B 1642 26.00 19.81 86.31
CA HIS B 1642 27.04 19.04 85.65
C HIS B 1642 27.70 19.85 84.55
N TYR B 1643 26.91 20.35 83.60
CA TYR B 1643 27.49 21.21 82.57
C TYR B 1643 27.95 22.53 83.15
N GLY B 1644 27.27 23.03 84.17
CA GLY B 1644 27.51 24.38 84.62
C GLY B 1644 26.85 25.41 83.74
N VAL B 1645 25.86 25.02 82.93
CA VAL B 1645 25.16 25.96 82.08
C VAL B 1645 24.40 26.95 82.93
N ILE B 1646 24.55 28.24 82.63
CA ILE B 1646 23.93 29.29 83.42
C ILE B 1646 22.42 29.24 83.25
N THR B 1647 21.71 29.23 84.37
CA THR B 1647 20.26 29.33 84.35
C THR B 1647 19.85 30.79 84.18
N LEU B 1648 18.76 31.00 83.45
CA LEU B 1648 18.31 32.36 83.17
C LEU B 1648 16.82 32.39 82.85
N SER C 1222 -42.13 56.38 68.01
CA SER C 1222 -42.16 55.12 67.27
C SER C 1222 -40.80 54.47 67.27
N LYS C 1223 -40.76 53.20 66.89
CA LYS C 1223 -39.51 52.46 66.80
C LYS C 1223 -38.48 53.22 65.97
N GLU C 1224 -38.89 53.73 64.81
CA GLU C 1224 -38.03 54.60 64.03
C GLU C 1224 -37.70 55.88 64.80
N ASN C 1225 -38.72 56.50 65.39
CA ASN C 1225 -38.48 57.69 66.16
C ASN C 1225 -37.63 57.40 67.39
N ARG C 1226 -37.92 56.30 68.08
CA ARG C 1226 -37.16 55.98 69.28
C ARG C 1226 -35.71 55.67 68.94
N MET C 1227 -35.46 54.96 67.84
CA MET C 1227 -34.08 54.74 67.45
C MET C 1227 -33.41 56.04 67.06
N SER C 1228 -34.16 56.97 66.47
CA SER C 1228 -33.61 58.28 66.15
C SER C 1228 -33.15 58.99 67.41
N CYS C 1229 -34.00 58.98 68.44
CA CYS C 1229 -33.65 59.64 69.69
C CYS C 1229 -32.47 58.95 70.34
N THR C 1230 -32.39 57.62 70.21
CA THR C 1230 -31.21 56.93 70.67
C THR C 1230 -29.98 57.45 69.96
N VAL C 1231 -30.07 57.68 68.65
CA VAL C 1231 -28.92 58.20 67.93
C VAL C 1231 -28.54 59.58 68.48
N ASN C 1232 -29.54 60.40 68.79
CA ASN C 1232 -29.24 61.72 69.34
C ASN C 1232 -28.51 61.60 70.67
N VAL C 1233 -28.97 60.71 71.54
CA VAL C 1233 -28.24 60.55 72.79
C VAL C 1233 -26.90 59.88 72.54
N LEU C 1234 -26.78 59.11 71.44
CA LEU C 1234 -25.48 58.58 71.06
C LEU C 1234 -24.52 59.72 70.75
N ASN C 1235 -25.01 60.75 70.08
CA ASN C 1235 -24.21 61.95 69.91
C ASN C 1235 -23.87 62.56 71.25
N PHE C 1236 -24.85 62.61 72.15
CA PHE C 1236 -24.60 63.10 73.50
C PHE C 1236 -23.41 62.37 74.10
N TYR C 1237 -23.32 61.06 73.88
CA TYR C 1237 -22.12 60.32 74.24
C TYR C 1237 -20.91 60.82 73.47
N LYS C 1238 -21.02 60.88 72.15
CA LYS C 1238 -19.87 61.23 71.31
C LYS C 1238 -19.22 62.53 71.75
N GLU C 1239 -19.93 63.31 72.53
CA GLU C 1239 -19.24 64.33 73.33
C GLU C 1239 -18.79 63.75 74.67
N LYS C 1240 -19.72 63.16 75.42
CA LYS C 1240 -19.39 62.64 76.75
C LYS C 1240 -18.54 61.38 76.70
N LYS C 1241 -18.56 60.65 75.59
CA LYS C 1241 -17.69 59.51 75.29
C LYS C 1241 -17.58 58.52 76.46
N ARG C 1242 -18.72 58.20 77.06
CA ARG C 1242 -18.82 56.99 77.88
C ARG C 1242 -18.86 55.82 76.92
N GLU C 1243 -17.72 55.55 76.27
CA GLU C 1243 -17.71 54.75 75.07
C GLU C 1243 -18.23 53.35 75.31
N ASP C 1244 -18.10 52.86 76.55
CA ASP C 1244 -18.65 51.55 76.89
C ASP C 1244 -20.18 51.54 76.72
N ILE C 1245 -20.89 52.33 77.53
CA ILE C 1245 -22.34 52.39 77.41
C ILE C 1245 -22.75 52.90 76.04
N TYR C 1246 -21.93 53.76 75.44
CA TYR C 1246 -22.17 54.14 74.05
C TYR C 1246 -22.28 52.91 73.16
N ILE C 1247 -21.28 52.05 73.22
CA ILE C 1247 -21.26 50.89 72.35
C ILE C 1247 -22.39 49.95 72.67
N ARG C 1248 -22.74 49.85 73.95
CA ARG C 1248 -23.81 48.93 74.34
C ARG C 1248 -25.16 49.41 73.82
N TYR C 1249 -25.43 50.70 73.92
CA TYR C 1249 -26.68 51.19 73.38
C TYR C 1249 -26.65 51.25 71.86
N LEU C 1250 -25.47 51.40 71.27
CA LEU C 1250 -25.32 51.13 69.85
C LEU C 1250 -25.75 49.70 69.53
N TYR C 1251 -25.38 48.76 70.39
CA TYR C 1251 -25.79 47.38 70.20
C TYR C 1251 -27.30 47.28 70.25
N LYS C 1252 -27.91 47.84 71.29
CA LYS C 1252 -29.36 47.85 71.36
C LYS C 1252 -29.97 48.44 70.09
N LEU C 1253 -29.35 49.49 69.57
CA LEU C 1253 -29.80 50.13 68.34
C LEU C 1253 -29.81 49.14 67.20
N ARG C 1254 -28.69 48.47 66.96
CA ARG C 1254 -28.65 47.54 65.85
C ARG C 1254 -29.52 46.32 66.13
N ASP C 1255 -29.81 46.04 67.39
CA ASP C 1255 -30.69 44.93 67.72
C ASP C 1255 -32.11 45.23 67.29
N LEU C 1256 -32.64 46.36 67.73
CA LEU C 1256 -33.94 46.78 67.23
C LEU C 1256 -33.90 47.02 65.73
N HIS C 1257 -32.74 47.31 65.16
CA HIS C 1257 -32.64 47.50 63.72
C HIS C 1257 -32.82 46.18 62.98
N ARG C 1258 -32.11 45.13 63.40
CA ARG C 1258 -32.32 43.83 62.81
C ARG C 1258 -33.69 43.29 63.15
N ASP C 1259 -34.31 43.79 64.22
CA ASP C 1259 -35.72 43.60 64.42
C ASP C 1259 -36.52 44.27 63.31
N CYS C 1260 -36.06 45.44 62.86
CA CYS C 1260 -36.71 46.18 61.80
C CYS C 1260 -36.23 45.78 60.41
N GLU C 1261 -35.22 44.90 60.33
CA GLU C 1261 -34.78 44.32 59.07
C GLU C 1261 -34.33 45.39 58.07
N ASN C 1262 -33.51 46.32 58.53
CA ASN C 1262 -32.83 47.28 57.67
C ASN C 1262 -31.35 47.25 58.03
N TYR C 1263 -30.49 47.26 57.02
CA TYR C 1263 -29.12 46.85 57.24
C TYR C 1263 -28.12 48.00 57.13
N THR C 1264 -28.57 49.17 56.67
CA THR C 1264 -27.64 50.24 56.35
C THR C 1264 -26.87 50.70 57.57
N GLU C 1265 -27.55 51.36 58.51
CA GLU C 1265 -26.86 51.83 59.70
C GLU C 1265 -26.38 50.66 60.53
N ALA C 1266 -27.04 49.50 60.42
CA ALA C 1266 -26.52 48.28 61.03
C ALA C 1266 -25.05 48.11 60.67
N ALA C 1267 -24.78 47.96 59.38
CA ALA C 1267 -23.41 47.80 58.93
C ALA C 1267 -22.57 49.01 59.30
N TYR C 1268 -23.08 50.22 59.03
CA TYR C 1268 -22.27 51.43 59.22
C TYR C 1268 -21.78 51.52 60.65
N THR C 1269 -22.73 51.58 61.59
CA THR C 1269 -22.41 51.72 62.99
C THR C 1269 -21.61 50.54 63.51
N LEU C 1270 -21.97 49.32 63.10
CA LEU C 1270 -21.20 48.18 63.55
C LEU C 1270 -19.74 48.34 63.16
N LEU C 1271 -19.49 48.79 61.93
CA LEU C 1271 -18.13 49.11 61.51
C LEU C 1271 -17.52 50.17 62.38
N LEU C 1272 -18.20 51.31 62.53
CA LEU C 1272 -17.62 52.41 63.30
C LEU C 1272 -17.25 51.96 64.70
N HIS C 1273 -17.97 50.99 65.23
CA HIS C 1273 -17.52 50.28 66.43
C HIS C 1273 -16.22 49.54 66.14
N ALA C 1274 -16.25 48.64 65.16
CA ALA C 1274 -15.04 47.93 64.78
C ALA C 1274 -14.02 48.84 64.12
N GLU C 1275 -14.47 49.96 63.55
CA GLU C 1275 -13.53 50.94 63.03
C GLU C 1275 -12.71 51.53 64.17
N LEU C 1276 -13.34 51.76 65.32
CA LEU C 1276 -12.59 52.08 66.52
C LEU C 1276 -11.55 51.02 66.83
N LEU C 1277 -11.85 49.75 66.54
CA LEU C 1277 -10.85 48.72 66.71
C LEU C 1277 -9.72 48.92 65.71
N GLN C 1278 -8.65 48.16 65.90
CA GLN C 1278 -7.46 48.25 65.08
C GLN C 1278 -7.00 46.85 64.73
N TRP C 1279 -6.18 46.76 63.70
CA TRP C 1279 -5.70 45.47 63.23
C TRP C 1279 -4.65 44.88 64.11
N SER C 1280 -4.38 45.47 65.27
CA SER C 1280 -3.52 44.82 66.23
C SER C 1280 -4.23 43.61 66.84
N ASP C 1281 -3.42 42.71 67.39
CA ASP C 1281 -3.95 41.50 68.01
C ASP C 1281 -4.35 41.69 69.45
N LYS C 1282 -3.50 42.33 70.24
CA LYS C 1282 -3.64 42.32 71.70
C LYS C 1282 -4.83 43.16 72.15
N PRO C 1283 -5.77 42.58 72.90
CA PRO C 1283 -6.91 43.32 73.44
C PRO C 1283 -6.49 44.03 74.72
N CYS C 1284 -6.79 45.33 74.82
CA CYS C 1284 -6.48 46.09 76.02
C CYS C 1284 -7.72 46.63 76.70
N VAL C 1285 -8.56 47.40 76.00
CA VAL C 1285 -9.57 48.22 76.65
C VAL C 1285 -10.86 47.45 76.92
N PRO C 1286 -11.27 47.34 78.19
CA PRO C 1286 -12.57 46.71 78.49
C PRO C 1286 -13.74 47.44 77.86
N HIS C 1287 -13.59 48.73 77.52
CA HIS C 1287 -14.57 49.40 76.69
C HIS C 1287 -14.96 48.53 75.51
N LEU C 1288 -13.97 48.17 74.71
CA LEU C 1288 -14.22 47.44 73.47
C LEU C 1288 -14.37 45.94 73.70
N LEU C 1289 -13.75 45.42 74.76
CA LEU C 1289 -14.14 44.11 75.27
C LEU C 1289 -15.63 44.09 75.53
N GLN C 1290 -16.37 43.24 74.82
CA GLN C 1290 -17.78 43.13 75.09
C GLN C 1290 -18.02 42.06 76.14
N ARG C 1291 -19.28 41.86 76.50
CA ARG C 1291 -19.67 40.99 77.60
C ARG C 1291 -20.60 39.90 77.11
N ASP C 1292 -20.36 39.38 75.91
CA ASP C 1292 -21.21 38.33 75.36
C ASP C 1292 -20.65 36.93 75.67
N SER C 1293 -19.46 36.64 75.18
CA SER C 1293 -18.75 35.38 75.45
C SER C 1293 -17.36 35.75 75.93
N TYR C 1294 -17.23 35.98 77.23
CA TYR C 1294 -16.04 36.62 77.76
C TYR C 1294 -14.80 35.74 77.58
N TYR C 1295 -13.98 36.10 76.60
CA TYR C 1295 -12.61 35.63 76.51
C TYR C 1295 -11.75 36.85 76.17
N VAL C 1296 -10.48 36.63 75.84
CA VAL C 1296 -9.57 37.75 75.64
C VAL C 1296 -10.06 38.66 74.52
N TYR C 1297 -10.82 38.15 73.56
CA TYR C 1297 -11.31 38.92 72.43
C TYR C 1297 -10.17 39.55 71.63
N THR C 1298 -9.35 38.68 71.05
CA THR C 1298 -8.27 39.16 70.19
C THR C 1298 -8.82 40.06 69.09
N GLN C 1299 -8.29 41.29 69.07
CA GLN C 1299 -8.96 42.41 68.43
C GLN C 1299 -9.30 42.11 66.97
N GLN C 1300 -8.29 41.69 66.21
CA GLN C 1300 -8.48 41.46 64.78
C GLN C 1300 -9.55 40.42 64.52
N GLU C 1301 -9.68 39.42 65.39
CA GLU C 1301 -10.66 38.37 65.17
C GLU C 1301 -12.07 38.88 65.44
N LEU C 1302 -12.23 39.71 66.46
CA LEU C 1302 -13.50 40.40 66.64
C LEU C 1302 -13.86 41.19 65.38
N LYS C 1303 -12.91 42.01 64.93
CA LYS C 1303 -13.09 42.74 63.69
C LYS C 1303 -13.63 41.83 62.60
N GLU C 1304 -12.90 40.76 62.29
CA GLU C 1304 -13.27 39.92 61.16
C GLU C 1304 -14.63 39.30 61.35
N LYS C 1305 -14.95 38.85 62.57
CA LYS C 1305 -16.32 38.42 62.85
C LYS C 1305 -17.30 39.42 62.32
N LEU C 1306 -17.26 40.62 62.91
CA LEU C 1306 -18.19 41.67 62.53
C LEU C 1306 -18.16 41.89 61.03
N TYR C 1307 -17.00 41.74 60.42
CA TYR C 1307 -16.91 41.90 58.98
C TYR C 1307 -17.78 40.89 58.28
N GLN C 1308 -17.74 39.61 58.69
CA GLN C 1308 -18.55 38.63 57.97
C GLN C 1308 -20.03 38.87 58.19
N GLU C 1309 -20.45 39.22 59.40
CA GLU C 1309 -21.88 39.54 59.52
C GLU C 1309 -22.26 40.79 58.73
N ILE C 1310 -21.36 41.77 58.63
CA ILE C 1310 -21.69 42.95 57.84
C ILE C 1310 -21.79 42.59 56.37
N ILE C 1311 -20.93 41.67 55.93
CA ILE C 1311 -21.04 41.14 54.59
C ILE C 1311 -22.38 40.46 54.39
N SER C 1312 -22.84 39.72 55.40
CA SER C 1312 -24.17 39.12 55.31
C SER C 1312 -25.25 40.19 55.23
N TYR C 1313 -25.08 41.29 55.97
CA TYR C 1313 -26.01 42.40 55.89
C TYR C 1313 -26.11 42.90 54.46
N PHE C 1314 -24.98 43.21 53.85
CA PHE C 1314 -24.99 43.64 52.45
C PHE C 1314 -25.55 42.57 51.53
N ASP C 1315 -25.31 41.30 51.85
CA ASP C 1315 -25.88 40.19 51.10
C ASP C 1315 -27.39 40.35 51.02
N LYS C 1316 -28.02 40.51 52.18
CA LYS C 1316 -29.42 40.87 52.24
C LYS C 1316 -29.65 42.36 52.06
N GLY C 1317 -28.58 43.17 52.04
CA GLY C 1317 -28.67 44.59 51.82
C GLY C 1317 -28.67 45.05 50.38
N LYS C 1318 -28.47 44.15 49.42
CA LYS C 1318 -28.67 44.45 48.00
C LYS C 1318 -27.57 45.35 47.45
N MET C 1319 -26.71 45.86 48.32
CA MET C 1319 -25.60 46.72 47.93
C MET C 1319 -24.29 46.01 48.27
N TRP C 1320 -23.34 46.02 47.34
CA TRP C 1320 -22.18 45.14 47.42
C TRP C 1320 -20.84 45.83 47.23
N GLU C 1321 -20.81 47.10 46.80
CA GLU C 1321 -19.54 47.77 46.58
C GLU C 1321 -18.72 47.83 47.86
N LYS C 1322 -19.28 48.42 48.91
CA LYS C 1322 -18.55 48.49 50.17
C LYS C 1322 -18.27 47.11 50.71
N ALA C 1323 -19.14 46.15 50.39
CA ALA C 1323 -18.89 44.77 50.80
C ALA C 1323 -17.58 44.28 50.21
N ILE C 1324 -17.34 44.53 48.93
CA ILE C 1324 -16.07 44.15 48.33
C ILE C 1324 -14.94 44.96 48.93
N LYS C 1325 -15.20 46.23 49.22
CA LYS C 1325 -14.17 47.07 49.83
C LYS C 1325 -13.68 46.45 51.14
N LEU C 1326 -14.60 45.91 51.91
CA LEU C 1326 -14.28 45.25 53.18
C LEU C 1326 -13.67 43.88 52.95
N SER C 1327 -14.16 43.19 51.91
CA SER C 1327 -13.66 41.87 51.58
C SER C 1327 -12.18 41.90 51.30
N LYS C 1328 -11.72 42.90 50.56
CA LYS C 1328 -10.31 42.97 50.22
C LYS C 1328 -9.46 43.13 51.47
N GLU C 1329 -9.92 43.97 52.40
CA GLU C 1329 -9.20 44.11 53.66
C GLU C 1329 -9.18 42.80 54.42
N LEU C 1330 -10.30 42.08 54.41
CA LEU C 1330 -10.33 40.79 55.10
C LEU C 1330 -9.32 39.83 54.50
N ALA C 1331 -9.23 39.79 53.17
CA ALA C 1331 -8.29 38.89 52.52
C ALA C 1331 -6.85 39.26 52.84
N GLU C 1332 -6.53 40.55 52.75
CA GLU C 1332 -5.14 40.92 53.02
C GLU C 1332 -4.80 40.70 54.48
N THR C 1333 -5.79 40.79 55.38
CA THR C 1333 -5.53 40.43 56.77
C THR C 1333 -5.30 38.94 56.93
N TYR C 1334 -6.07 38.12 56.20
CA TYR C 1334 -5.75 36.70 56.10
C TYR C 1334 -4.27 36.49 55.79
N GLU C 1335 -3.83 37.05 54.67
CA GLU C 1335 -2.44 36.85 54.28
C GLU C 1335 -1.47 37.61 55.15
N SER C 1336 -1.96 38.53 55.98
CA SER C 1336 -1.11 39.12 56.99
C SER C 1336 -0.82 38.12 58.09
N LYS C 1337 -1.86 37.63 58.74
CA LYS C 1337 -1.59 36.81 59.92
C LYS C 1337 -2.17 35.41 59.86
N VAL C 1338 -3.45 35.25 59.54
CA VAL C 1338 -4.14 34.02 59.92
C VAL C 1338 -3.98 32.91 58.89
N PHE C 1339 -3.87 33.24 57.61
CA PHE C 1339 -3.41 32.31 56.59
C PHE C 1339 -4.41 31.19 56.33
N ASP C 1340 -5.69 31.40 56.61
CA ASP C 1340 -6.70 30.35 56.57
C ASP C 1340 -7.26 30.24 55.16
N TYR C 1341 -6.53 29.51 54.32
CA TYR C 1341 -6.86 29.49 52.89
C TYR C 1341 -8.27 28.98 52.64
N GLU C 1342 -8.84 28.23 53.58
CA GLU C 1342 -10.26 27.93 53.53
C GLU C 1342 -11.08 29.22 53.57
N GLY C 1343 -10.80 30.06 54.57
CA GLY C 1343 -11.47 31.34 54.64
C GLY C 1343 -11.15 32.22 53.45
N LEU C 1344 -9.90 32.16 53.00
CA LEU C 1344 -9.53 32.87 51.78
C LEU C 1344 -10.47 32.49 50.64
N GLY C 1345 -10.61 31.19 50.42
CA GLY C 1345 -11.44 30.73 49.33
C GLY C 1345 -12.88 31.16 49.48
N ASN C 1346 -13.43 30.97 50.68
CA ASN C 1346 -14.84 31.29 50.89
C ASN C 1346 -15.08 32.77 50.70
N LEU C 1347 -14.23 33.61 51.27
CA LEU C 1347 -14.36 35.05 51.08
C LEU C 1347 -14.28 35.39 49.61
N LEU C 1348 -13.47 34.66 48.85
CA LEU C 1348 -13.36 34.99 47.44
C LEU C 1348 -14.57 34.52 46.63
N LYS C 1349 -15.14 33.36 46.97
CA LYS C 1349 -16.42 33.03 46.35
C LYS C 1349 -17.46 34.10 46.65
N LYS C 1350 -17.43 34.62 47.88
CA LYS C 1350 -18.32 35.73 48.21
C LYS C 1350 -18.07 36.93 47.32
N ARG C 1351 -16.80 37.26 47.09
CA ARG C 1351 -16.50 38.41 46.23
C ARG C 1351 -17.00 38.16 44.82
N ALA C 1352 -16.80 36.94 44.30
CA ALA C 1352 -17.32 36.61 42.98
C ALA C 1352 -18.82 36.81 42.93
N SER C 1353 -19.52 36.26 43.93
CA SER C 1353 -20.95 36.46 44.05
C SER C 1353 -21.30 37.93 43.98
N PHE C 1354 -20.48 38.76 44.63
CA PHE C 1354 -20.74 40.19 44.63
C PHE C 1354 -20.66 40.75 43.23
N TYR C 1355 -19.66 40.32 42.47
CA TYR C 1355 -19.48 40.86 41.13
C TYR C 1355 -20.63 40.46 40.22
N GLU C 1356 -21.05 39.19 40.28
CA GLU C 1356 -22.19 38.83 39.42
C GLU C 1356 -23.48 39.47 39.92
N ASN C 1357 -23.63 39.70 41.22
CA ASN C 1357 -24.76 40.48 41.70
C ASN C 1357 -24.77 41.85 41.08
N ILE C 1358 -23.61 42.52 41.10
CA ILE C 1358 -23.52 43.89 40.61
C ILE C 1358 -23.89 43.94 39.13
N ILE C 1359 -23.31 43.05 38.33
CA ILE C 1359 -23.63 43.10 36.91
C ILE C 1359 -25.09 42.72 36.67
N LYS C 1360 -25.64 41.87 37.52
CA LYS C 1360 -27.00 41.39 37.33
C LYS C 1360 -28.06 42.27 37.97
N ALA C 1361 -27.68 43.41 38.56
CA ALA C 1361 -28.63 44.30 39.20
C ALA C 1361 -29.63 44.86 38.20
#